data_3I16
#
_entry.id   3I16
#
_cell.length_a   78.645
_cell.length_b   108.999
_cell.length_c   207.556
_cell.angle_alpha   90.00
_cell.angle_beta   90.00
_cell.angle_gamma   90.00
#
_symmetry.space_group_name_H-M   'P 21 21 21'
#
loop_
_entity.id
_entity.type
_entity.pdbx_description
1 polymer 'Aluminum resistance protein'
2 non-polymer 'L(+)-TARTARIC ACID'
3 non-polymer 1,2-ETHANEDIOL
4 non-polymer "PYRIDOXAL-5'-PHOSPHATE"
5 water water
#
_entity_poly.entity_id   1
_entity_poly.type   'polypeptide(L)'
_entity_poly.pdbx_seq_one_letter_code
;G(MSE)LESTKQFLKKYNINDRVLKLYETA(MSE)NDIQNQFKILDDIREFNQLKVLNAFQEERISEAHFTNSSGYGYGD
IGRDSLDAVYARVFNTESALVRPHFVNGTHALGAALFGNLRPGNT(MSE)LSVCGEPYDTLHDVIGITENSN(MSE)GSL
KEFGINYKQVDLKEDGKPNLEEIEKVLKEDESITLVHIQRSTGYGWRRALLIEDIKSIVDCVKNIRKDIICFVDNCYGEF
(MSE)DTKEPTDVGADLIAGSLIKNIGGGIAPTGGYLAGTKDCIEKTSYRLTVPGIGGECGSTFGVVRS(MSE)YQGLFL
APHIS(MSE)EALKGAILCSRI(MSE)ELAGFEV(MSE)PKYDEKRSDIIQSIKFNDKDKLIEFCKGIQTGSPIDSFVSC
EPWD(MSE)PGYTDQVI(MSE)AAGAFIQGSSIELSADAPIREPYIAYLQGGLTFDHAKIGILIALSRIVK
;
_entity_poly.pdbx_strand_id   A,B,C,D
#
# COMPACT_ATOMS: atom_id res chain seq x y z
N GLY A 1 -0.17 -35.87 23.34
CA GLY A 1 -0.58 -36.32 21.96
C GLY A 1 -1.91 -35.71 21.53
N LEU A 3 -5.30 -34.27 20.97
CA LEU A 3 -6.42 -34.17 21.90
C LEU A 3 -7.63 -34.86 21.29
N GLU A 4 -8.52 -35.31 22.18
CA GLU A 4 -9.75 -35.96 21.80
C GLU A 4 -10.66 -34.98 21.08
N SER A 5 -10.62 -33.72 21.52
CA SER A 5 -11.37 -32.65 20.86
C SER A 5 -10.93 -32.49 19.40
N THR A 6 -9.62 -32.57 19.16
CA THR A 6 -9.08 -32.48 17.81
C THR A 6 -9.54 -33.66 16.96
N LYS A 7 -9.49 -34.86 17.53
CA LYS A 7 -9.95 -36.06 16.84
C LYS A 7 -11.41 -35.92 16.41
N GLN A 8 -12.26 -35.49 17.34
CA GLN A 8 -13.68 -35.31 17.00
C GLN A 8 -13.85 -34.24 15.93
N PHE A 9 -13.03 -33.19 16.00
CA PHE A 9 -13.08 -32.11 15.03
C PHE A 9 -12.69 -32.69 13.64
N LEU A 10 -11.61 -33.46 13.63
CA LEU A 10 -11.12 -34.05 12.36
C LEU A 10 -12.13 -35.03 11.74
N LYS A 11 -12.95 -35.66 12.57
CA LYS A 11 -13.98 -36.58 12.09
C LYS A 11 -14.92 -35.85 11.14
N LYS A 12 -15.14 -34.56 11.38
CA LYS A 12 -15.98 -33.74 10.49
C LYS A 12 -15.39 -33.56 9.09
N TYR A 13 -14.07 -33.77 8.93
CA TYR A 13 -13.44 -33.75 7.61
C TYR A 13 -13.30 -35.19 7.05
N ASN A 14 -14.08 -36.12 7.59
CA ASN A 14 -14.06 -37.54 7.22
C ASN A 14 -12.74 -38.26 7.51
N ILE A 15 -11.97 -37.76 8.50
CA ILE A 15 -10.73 -38.39 8.86
C ILE A 15 -11.11 -39.59 9.72
N ASN A 16 -10.63 -40.77 9.32
CA ASN A 16 -10.97 -42.04 9.97
C ASN A 16 -9.85 -42.57 10.88
N ASP A 17 -10.18 -43.60 11.67
CA ASP A 17 -9.23 -44.18 12.63
C ASP A 17 -8.02 -44.86 12.01
N ARG A 18 -8.20 -45.41 10.80
CA ARG A 18 -7.10 -46.06 10.11
C ARG A 18 -6.02 -45.04 9.78
N VAL A 19 -6.45 -43.90 9.25
CA VAL A 19 -5.56 -42.80 8.91
C VAL A 19 -4.91 -42.25 10.18
N LEU A 20 -5.66 -42.16 11.27
CA LEU A 20 -5.09 -41.69 12.53
C LEU A 20 -4.01 -42.64 13.10
N LYS A 21 -4.19 -43.96 12.93
CA LYS A 21 -3.19 -44.93 13.41
C LYS A 21 -1.90 -44.77 12.58
N LEU A 22 -2.04 -44.58 11.26
CA LEU A 22 -0.87 -44.40 10.38
C LEU A 22 -0.12 -43.12 10.76
N TYR A 23 -0.88 -42.07 11.06
CA TYR A 23 -0.33 -40.80 11.48
C TYR A 23 0.49 -40.95 12.76
N GLU A 24 -0.09 -41.62 13.75
CA GLU A 24 0.58 -41.83 15.03
C GLU A 24 1.94 -42.54 14.84
N THR A 25 1.94 -43.59 14.04
CA THR A 25 3.14 -44.37 13.76
C THR A 25 4.16 -43.49 13.05
N ALA A 26 3.71 -42.75 12.04
CA ALA A 26 4.59 -41.87 11.26
C ALA A 26 5.25 -40.82 12.17
N ASN A 28 5.88 -40.98 15.34
CA ASN A 28 6.91 -41.63 16.15
CA ASN A 28 6.89 -41.66 16.15
C ASN A 28 8.17 -41.87 15.35
N ASP A 29 8.02 -42.36 14.12
CA ASP A 29 9.14 -42.67 13.23
C ASP A 29 9.97 -41.47 12.79
N ILE A 30 9.35 -40.30 12.65
CA ILE A 30 10.07 -39.16 12.10
C ILE A 30 10.64 -38.16 13.11
N GLN A 31 10.59 -38.45 14.40
CA GLN A 31 11.03 -37.46 15.40
C GLN A 31 12.53 -37.13 15.39
N ASN A 32 13.38 -38.10 15.15
CA ASN A 32 14.82 -37.85 15.09
C ASN A 32 15.21 -36.93 13.92
N GLN A 33 14.48 -37.06 12.82
CA GLN A 33 14.74 -36.24 11.65
CA GLN A 33 14.73 -36.24 11.64
C GLN A 33 14.33 -34.81 11.94
N PHE A 34 13.24 -34.63 12.70
CA PHE A 34 12.78 -33.29 13.07
C PHE A 34 13.83 -32.57 13.94
N LYS A 35 14.46 -33.33 14.83
CA LYS A 35 15.50 -32.79 15.70
C LYS A 35 16.68 -32.32 14.84
N ILE A 36 16.99 -33.06 13.78
CA ILE A 36 18.07 -32.69 12.86
C ILE A 36 17.77 -31.37 12.19
N LEU A 37 16.53 -31.22 11.71
CA LEU A 37 16.11 -29.97 11.09
C LEU A 37 16.19 -28.80 12.07
N ASP A 38 15.81 -29.02 13.31
CA ASP A 38 15.82 -27.97 14.31
C ASP A 38 17.22 -27.42 14.57
N ASP A 39 18.25 -28.25 14.45
CA ASP A 39 19.62 -27.83 14.68
C ASP A 39 20.07 -26.93 13.54
N ILE A 40 19.62 -27.23 12.32
CA ILE A 40 19.93 -26.43 11.13
C ILE A 40 19.16 -25.10 11.20
N ARG A 41 17.90 -25.19 11.58
CA ARG A 41 17.03 -24.03 11.68
C ARG A 41 17.58 -23.01 12.67
N GLU A 42 18.08 -23.48 13.80
CA GLU A 42 18.64 -22.62 14.81
C GLU A 42 19.83 -21.82 14.23
N PHE A 43 20.73 -22.50 13.54
CA PHE A 43 21.86 -21.82 12.93
C PHE A 43 21.38 -20.78 11.91
N ASN A 44 20.53 -21.20 10.98
CA ASN A 44 20.03 -20.28 9.97
C ASN A 44 19.29 -19.07 10.56
N GLN A 45 18.54 -19.26 11.65
CA GLN A 45 17.87 -18.12 12.28
C GLN A 45 18.92 -17.08 12.73
N LEU A 46 20.01 -17.57 13.32
CA LEU A 46 21.09 -16.73 13.79
C LEU A 46 21.78 -16.01 12.62
N LYS A 47 22.07 -16.75 11.56
CA LYS A 47 22.69 -16.21 10.35
C LYS A 47 21.88 -15.04 9.78
N VAL A 48 20.56 -15.23 9.68
CA VAL A 48 19.71 -14.17 9.15
C VAL A 48 19.65 -12.98 10.11
N LEU A 49 19.57 -13.24 11.41
CA LEU A 49 19.51 -12.18 12.41
C LEU A 49 20.78 -11.33 12.35
N ASN A 50 21.92 -12.00 12.30
CA ASN A 50 23.21 -11.35 12.18
C ASN A 50 23.31 -10.49 10.91
N ALA A 51 22.78 -10.97 9.77
CA ALA A 51 22.80 -10.18 8.54
C ALA A 51 22.03 -8.84 8.72
N PHE A 52 20.88 -8.90 9.41
CA PHE A 52 20.08 -7.70 9.71
C PHE A 52 20.84 -6.73 10.59
N GLN A 53 21.49 -7.29 11.60
CA GLN A 53 22.17 -6.47 12.58
C GLN A 53 23.42 -5.84 12.03
N GLU A 54 24.20 -6.60 11.28
CA GLU A 54 25.39 -6.03 10.64
C GLU A 54 25.02 -4.89 9.69
N GLU A 55 23.84 -4.98 9.06
CA GLU A 55 23.40 -3.90 8.18
C GLU A 55 22.64 -2.78 8.90
N ARG A 56 22.52 -2.89 10.23
CA ARG A 56 21.85 -1.89 11.05
C ARG A 56 20.47 -1.54 10.49
N ILE A 57 19.71 -2.57 10.18
CA ILE A 57 18.37 -2.38 9.65
C ILE A 57 17.56 -1.72 10.76
N SER A 58 16.75 -0.74 10.37
CA SER A 58 15.93 0.04 11.28
C SER A 58 14.56 0.29 10.65
N GLU A 59 13.66 0.87 11.43
CA GLU A 59 12.32 1.23 10.95
C GLU A 59 12.41 2.13 9.72
N ALA A 60 13.43 2.97 9.69
CA ALA A 60 13.66 3.88 8.57
C ALA A 60 13.81 3.16 7.25
N HIS A 61 14.30 1.92 7.26
CA HIS A 61 14.41 1.14 6.03
C HIS A 61 13.04 0.70 5.45
N PHE A 62 11.94 0.80 6.20
CA PHE A 62 10.61 0.42 5.69
C PHE A 62 9.99 1.59 4.97
N THR A 63 10.82 2.07 4.07
CA THR A 63 10.68 3.26 3.27
C THR A 63 9.50 3.39 2.37
N ASN A 64 9.00 4.62 2.30
CA ASN A 64 8.04 4.98 1.28
C ASN A 64 9.01 5.22 0.12
N SER A 65 8.81 4.53 -0.99
CA SER A 65 9.71 4.58 -2.14
C SER A 65 8.89 4.79 -3.41
N SER A 66 9.15 5.86 -4.15
CA SER A 66 8.41 6.17 -5.38
C SER A 66 9.34 6.56 -6.51
N GLY A 67 8.74 6.72 -7.69
CA GLY A 67 9.44 7.11 -8.89
C GLY A 67 10.67 6.26 -9.19
N TYR A 68 11.78 6.93 -9.48
CA TYR A 68 13.03 6.27 -9.83
C TYR A 68 13.58 5.40 -8.73
N GLY A 69 13.33 5.78 -7.48
CA GLY A 69 13.89 5.06 -6.35
C GLY A 69 15.41 5.26 -6.25
N TYR A 70 15.90 6.41 -6.74
CA TYR A 70 17.33 6.73 -6.66
C TYR A 70 17.68 6.84 -5.16
N GLY A 71 18.70 6.10 -4.73
CA GLY A 71 19.15 6.13 -3.32
C GLY A 71 18.21 5.53 -2.28
N ASP A 72 17.42 4.54 -2.70
CA ASP A 72 16.44 3.90 -1.84
C ASP A 72 17.18 2.97 -0.84
N ILE A 73 17.26 3.39 0.42
CA ILE A 73 17.98 2.59 1.42
C ILE A 73 17.27 1.28 1.74
N GLY A 74 15.94 1.27 1.65
CA GLY A 74 15.17 0.06 1.87
C GLY A 74 15.64 -1.05 0.96
N ARG A 75 15.73 -0.72 -0.32
CA ARG A 75 16.12 -1.63 -1.36
C ARG A 75 17.60 -1.97 -1.26
N ASP A 76 18.43 -0.93 -1.13
CA ASP A 76 19.88 -1.13 -1.09
C ASP A 76 20.31 -2.00 0.08
N SER A 77 19.78 -1.72 1.26
CA SER A 77 20.12 -2.50 2.47
C SER A 77 19.60 -3.94 2.41
N LEU A 78 18.46 -4.16 1.77
CA LEU A 78 17.94 -5.53 1.62
C LEU A 78 18.89 -6.34 0.74
N ASP A 79 19.43 -5.72 -0.32
CA ASP A 79 20.42 -6.41 -1.16
C ASP A 79 21.63 -6.79 -0.30
N ALA A 80 22.10 -5.84 0.52
CA ALA A 80 23.27 -6.09 1.40
C ALA A 80 23.00 -7.19 2.43
N VAL A 81 21.76 -7.26 2.94
CA VAL A 81 21.39 -8.30 3.93
C VAL A 81 21.46 -9.69 3.27
N TYR A 82 20.85 -9.84 2.10
CA TYR A 82 20.91 -11.08 1.32
C TYR A 82 22.35 -11.46 0.97
N ALA A 83 23.18 -10.48 0.58
CA ALA A 83 24.61 -10.77 0.29
C ALA A 83 25.27 -11.37 1.53
N ARG A 84 24.97 -10.80 2.70
CA ARG A 84 25.52 -11.34 3.98
C ARG A 84 25.03 -12.76 4.29
N VAL A 85 23.73 -13.00 4.17
CA VAL A 85 23.15 -14.33 4.42
C VAL A 85 23.79 -15.38 3.51
N PHE A 86 23.92 -15.08 2.21
CA PHE A 86 24.49 -16.01 1.26
C PHE A 86 26.00 -15.94 1.16
N ASN A 87 26.63 -15.01 1.88
CA ASN A 87 28.09 -14.85 1.85
C ASN A 87 28.64 -14.58 0.43
N THR A 88 27.99 -13.64 -0.26
CA THR A 88 28.38 -13.24 -1.61
C THR A 88 28.82 -11.78 -1.62
N GLU A 89 29.50 -11.35 -2.67
CA GLU A 89 29.90 -9.95 -2.79
C GLU A 89 28.68 -9.06 -2.90
N SER A 90 27.69 -9.51 -3.67
CA SER A 90 26.50 -8.72 -3.99
C SER A 90 25.21 -9.53 -4.09
N ALA A 91 24.12 -8.80 -4.21
CA ALA A 91 22.79 -9.40 -4.35
C ALA A 91 21.85 -8.45 -5.12
N LEU A 92 20.78 -9.00 -5.65
CA LEU A 92 19.81 -8.23 -6.40
C LEU A 92 18.45 -8.80 -6.05
N VAL A 93 17.74 -8.11 -5.15
CA VAL A 93 16.45 -8.56 -4.64
C VAL A 93 15.45 -7.52 -5.10
N ARG A 94 14.48 -7.93 -5.88
CA ARG A 94 13.56 -6.96 -6.48
C ARG A 94 12.19 -7.53 -6.62
N PRO A 95 11.16 -6.70 -6.34
CA PRO A 95 9.80 -7.15 -6.57
C PRO A 95 9.47 -7.18 -8.08
N HIS A 96 10.35 -6.59 -8.89
CA HIS A 96 10.15 -6.47 -10.35
C HIS A 96 10.25 -7.81 -11.10
N PHE A 97 10.93 -8.79 -10.51
CA PHE A 97 10.98 -10.14 -11.08
C PHE A 97 9.59 -10.71 -10.90
N VAL A 98 8.93 -11.07 -12.02
CA VAL A 98 7.55 -11.58 -11.98
C VAL A 98 7.42 -13.01 -11.44
N ASN A 99 8.52 -13.75 -11.49
CA ASN A 99 8.57 -15.12 -10.99
C ASN A 99 10.02 -15.63 -10.96
N GLY A 100 10.21 -16.88 -10.52
CA GLY A 100 11.55 -17.47 -10.48
C GLY A 100 12.21 -17.59 -11.85
N THR A 101 11.42 -17.95 -12.84
CA THR A 101 11.91 -18.08 -14.22
C THR A 101 12.49 -16.77 -14.76
N HIS A 102 11.91 -15.66 -14.36
CA HIS A 102 12.38 -14.36 -14.79
C HIS A 102 13.76 -14.11 -14.20
N ALA A 103 13.92 -14.40 -12.91
CA ALA A 103 15.19 -14.23 -12.25
C ALA A 103 16.29 -15.08 -12.90
N LEU A 104 15.99 -16.34 -13.20
CA LEU A 104 16.96 -17.25 -13.84
C LEU A 104 17.30 -16.79 -15.26
N GLY A 105 16.27 -16.44 -16.01
CA GLY A 105 16.46 -15.93 -17.35
C GLY A 105 17.28 -14.67 -17.36
N ALA A 106 17.06 -13.79 -16.39
CA ALA A 106 17.82 -12.56 -16.28
C ALA A 106 19.31 -12.87 -16.05
N ALA A 107 19.58 -13.90 -15.26
CA ALA A 107 20.94 -14.30 -14.96
C ALA A 107 21.63 -14.81 -16.23
N LEU A 108 20.90 -15.61 -17.00
CA LEU A 108 21.44 -16.24 -18.19
C LEU A 108 21.68 -15.24 -19.32
N PHE A 109 20.66 -14.45 -19.68
CA PHE A 109 20.85 -13.40 -20.70
C PHE A 109 21.85 -12.37 -20.22
N GLY A 110 21.89 -12.12 -18.91
CA GLY A 110 22.81 -11.14 -18.36
C GLY A 110 24.26 -11.55 -18.45
N ASN A 111 24.52 -12.83 -18.27
CA ASN A 111 25.87 -13.35 -18.23
C ASN A 111 26.34 -14.08 -19.51
N LEU A 112 25.49 -14.21 -20.52
CA LEU A 112 25.88 -14.87 -21.78
C LEU A 112 25.87 -13.87 -22.92
N ARG A 113 26.71 -14.15 -23.92
CA ARG A 113 26.88 -13.30 -25.10
C ARG A 113 26.99 -14.18 -26.34
N PRO A 114 26.70 -13.61 -27.52
CA PRO A 114 26.81 -14.39 -28.75
C PRO A 114 28.10 -15.18 -28.85
N GLY A 115 27.99 -16.46 -29.16
CA GLY A 115 29.16 -17.34 -29.30
C GLY A 115 29.40 -18.18 -28.08
N ASN A 116 28.95 -17.73 -26.91
CA ASN A 116 29.10 -18.52 -25.71
C ASN A 116 28.15 -19.69 -25.75
N THR A 117 28.48 -20.73 -24.98
CA THR A 117 27.64 -21.87 -24.82
C THR A 117 27.40 -22.06 -23.35
N LEU A 119 26.14 -24.80 -20.39
CA LEU A 119 26.05 -26.25 -20.17
C LEU A 119 25.17 -26.56 -18.94
N SER A 120 24.02 -27.20 -19.14
CA SER A 120 23.18 -27.67 -18.00
C SER A 120 23.67 -29.06 -17.61
N VAL A 121 24.06 -29.23 -16.35
CA VAL A 121 24.64 -30.48 -15.88
C VAL A 121 23.71 -31.42 -15.07
N CYS A 122 22.45 -31.05 -14.87
CA CYS A 122 21.49 -31.92 -14.18
C CYS A 122 20.40 -32.34 -15.13
N GLY A 123 20.76 -32.65 -16.36
CA GLY A 123 19.76 -33.01 -17.37
C GLY A 123 19.01 -31.78 -17.82
N GLU A 124 17.88 -31.97 -18.52
CA GLU A 124 17.17 -30.81 -19.04
C GLU A 124 16.56 -30.00 -17.90
N PRO A 125 16.67 -28.67 -17.99
CA PRO A 125 16.08 -27.82 -16.96
C PRO A 125 14.56 -27.95 -16.90
N TYR A 126 13.96 -27.51 -15.81
CA TYR A 126 12.49 -27.52 -15.69
C TYR A 126 11.89 -26.83 -16.92
N ASP A 127 10.72 -27.32 -17.32
CA ASP A 127 10.05 -26.93 -18.58
C ASP A 127 10.00 -25.46 -18.95
N THR A 128 9.67 -24.58 -18.02
CA THR A 128 9.47 -23.17 -18.37
C THR A 128 10.75 -22.45 -18.86
N LEU A 129 11.91 -22.98 -18.51
CA LEU A 129 13.19 -22.45 -18.93
C LEU A 129 13.54 -22.84 -20.39
N HIS A 130 12.80 -23.78 -20.96
CA HIS A 130 13.08 -24.25 -22.31
C HIS A 130 12.83 -23.17 -23.37
N ASP A 131 11.78 -22.39 -23.22
CA ASP A 131 11.52 -21.27 -24.14
C ASP A 131 12.55 -20.13 -23.99
N VAL A 132 13.10 -19.99 -22.81
CA VAL A 132 14.09 -18.97 -22.52
C VAL A 132 15.42 -19.28 -23.21
N ILE A 133 15.81 -20.55 -23.09
CA ILE A 133 17.04 -21.05 -23.67
C ILE A 133 16.89 -21.23 -25.19
N GLY A 134 15.70 -21.64 -25.62
CA GLY A 134 15.40 -21.90 -27.01
C GLY A 134 15.77 -23.33 -27.33
N ILE A 135 15.63 -24.22 -26.33
CA ILE A 135 16.03 -25.61 -26.42
C ILE A 135 15.44 -26.33 -27.61
N THR A 136 14.12 -26.55 -27.60
CA THR A 136 13.47 -27.32 -28.67
C THR A 136 12.91 -26.45 -29.80
N GLU A 137 11.97 -25.57 -29.48
CA GLU A 137 11.33 -24.75 -30.51
C GLU A 137 11.72 -23.29 -30.33
N ASN A 138 11.53 -22.52 -31.39
CA ASN A 138 11.86 -21.10 -31.41
C ASN A 138 10.89 -20.38 -32.36
N SER A 139 10.17 -19.39 -31.82
CA SER A 139 9.17 -18.63 -32.56
C SER A 139 9.42 -17.11 -32.50
N ASN A 140 10.70 -16.74 -32.56
CA ASN A 140 11.15 -15.34 -32.53
C ASN A 140 10.76 -14.57 -31.26
N GLY A 142 12.78 -14.32 -28.91
CA GLY A 142 14.05 -13.77 -28.46
C GLY A 142 14.71 -14.62 -27.41
N SER A 143 14.87 -15.91 -27.71
CA SER A 143 15.51 -16.85 -26.79
C SER A 143 17.01 -16.68 -26.86
N LEU A 144 17.72 -17.31 -25.93
CA LEU A 144 19.17 -17.27 -25.93
C LEU A 144 19.72 -17.72 -27.28
N LYS A 145 19.11 -18.76 -27.84
CA LYS A 145 19.54 -19.32 -29.12
C LYS A 145 19.34 -18.31 -30.23
N GLU A 146 18.23 -17.57 -30.17
CA GLU A 146 17.96 -16.53 -31.17
C GLU A 146 18.96 -15.36 -31.03
N PHE A 147 19.67 -15.27 -29.92
CA PHE A 147 20.74 -14.26 -29.76
C PHE A 147 22.15 -14.86 -29.88
N GLY A 148 22.24 -16.02 -30.54
CA GLY A 148 23.52 -16.67 -30.79
C GLY A 148 24.20 -17.33 -29.63
N ILE A 149 23.45 -17.60 -28.57
CA ILE A 149 23.95 -18.26 -27.37
C ILE A 149 23.55 -19.74 -27.45
N ASN A 150 24.55 -20.61 -27.36
CA ASN A 150 24.36 -22.06 -27.54
C ASN A 150 24.07 -22.79 -26.26
N TYR A 151 23.46 -23.97 -26.39
CA TYR A 151 23.07 -24.80 -25.25
C TYR A 151 23.55 -26.25 -25.39
N LYS A 152 24.13 -26.78 -24.32
CA LYS A 152 24.56 -28.18 -24.23
C LYS A 152 24.01 -28.72 -22.91
N GLN A 153 23.96 -30.05 -22.81
CA GLN A 153 23.38 -30.73 -21.67
C GLN A 153 24.10 -32.02 -21.34
N VAL A 154 24.36 -32.23 -20.06
CA VAL A 154 24.90 -33.49 -19.54
C VAL A 154 23.85 -33.97 -18.52
N ASP A 155 23.45 -35.23 -18.62
CA ASP A 155 22.42 -35.76 -17.72
C ASP A 155 23.05 -36.31 -16.45
N LEU A 156 22.25 -36.42 -15.39
CA LEU A 156 22.72 -37.00 -14.14
C LEU A 156 22.93 -38.50 -14.39
N LYS A 157 23.81 -39.11 -13.60
CA LYS A 157 24.02 -40.57 -13.70
C LYS A 157 22.73 -41.27 -13.30
N GLU A 158 22.60 -42.56 -13.62
CA GLU A 158 21.37 -43.32 -13.29
C GLU A 158 21.10 -43.34 -11.78
N ASP A 159 22.13 -43.18 -10.96
CA ASP A 159 21.96 -43.10 -9.50
C ASP A 159 21.57 -41.72 -8.99
N GLY A 160 21.31 -40.78 -9.90
CA GLY A 160 20.92 -39.43 -9.53
C GLY A 160 22.03 -38.44 -9.23
N LYS A 161 23.27 -38.91 -9.09
CA LYS A 161 24.38 -38.01 -8.80
CA LYS A 161 24.43 -38.05 -8.80
C LYS A 161 24.98 -37.42 -10.08
N PRO A 162 25.75 -36.30 -9.96
CA PRO A 162 26.32 -35.67 -11.17
C PRO A 162 27.31 -36.54 -11.93
N ASN A 163 27.30 -36.46 -13.26
CA ASN A 163 28.24 -37.25 -14.06
C ASN A 163 29.49 -36.40 -14.26
N LEU A 164 30.34 -36.35 -13.24
CA LEU A 164 31.53 -35.49 -13.25
C LEU A 164 32.46 -35.80 -14.42
N GLU A 165 32.61 -37.08 -14.74
CA GLU A 165 33.47 -37.50 -15.84
C GLU A 165 32.97 -36.93 -17.18
N GLU A 166 31.66 -36.94 -17.40
CA GLU A 166 31.11 -36.48 -18.67
C GLU A 166 31.14 -34.93 -18.75
N ILE A 167 30.92 -34.28 -17.62
CA ILE A 167 30.99 -32.83 -17.54
C ILE A 167 32.40 -32.38 -17.95
N GLU A 168 33.43 -33.05 -17.42
CA GLU A 168 34.83 -32.72 -17.76
C GLU A 168 35.09 -32.88 -19.25
N LYS A 169 34.64 -34.01 -19.79
CA LYS A 169 34.79 -34.31 -21.21
C LYS A 169 34.16 -33.23 -22.06
N VAL A 170 32.91 -32.91 -21.78
CA VAL A 170 32.18 -31.92 -22.58
C VAL A 170 32.83 -30.53 -22.52
N LEU A 171 33.34 -30.17 -21.34
CA LEU A 171 34.02 -28.89 -21.12
C LEU A 171 35.36 -28.84 -21.85
N LYS A 172 36.17 -29.89 -21.72
CA LYS A 172 37.46 -29.93 -22.40
C LYS A 172 37.29 -29.86 -23.92
N GLU A 173 36.24 -30.50 -24.43
CA GLU A 173 35.95 -30.54 -25.87
C GLU A 173 35.18 -29.35 -26.44
N ASP A 174 34.80 -28.38 -25.60
CA ASP A 174 34.08 -27.18 -26.07
C ASP A 174 34.47 -25.98 -25.21
N GLU A 175 35.52 -25.30 -25.64
CA GLU A 175 36.03 -24.14 -24.94
C GLU A 175 35.13 -22.89 -25.04
N SER A 176 34.05 -22.96 -25.81
CA SER A 176 33.10 -21.86 -25.90
C SER A 176 32.13 -21.87 -24.71
N ILE A 177 32.15 -22.95 -23.91
CA ILE A 177 31.33 -23.05 -22.71
C ILE A 177 31.90 -22.11 -21.65
N THR A 178 31.11 -21.11 -21.29
CA THR A 178 31.48 -20.09 -20.30
C THR A 178 30.61 -20.10 -19.03
N LEU A 179 29.52 -20.86 -19.03
CA LEU A 179 28.60 -20.92 -17.90
C LEU A 179 28.06 -22.33 -17.72
N VAL A 180 28.01 -22.76 -16.46
CA VAL A 180 27.47 -24.08 -16.12
C VAL A 180 26.25 -23.82 -15.23
N HIS A 181 25.11 -24.35 -15.68
CA HIS A 181 23.83 -24.22 -15.00
C HIS A 181 23.55 -25.49 -14.19
N ILE A 182 23.33 -25.32 -12.90
CA ILE A 182 23.08 -26.39 -11.96
C ILE A 182 21.68 -26.17 -11.37
N GLN A 183 20.77 -27.14 -11.50
CA GLN A 183 19.42 -27.00 -10.92
C GLN A 183 19.43 -27.77 -9.61
N ARG A 184 19.11 -27.09 -8.50
CA ARG A 184 19.19 -27.73 -7.18
C ARG A 184 17.99 -28.61 -6.90
N SER A 185 16.81 -28.14 -7.27
CA SER A 185 15.59 -28.91 -7.03
C SER A 185 15.37 -29.97 -8.09
N THR A 186 14.56 -30.94 -7.73
CA THR A 186 14.27 -32.10 -8.57
C THR A 186 13.36 -31.80 -9.77
N GLY A 187 12.30 -31.02 -9.57
CA GLY A 187 11.35 -30.73 -10.64
C GLY A 187 10.38 -31.89 -10.82
N TYR A 188 9.61 -31.89 -11.91
CA TYR A 188 8.66 -32.99 -12.20
C TYR A 188 9.43 -34.22 -12.64
N GLY A 189 10.10 -34.87 -11.68
CA GLY A 189 10.92 -36.06 -11.93
C GLY A 189 10.80 -37.07 -10.80
N TRP A 190 11.80 -37.93 -10.65
CA TRP A 190 11.76 -38.95 -9.59
C TRP A 190 13.20 -39.31 -9.18
N ARG A 191 13.85 -38.32 -8.55
CA ARG A 191 15.22 -38.42 -8.07
C ARG A 191 15.40 -37.52 -6.83
N ARG A 192 16.52 -37.66 -6.14
CA ARG A 192 16.81 -36.79 -5.00
C ARG A 192 17.27 -35.43 -5.55
N ALA A 193 17.06 -34.36 -4.79
CA ALA A 193 17.54 -33.02 -5.16
C ALA A 193 19.06 -33.06 -4.94
N LEU A 194 19.80 -32.11 -5.50
CA LEU A 194 21.25 -32.10 -5.29
C LEU A 194 21.60 -31.55 -3.91
N LEU A 195 22.39 -32.29 -3.14
CA LEU A 195 22.87 -31.82 -1.84
C LEU A 195 23.98 -30.79 -2.03
N ILE A 196 24.24 -29.98 -1.00
CA ILE A 196 25.30 -28.97 -1.06
C ILE A 196 26.67 -29.60 -1.43
N GLU A 197 26.96 -30.77 -0.88
CA GLU A 197 28.19 -31.50 -1.18
C GLU A 197 28.26 -31.84 -2.67
N ASP A 198 27.13 -32.20 -3.26
CA ASP A 198 27.09 -32.53 -4.70
C ASP A 198 27.33 -31.27 -5.53
N ILE A 199 26.73 -30.16 -5.11
CA ILE A 199 26.94 -28.90 -5.78
C ILE A 199 28.42 -28.53 -5.74
N LYS A 200 29.04 -28.65 -4.58
CA LYS A 200 30.45 -28.36 -4.42
C LYS A 200 31.33 -29.22 -5.33
N SER A 201 31.00 -30.49 -5.47
CA SER A 201 31.80 -31.36 -6.32
C SER A 201 31.69 -30.92 -7.79
N ILE A 202 30.51 -30.47 -8.22
CA ILE A 202 30.32 -29.97 -9.59
C ILE A 202 31.18 -28.71 -9.82
N VAL A 203 31.11 -27.78 -8.86
CA VAL A 203 31.85 -26.54 -8.94
C VAL A 203 33.36 -26.83 -8.99
N ASP A 204 33.86 -27.65 -8.07
CA ASP A 204 35.28 -27.95 -8.04
C ASP A 204 35.75 -28.58 -9.34
N CYS A 205 34.91 -29.45 -9.86
CA CYS A 205 35.16 -30.14 -11.10
C CYS A 205 35.28 -29.18 -12.28
N VAL A 206 34.27 -28.33 -12.43
CA VAL A 206 34.21 -27.31 -13.49
C VAL A 206 35.37 -26.32 -13.42
N LYS A 207 35.63 -25.80 -12.23
CA LYS A 207 36.71 -24.82 -12.03
C LYS A 207 38.09 -25.44 -12.24
N ASN A 208 38.19 -26.75 -12.08
CA ASN A 208 39.47 -27.44 -12.33
C ASN A 208 39.78 -27.48 -13.83
N ILE A 209 38.73 -27.45 -14.67
CA ILE A 209 38.92 -27.44 -16.13
C ILE A 209 39.22 -26.01 -16.58
N ARG A 210 38.34 -25.06 -16.25
CA ARG A 210 38.59 -23.64 -16.52
C ARG A 210 38.03 -22.82 -15.36
N LYS A 211 38.91 -22.18 -14.58
CA LYS A 211 38.48 -21.41 -13.40
C LYS A 211 37.57 -20.22 -13.71
N ASP A 212 37.52 -19.80 -14.96
CA ASP A 212 36.70 -18.67 -15.38
C ASP A 212 35.24 -19.02 -15.67
N ILE A 213 34.90 -20.32 -15.71
CA ILE A 213 33.54 -20.71 -16.03
C ILE A 213 32.64 -20.31 -14.87
N ILE A 214 31.60 -19.55 -15.19
CA ILE A 214 30.62 -19.12 -14.21
C ILE A 214 29.75 -20.30 -13.83
N CYS A 215 29.71 -20.62 -12.54
CA CYS A 215 28.86 -21.69 -12.03
C CYS A 215 27.58 -21.09 -11.42
N PHE A 216 26.47 -21.28 -12.14
CA PHE A 216 25.16 -20.71 -11.78
C PHE A 216 24.21 -21.78 -11.25
N VAL A 217 23.64 -21.53 -10.08
CA VAL A 217 22.72 -22.47 -9.47
C VAL A 217 21.31 -21.93 -9.31
N ASP A 218 20.34 -22.65 -9.85
CA ASP A 218 18.93 -22.36 -9.66
C ASP A 218 18.67 -22.89 -8.25
N ASN A 219 18.49 -21.97 -7.29
CA ASN A 219 18.35 -22.34 -5.87
C ASN A 219 16.91 -22.47 -5.39
N CYS A 220 15.94 -22.37 -6.30
CA CYS A 220 14.53 -22.45 -5.89
C CYS A 220 14.22 -23.69 -5.07
N TYR A 221 13.45 -23.50 -3.99
CA TYR A 221 13.05 -24.55 -3.06
C TYR A 221 14.16 -25.03 -2.12
N GLY A 222 15.40 -24.59 -2.33
CA GLY A 222 16.49 -25.07 -1.49
C GLY A 222 16.90 -24.19 -0.32
N GLU A 223 16.33 -22.99 -0.23
CA GLU A 223 16.76 -22.04 0.75
C GLU A 223 16.51 -22.52 2.17
N PHE A 224 17.57 -22.48 2.97
CA PHE A 224 17.54 -22.86 4.39
C PHE A 224 17.31 -24.33 4.68
N ASP A 226 19.83 -26.37 4.43
CA ASP A 226 21.11 -26.71 5.05
C ASP A 226 21.62 -25.40 5.69
N THR A 227 22.70 -25.51 6.45
CA THR A 227 23.28 -24.32 7.04
C THR A 227 24.13 -23.61 5.98
N LYS A 228 24.48 -24.33 4.92
CA LYS A 228 25.18 -23.74 3.79
C LYS A 228 24.26 -23.61 2.59
N GLU A 229 24.56 -22.62 1.75
CA GLU A 229 23.88 -22.40 0.48
C GLU A 229 24.90 -22.66 -0.64
N PRO A 230 24.45 -22.70 -1.91
CA PRO A 230 25.43 -23.01 -2.96
C PRO A 230 26.59 -22.01 -3.09
N THR A 231 26.33 -20.75 -2.73
CA THR A 231 27.34 -19.70 -2.72
C THR A 231 28.43 -19.94 -1.67
N ASP A 232 28.16 -20.80 -0.69
CA ASP A 232 29.17 -21.18 0.32
C ASP A 232 30.11 -22.29 -0.15
N VAL A 233 29.80 -22.90 -1.30
CA VAL A 233 30.69 -23.96 -1.84
C VAL A 233 31.12 -23.62 -3.29
N GLY A 234 31.31 -22.32 -3.57
CA GLY A 234 31.82 -21.87 -4.86
C GLY A 234 30.89 -21.37 -5.94
N ALA A 235 29.58 -21.34 -5.74
CA ALA A 235 28.72 -20.88 -6.83
C ALA A 235 28.99 -19.38 -7.04
N ASP A 236 29.15 -18.98 -8.29
CA ASP A 236 29.38 -17.59 -8.66
C ASP A 236 28.11 -16.79 -8.60
N LEU A 237 26.98 -17.46 -8.79
CA LEU A 237 25.69 -16.80 -8.85
C LEU A 237 24.58 -17.81 -8.56
N ILE A 238 23.59 -17.38 -7.79
CA ILE A 238 22.38 -18.17 -7.56
C ILE A 238 21.15 -17.29 -7.83
N ALA A 239 20.00 -17.92 -8.10
CA ALA A 239 18.73 -17.22 -8.36
C ALA A 239 17.59 -17.97 -7.68
N GLY A 240 16.54 -17.24 -7.31
CA GLY A 240 15.35 -17.84 -6.74
C GLY A 240 14.15 -16.92 -6.75
N SER A 241 13.03 -17.45 -6.28
CA SER A 241 11.76 -16.72 -6.21
C SER A 241 11.42 -16.35 -4.77
N LEU A 242 10.89 -15.16 -4.57
CA LEU A 242 10.48 -14.71 -3.24
C LEU A 242 9.10 -15.28 -2.81
N ILE A 243 8.40 -16.02 -3.66
CA ILE A 243 7.14 -16.64 -3.26
C ILE A 243 7.33 -18.14 -2.96
N LYS A 244 8.61 -18.55 -2.87
CA LYS A 244 8.98 -19.88 -2.40
C LYS A 244 9.64 -19.69 -1.02
N ASN A 245 10.53 -20.59 -0.62
CA ASN A 245 11.12 -20.56 0.73
C ASN A 245 11.54 -19.20 1.31
N ILE A 246 12.30 -18.44 0.54
CA ILE A 246 12.96 -17.25 1.07
C ILE A 246 12.05 -16.06 1.41
N GLY A 247 10.84 -16.06 0.87
CA GLY A 247 9.87 -15.05 1.21
C GLY A 247 9.16 -15.27 2.54
N GLY A 248 9.45 -16.39 3.20
CA GLY A 248 8.87 -16.74 4.50
C GLY A 248 7.36 -16.83 4.53
N GLY A 249 6.74 -17.04 3.38
CA GLY A 249 5.27 -17.07 3.29
C GLY A 249 4.62 -15.70 3.18
N ILE A 250 5.38 -14.62 3.35
CA ILE A 250 4.77 -13.28 3.33
C ILE A 250 5.25 -12.30 2.24
N ALA A 251 6.39 -12.53 1.58
CA ALA A 251 6.80 -11.68 0.47
C ALA A 251 5.75 -11.90 -0.63
N PRO A 252 5.21 -10.83 -1.18
CA PRO A 252 4.11 -10.98 -2.13
C PRO A 252 4.47 -11.26 -3.60
N THR A 253 5.72 -11.02 -4.00
CA THR A 253 6.17 -11.29 -5.38
C THR A 253 7.67 -11.04 -5.39
N GLY A 254 8.31 -11.18 -6.55
CA GLY A 254 9.73 -10.87 -6.66
C GLY A 254 10.66 -12.07 -6.73
N GLY A 255 11.93 -11.75 -6.93
CA GLY A 255 12.96 -12.77 -7.01
C GLY A 255 14.25 -12.19 -6.49
N TYR A 256 15.27 -13.04 -6.40
CA TYR A 256 16.55 -12.60 -5.93
C TYR A 256 17.63 -13.32 -6.67
N LEU A 257 18.80 -12.70 -6.64
CA LEU A 257 20.04 -13.33 -7.06
C LEU A 257 21.12 -12.90 -6.06
N ALA A 258 22.08 -13.78 -5.81
CA ALA A 258 23.22 -13.50 -4.94
C ALA A 258 24.43 -14.06 -5.64
N GLY A 259 25.55 -13.33 -5.58
CA GLY A 259 26.78 -13.77 -6.23
C GLY A 259 27.85 -12.70 -6.35
N THR A 260 28.73 -12.86 -7.32
CA THR A 260 29.82 -11.93 -7.51
C THR A 260 29.25 -10.61 -8.03
N LYS A 261 29.94 -9.53 -7.70
CA LYS A 261 29.49 -8.22 -8.16
C LYS A 261 29.35 -8.20 -9.69
N ASP A 262 30.28 -8.80 -10.42
CA ASP A 262 30.23 -8.76 -11.89
C ASP A 262 28.97 -9.47 -12.40
N CYS A 263 28.70 -10.66 -11.88
CA CYS A 263 27.53 -11.45 -12.28
C CYS A 263 26.22 -10.81 -11.93
N ILE A 264 26.15 -10.19 -10.75
CA ILE A 264 24.95 -9.50 -10.31
C ILE A 264 24.71 -8.23 -11.13
N GLU A 265 25.76 -7.48 -11.42
CA GLU A 265 25.59 -6.28 -12.26
C GLU A 265 25.13 -6.65 -13.66
N LYS A 266 25.74 -7.68 -14.24
CA LYS A 266 25.35 -8.09 -15.60
C LYS A 266 23.89 -8.51 -15.63
N THR A 267 23.45 -9.18 -14.57
CA THR A 267 22.05 -9.57 -14.47
C THR A 267 21.16 -8.33 -14.41
N SER A 268 21.57 -7.31 -13.64
CA SER A 268 20.76 -6.12 -13.45
C SER A 268 20.51 -5.41 -14.76
N TYR A 269 21.48 -5.50 -15.68
CA TYR A 269 21.35 -4.86 -16.97
C TYR A 269 20.33 -5.55 -17.89
N ARG A 270 20.01 -6.80 -17.62
CA ARG A 270 18.96 -7.52 -18.34
C ARG A 270 17.62 -7.21 -17.65
N LEU A 271 17.64 -7.13 -16.32
CA LEU A 271 16.45 -6.77 -15.56
C LEU A 271 15.94 -5.43 -16.03
N THR A 272 16.82 -4.45 -16.16
CA THR A 272 16.43 -3.14 -16.67
C THR A 272 17.14 -3.02 -18.03
N VAL A 273 18.14 -2.14 -18.15
CA VAL A 273 18.88 -1.98 -19.42
C VAL A 273 20.30 -1.57 -19.08
N PRO A 274 21.26 -1.79 -20.00
CA PRO A 274 22.61 -1.33 -19.81
C PRO A 274 22.64 0.16 -19.47
N GLY A 275 23.42 0.53 -18.46
CA GLY A 275 23.55 1.91 -18.04
C GLY A 275 22.65 2.29 -16.89
N ILE A 276 21.65 1.46 -16.59
CA ILE A 276 20.73 1.71 -15.47
C ILE A 276 20.96 0.61 -14.42
N GLY A 277 20.85 -0.64 -14.84
CA GLY A 277 21.07 -1.77 -13.95
C GLY A 277 20.13 -1.72 -12.76
N GLY A 278 20.64 -1.98 -11.58
CA GLY A 278 19.79 -1.92 -10.39
C GLY A 278 19.68 -0.56 -9.72
N GLU A 279 20.17 0.51 -10.37
CA GLU A 279 20.21 1.84 -9.75
C GLU A 279 18.82 2.46 -9.61
N CYS A 280 17.93 2.14 -10.55
CA CYS A 280 16.55 2.62 -10.49
C CYS A 280 15.64 1.46 -10.20
N GLY A 281 14.49 1.77 -9.62
CA GLY A 281 13.50 0.78 -9.26
C GLY A 281 13.03 1.03 -7.84
N SER A 282 11.84 1.63 -7.70
CA SER A 282 11.23 1.84 -6.41
C SER A 282 10.63 0.49 -5.99
N THR A 283 10.30 0.34 -4.71
CA THR A 283 9.90 -0.96 -4.19
C THR A 283 8.40 -1.16 -3.91
N PHE A 284 7.58 -0.26 -4.44
CA PHE A 284 6.12 -0.44 -4.41
C PHE A 284 5.42 -0.57 -3.06
N GLY A 285 6.07 -0.21 -1.96
CA GLY A 285 5.41 -0.33 -0.67
C GLY A 285 5.43 -1.72 -0.04
N VAL A 286 6.15 -2.68 -0.65
CA VAL A 286 6.22 -4.04 -0.11
C VAL A 286 7.56 -4.40 0.48
N VAL A 287 8.46 -3.43 0.68
CA VAL A 287 9.81 -3.79 1.17
C VAL A 287 9.79 -4.38 2.59
N ARG A 288 8.93 -3.85 3.46
CA ARG A 288 8.87 -4.41 4.81
C ARG A 288 8.55 -5.92 4.79
N SER A 289 7.60 -6.33 3.93
CA SER A 289 7.23 -7.73 3.81
CA SER A 289 7.24 -7.73 3.87
C SER A 289 8.39 -8.59 3.33
N TYR A 291 11.69 -7.95 3.85
CA TYR A 291 12.58 -8.10 5.01
C TYR A 291 11.99 -9.10 6.00
N GLN A 292 10.73 -8.92 6.37
CA GLN A 292 10.12 -9.78 7.37
C GLN A 292 10.03 -11.25 6.88
N GLY A 293 9.73 -11.45 5.61
CA GLY A 293 9.71 -12.77 5.00
C GLY A 293 11.07 -13.45 5.12
N LEU A 294 12.15 -12.71 4.88
CA LEU A 294 13.50 -13.27 5.03
C LEU A 294 13.70 -13.72 6.47
N PHE A 295 13.33 -12.87 7.42
CA PHE A 295 13.57 -13.19 8.83
C PHE A 295 12.84 -14.46 9.28
N LEU A 296 11.63 -14.66 8.77
CA LEU A 296 10.84 -15.84 9.07
C LEU A 296 11.18 -17.08 8.24
N ALA A 297 11.88 -16.89 7.13
CA ALA A 297 12.18 -17.94 6.17
C ALA A 297 12.86 -19.19 6.71
N PRO A 298 13.88 -19.02 7.57
CA PRO A 298 14.49 -20.24 8.10
C PRO A 298 13.50 -21.12 8.85
N HIS A 299 12.60 -20.50 9.60
CA HIS A 299 11.58 -21.21 10.34
C HIS A 299 10.50 -21.79 9.43
N ILE A 300 9.91 -20.94 8.60
CA ILE A 300 8.83 -21.38 7.71
C ILE A 300 9.30 -22.50 6.75
N SER A 301 10.52 -22.42 6.25
CA SER A 301 11.04 -23.43 5.31
C SER A 301 11.01 -24.80 5.96
N GLU A 303 8.94 -25.65 8.52
CA GLU A 303 7.54 -26.08 8.73
C GLU A 303 7.07 -26.88 7.50
N ALA A 304 7.39 -26.35 6.31
CA ALA A 304 7.03 -27.00 5.07
C ALA A 304 7.76 -28.35 4.96
N LEU A 305 9.06 -28.36 5.28
CA LEU A 305 9.85 -29.59 5.15
C LEU A 305 9.38 -30.70 6.11
N LYS A 306 9.01 -30.34 7.33
CA LYS A 306 8.43 -31.33 8.27
C LYS A 306 7.13 -31.90 7.68
N GLY A 307 6.39 -31.05 6.98
CA GLY A 307 5.17 -31.46 6.32
C GLY A 307 5.48 -32.53 5.30
N ALA A 308 6.46 -32.25 4.44
CA ALA A 308 6.94 -33.20 3.43
C ALA A 308 7.38 -34.52 4.02
N ILE A 309 8.11 -34.46 5.15
CA ILE A 309 8.65 -35.67 5.82
C ILE A 309 7.54 -36.54 6.39
N LEU A 310 6.59 -35.93 7.10
CA LEU A 310 5.39 -36.62 7.56
C LEU A 310 4.65 -37.24 6.36
N CYS A 311 4.51 -36.46 5.28
CA CYS A 311 3.81 -36.94 4.10
C CYS A 311 4.52 -38.19 3.60
N SER A 312 5.83 -38.09 3.44
CA SER A 312 6.66 -39.23 3.02
C SER A 312 6.41 -40.49 3.83
N ARG A 313 6.51 -40.36 5.14
CA ARG A 313 6.38 -41.54 6.00
C ARG A 313 4.99 -42.11 6.08
N ILE A 314 3.97 -41.26 6.19
CA ILE A 314 2.60 -41.77 6.30
C ILE A 314 2.14 -42.44 4.99
N GLU A 316 4.20 -43.87 2.85
CA GLU A 316 4.97 -45.11 2.78
C GLU A 316 4.25 -46.14 3.62
N LEU A 317 3.97 -45.80 4.87
CA LEU A 317 3.20 -46.67 5.77
C LEU A 317 1.83 -47.04 5.15
N ALA A 318 1.19 -46.11 4.43
CA ALA A 318 -0.07 -46.39 3.75
C ALA A 318 0.09 -47.35 2.56
N GLY A 319 1.32 -47.58 2.12
CA GLY A 319 1.62 -48.53 1.05
C GLY A 319 2.03 -47.95 -0.28
N PHE A 320 2.35 -46.66 -0.34
CA PHE A 320 2.73 -46.02 -1.60
C PHE A 320 4.23 -45.79 -1.67
N GLU A 321 4.75 -45.78 -2.90
CA GLU A 321 6.14 -45.43 -3.11
C GLU A 321 6.24 -43.91 -3.01
N VAL A 322 7.23 -43.44 -2.26
CA VAL A 322 7.41 -42.01 -2.02
C VAL A 322 8.86 -41.66 -2.37
N PRO A 324 11.41 -38.14 -1.83
CA PRO A 324 12.37 -39.00 -1.14
C PRO A 324 11.76 -39.69 0.08
N LYS A 325 12.57 -40.53 0.72
CA LYS A 325 12.16 -41.27 1.90
C LYS A 325 12.18 -40.35 3.09
N TYR A 326 11.56 -40.77 4.18
CA TYR A 326 11.42 -39.89 5.34
C TYR A 326 12.74 -39.54 6.02
N ASP A 327 13.72 -40.41 5.89
CA ASP A 327 14.99 -40.24 6.58
C ASP A 327 16.18 -39.87 5.69
N GLU A 328 15.93 -39.42 4.46
CA GLU A 328 17.03 -39.00 3.60
C GLU A 328 17.35 -37.53 3.79
N LYS A 329 18.57 -37.13 3.45
CA LYS A 329 18.94 -35.71 3.50
C LYS A 329 18.22 -35.06 2.32
N ARG A 330 17.65 -33.89 2.56
CA ARG A 330 16.86 -33.21 1.54
C ARG A 330 17.49 -31.90 1.13
N SER A 331 17.35 -31.56 -0.13
CA SER A 331 17.88 -30.31 -0.60
C SER A 331 16.77 -29.41 -1.12
N ASP A 332 15.51 -29.81 -0.90
CA ASP A 332 14.33 -29.03 -1.26
C ASP A 332 13.08 -29.45 -0.43
N ILE A 333 11.98 -28.70 -0.55
CA ILE A 333 10.76 -28.96 0.23
C ILE A 333 9.71 -29.86 -0.45
N ILE A 334 10.02 -30.33 -1.66
CA ILE A 334 9.06 -31.10 -2.45
C ILE A 334 9.01 -32.57 -2.03
N GLN A 335 7.80 -33.14 -2.02
CA GLN A 335 7.61 -34.54 -1.71
C GLN A 335 6.81 -35.18 -2.86
N SER A 336 7.28 -36.32 -3.36
CA SER A 336 6.61 -37.05 -4.43
C SER A 336 5.96 -38.29 -3.85
N ILE A 337 4.77 -38.62 -4.35
CA ILE A 337 4.03 -39.79 -3.91
C ILE A 337 3.54 -40.44 -5.20
N LYS A 338 3.91 -41.71 -5.40
CA LYS A 338 3.48 -42.44 -6.59
C LYS A 338 2.25 -43.24 -6.20
N PHE A 339 1.12 -42.90 -6.81
CA PHE A 339 -0.15 -43.56 -6.49
C PHE A 339 -0.47 -44.81 -7.31
N ASN A 340 0.10 -44.91 -8.51
CA ASN A 340 -0.18 -46.05 -9.40
C ASN A 340 -1.69 -46.27 -9.61
N ASP A 341 -2.43 -45.16 -9.65
CA ASP A 341 -3.87 -45.18 -9.78
C ASP A 341 -4.29 -43.73 -9.98
N LYS A 342 -4.95 -43.47 -11.10
CA LYS A 342 -5.39 -42.14 -11.48
C LYS A 342 -6.39 -41.53 -10.48
N ASP A 343 -7.39 -42.30 -10.08
CA ASP A 343 -8.40 -41.81 -9.15
C ASP A 343 -7.83 -41.49 -7.76
N LYS A 344 -6.95 -42.34 -7.24
CA LYS A 344 -6.31 -42.08 -5.95
C LYS A 344 -5.49 -40.78 -5.98
N LEU A 345 -4.84 -40.53 -7.12
CA LEU A 345 -4.05 -39.30 -7.33
C LEU A 345 -4.96 -38.09 -7.40
N ILE A 346 -6.06 -38.21 -8.13
CA ILE A 346 -7.02 -37.12 -8.23
C ILE A 346 -7.66 -36.83 -6.86
N GLU A 347 -8.14 -37.86 -6.17
CA GLU A 347 -8.78 -37.69 -4.87
C GLU A 347 -7.85 -37.04 -3.87
N PHE A 348 -6.60 -37.48 -3.84
CA PHE A 348 -5.64 -36.91 -2.92
C PHE A 348 -5.50 -35.39 -3.14
N CYS A 349 -5.38 -34.98 -4.39
CA CYS A 349 -5.27 -33.55 -4.73
C CYS A 349 -6.52 -32.78 -4.30
N LYS A 350 -7.69 -33.39 -4.49
CA LYS A 350 -8.95 -32.76 -4.11
C LYS A 350 -8.98 -32.58 -2.59
N GLY A 351 -8.41 -33.55 -1.87
CA GLY A 351 -8.27 -33.47 -0.44
C GLY A 351 -7.41 -32.29 -0.03
N ILE A 352 -6.26 -32.12 -0.69
CA ILE A 352 -5.38 -30.98 -0.39
C ILE A 352 -6.12 -29.68 -0.64
N GLN A 353 -6.84 -29.60 -1.76
CA GLN A 353 -7.63 -28.41 -2.08
C GLN A 353 -8.60 -28.08 -0.94
N THR A 354 -9.34 -29.10 -0.46
CA THR A 354 -10.30 -28.91 0.64
C THR A 354 -9.64 -28.63 2.00
N GLY A 355 -8.33 -28.82 2.08
CA GLY A 355 -7.56 -28.50 3.28
C GLY A 355 -6.90 -27.11 3.24
N SER A 356 -7.18 -26.31 2.21
CA SER A 356 -6.59 -24.99 2.07
C SER A 356 -7.45 -23.94 2.75
N PRO A 357 -6.82 -22.87 3.26
CA PRO A 357 -7.63 -21.81 3.88
C PRO A 357 -8.39 -20.95 2.86
N ILE A 358 -7.78 -20.74 1.68
CA ILE A 358 -8.36 -19.95 0.60
C ILE A 358 -8.86 -20.89 -0.51
N ASP A 359 -10.01 -20.59 -1.10
CA ASP A 359 -10.59 -21.42 -2.18
C ASP A 359 -10.74 -22.90 -1.83
N SER A 360 -10.98 -23.20 -0.55
CA SER A 360 -11.18 -24.57 -0.09
C SER A 360 -12.27 -25.25 -0.91
N PHE A 361 -13.34 -24.50 -1.15
CA PHE A 361 -14.54 -24.92 -1.88
C PHE A 361 -14.41 -25.09 -3.41
N VAL A 362 -13.32 -24.66 -4.02
CA VAL A 362 -13.22 -24.68 -5.49
C VAL A 362 -12.98 -26.06 -6.09
N SER A 363 -13.61 -26.31 -7.25
CA SER A 363 -13.49 -27.60 -7.96
C SER A 363 -12.04 -27.87 -8.38
N CYS A 364 -11.55 -29.02 -7.94
CA CYS A 364 -10.22 -29.48 -8.25
C CYS A 364 -10.40 -30.67 -9.20
N GLU A 365 -10.04 -30.45 -10.47
CA GLU A 365 -10.19 -31.42 -11.52
C GLU A 365 -9.01 -31.26 -12.48
N PRO A 366 -8.75 -32.28 -13.33
CA PRO A 366 -7.69 -32.13 -14.33
C PRO A 366 -8.08 -31.15 -15.44
N TRP A 367 -7.09 -30.47 -16.00
CA TRP A 367 -7.31 -29.47 -17.05
C TRP A 367 -6.19 -29.59 -18.10
N ASP A 368 -6.39 -29.03 -19.30
CA ASP A 368 -5.37 -29.06 -20.36
C ASP A 368 -4.44 -27.85 -20.22
N THR A 373 0.48 -31.74 -23.55
CA THR A 373 0.12 -33.04 -24.13
C THR A 373 -0.79 -33.83 -23.17
N ASP A 374 -0.36 -33.91 -21.90
CA ASP A 374 -1.16 -34.57 -20.85
C ASP A 374 -1.81 -33.52 -19.97
N GLN A 375 -2.97 -33.85 -19.40
CA GLN A 375 -3.66 -32.94 -18.49
C GLN A 375 -2.92 -32.87 -17.17
N VAL A 376 -3.11 -31.75 -16.47
CA VAL A 376 -2.49 -31.53 -15.17
C VAL A 376 -3.60 -31.21 -14.18
N ILE A 377 -3.36 -31.49 -12.89
CA ILE A 377 -4.32 -31.18 -11.83
C ILE A 377 -3.52 -30.46 -10.76
N ALA A 379 -3.74 -28.49 -6.78
CA ALA A 379 -4.38 -28.07 -5.54
C ALA A 379 -3.65 -26.78 -5.15
N ALA A 380 -4.41 -25.71 -4.95
CA ALA A 380 -3.84 -24.40 -4.59
C ALA A 380 -4.90 -23.52 -3.94
N GLY A 381 -4.56 -22.90 -2.81
CA GLY A 381 -5.48 -22.02 -2.08
C GLY A 381 -4.61 -21.23 -1.12
N ALA A 382 -3.99 -20.20 -1.66
CA ALA A 382 -2.98 -19.43 -0.95
C ALA A 382 -3.28 -17.95 -0.75
N PHE A 383 -2.61 -17.38 0.24
CA PHE A 383 -2.69 -15.94 0.50
C PHE A 383 -1.97 -15.18 -0.63
N ILE A 384 -0.86 -15.73 -1.09
CA ILE A 384 -0.05 -15.14 -2.17
C ILE A 384 -0.19 -16.07 -3.35
N GLN A 385 -0.73 -15.53 -4.43
CA GLN A 385 -1.05 -16.34 -5.60
C GLN A 385 0.14 -17.06 -6.21
N GLY A 386 0.04 -18.39 -6.27
CA GLY A 386 1.10 -19.21 -6.85
C GLY A 386 2.26 -19.54 -5.91
N SER A 387 2.17 -19.10 -4.65
CA SER A 387 3.21 -19.40 -3.65
C SER A 387 3.40 -20.90 -3.44
N SER A 388 4.65 -21.35 -3.49
CA SER A 388 5.00 -22.77 -3.31
C SER A 388 5.30 -23.10 -1.87
N ILE A 389 5.45 -22.07 -1.04
CA ILE A 389 5.75 -22.31 0.38
C ILE A 389 4.42 -22.54 1.14
N GLU A 390 3.29 -22.18 0.53
CA GLU A 390 1.96 -22.47 1.09
C GLU A 390 1.54 -23.85 0.56
N LEU A 391 0.79 -24.59 1.37
CA LEU A 391 0.41 -25.95 1.00
C LEU A 391 -0.24 -26.03 -0.37
N SER A 392 0.32 -26.87 -1.22
CA SER A 392 -0.12 -27.03 -2.61
C SER A 392 0.31 -28.40 -3.14
N ALA A 393 -0.36 -28.86 -4.18
CA ALA A 393 0.00 -30.11 -4.84
C ALA A 393 -0.30 -30.00 -6.34
N ASP A 394 0.54 -30.63 -7.16
CA ASP A 394 0.29 -30.70 -8.61
C ASP A 394 0.74 -32.06 -9.14
N ALA A 395 0.13 -32.49 -10.24
CA ALA A 395 0.46 -33.76 -10.85
C ALA A 395 0.05 -33.84 -12.33
N PRO A 396 0.97 -34.23 -13.22
CA PRO A 396 0.51 -34.46 -14.59
C PRO A 396 -0.26 -35.74 -14.57
N ILE A 397 -1.36 -35.83 -15.30
CA ILE A 397 -2.17 -37.04 -15.34
C ILE A 397 -1.57 -38.01 -16.36
N ARG A 398 -0.76 -38.95 -15.86
CA ARG A 398 -0.13 -40.00 -16.67
C ARG A 398 0.48 -41.05 -15.77
N GLU A 399 0.68 -42.25 -16.32
CA GLU A 399 1.31 -43.34 -15.58
C GLU A 399 2.68 -42.86 -15.09
N PRO A 400 3.08 -43.24 -13.87
CA PRO A 400 2.43 -44.05 -12.84
C PRO A 400 1.64 -43.21 -11.81
N TYR A 401 1.21 -42.02 -12.22
CA TYR A 401 0.40 -41.12 -11.39
C TYR A 401 1.11 -40.69 -10.12
N ILE A 402 2.09 -39.82 -10.33
CA ILE A 402 2.92 -39.25 -9.28
C ILE A 402 2.44 -37.84 -9.01
N ALA A 403 2.25 -37.52 -7.73
CA ALA A 403 1.84 -36.19 -7.29
C ALA A 403 3.01 -35.54 -6.57
N TYR A 404 3.12 -34.23 -6.72
CA TYR A 404 4.17 -33.45 -6.06
C TYR A 404 3.50 -32.50 -5.08
N LEU A 405 3.84 -32.67 -3.80
CA LEU A 405 3.27 -31.93 -2.70
C LEU A 405 4.35 -31.08 -2.09
N GLN A 406 4.01 -29.84 -1.77
CA GLN A 406 4.94 -28.91 -1.16
C GLN A 406 4.24 -27.77 -0.43
N GLY A 407 4.93 -27.22 0.56
CA GLY A 407 4.46 -26.05 1.29
C GLY A 407 3.78 -26.41 2.58
N GLY A 408 3.44 -25.37 3.34
CA GLY A 408 2.82 -25.51 4.64
C GLY A 408 3.39 -24.41 5.51
N LEU A 409 2.67 -23.31 5.62
CA LEU A 409 3.11 -22.19 6.46
C LEU A 409 3.38 -22.65 7.89
N THR A 410 2.60 -23.61 8.38
CA THR A 410 2.86 -24.26 9.67
C THR A 410 2.80 -25.77 9.43
N PHE A 411 3.56 -26.51 10.23
CA PHE A 411 3.51 -27.95 10.16
C PHE A 411 2.09 -28.48 10.43
N ASP A 412 1.39 -27.89 11.41
CA ASP A 412 0.02 -28.27 11.71
C ASP A 412 -0.91 -28.16 10.47
N HIS A 413 -0.75 -27.11 9.67
CA HIS A 413 -1.55 -26.97 8.46
C HIS A 413 -1.23 -28.07 7.46
N ALA A 414 0.06 -28.31 7.19
CA ALA A 414 0.46 -29.38 6.24
C ALA A 414 -0.09 -30.71 6.75
N LYS A 415 0.06 -30.96 8.04
CA LYS A 415 -0.45 -32.17 8.67
C LYS A 415 -1.94 -32.33 8.43
N ILE A 416 -2.69 -31.28 8.73
CA ILE A 416 -4.14 -31.34 8.55
C ILE A 416 -4.49 -31.68 7.10
N GLY A 417 -3.82 -31.06 6.13
CA GLY A 417 -4.12 -31.31 4.73
C GLY A 417 -3.85 -32.73 4.32
N ILE A 418 -2.74 -33.26 4.82
CA ILE A 418 -2.30 -34.63 4.55
C ILE A 418 -3.33 -35.63 5.07
N LEU A 419 -3.79 -35.42 6.31
CA LEU A 419 -4.80 -36.30 6.92
C LEU A 419 -6.15 -36.21 6.22
N ILE A 420 -6.50 -35.02 5.71
CA ILE A 420 -7.74 -34.87 4.95
C ILE A 420 -7.63 -35.64 3.61
N ALA A 421 -6.50 -35.45 2.94
CA ALA A 421 -6.21 -36.08 1.66
C ALA A 421 -6.16 -37.61 1.73
N LEU A 422 -5.31 -38.14 2.59
CA LEU A 422 -5.19 -39.59 2.78
C LEU A 422 -6.51 -40.25 3.17
N SER A 423 -7.36 -39.54 3.91
CA SER A 423 -8.67 -40.06 4.33
C SER A 423 -9.66 -40.27 3.18
N ARG A 424 -9.41 -39.61 2.06
CA ARG A 424 -10.22 -39.80 0.87
C ARG A 424 -9.89 -41.12 0.16
N ILE A 425 -8.76 -41.75 0.50
CA ILE A 425 -8.37 -43.00 -0.15
C ILE A 425 -8.17 -44.17 0.83
N VAL A 426 -7.59 -43.94 2.02
CA VAL A 426 -7.50 -44.99 3.03
C VAL A 426 -8.70 -44.77 3.92
N LYS A 427 -9.60 -45.76 3.98
CA LYS A 427 -10.87 -45.63 4.73
C LYS A 427 -10.94 -46.37 6.05
N GLY B 1 21.56 -31.76 18.74
CA GLY B 1 21.67 -30.57 19.62
C GLY B 1 22.35 -29.42 18.92
N LEU B 3 24.48 -27.03 17.02
CA LEU B 3 25.65 -27.24 16.19
C LEU B 3 26.84 -26.48 16.76
N GLU B 4 28.04 -27.03 16.56
CA GLU B 4 29.25 -26.37 17.01
C GLU B 4 29.45 -25.02 16.30
N SER B 5 29.07 -24.95 15.03
CA SER B 5 29.13 -23.71 14.26
C SER B 5 28.24 -22.64 14.92
N THR B 6 27.08 -23.07 15.43
CA THR B 6 26.14 -22.19 16.11
C THR B 6 26.77 -21.71 17.40
N LYS B 7 27.42 -22.60 18.15
CA LYS B 7 28.09 -22.18 19.39
C LYS B 7 29.17 -21.16 19.10
N GLN B 8 29.95 -21.39 18.04
CA GLN B 8 31.03 -20.44 17.71
C GLN B 8 30.45 -19.08 17.25
N PHE B 9 29.32 -19.12 16.56
CA PHE B 9 28.65 -17.92 16.07
C PHE B 9 28.15 -17.14 17.30
N LEU B 10 27.50 -17.84 18.22
CA LEU B 10 27.04 -17.23 19.47
C LEU B 10 28.18 -16.57 20.27
N LYS B 11 29.37 -17.16 20.26
CA LYS B 11 30.51 -16.56 20.99
C LYS B 11 30.84 -15.18 20.42
N LYS B 12 30.52 -14.94 19.14
CA LYS B 12 30.75 -13.64 18.53
C LYS B 12 29.79 -12.57 19.10
N TYR B 13 28.76 -12.99 19.83
CA TYR B 13 27.85 -12.09 20.56
C TYR B 13 28.22 -12.00 22.05
N ASN B 14 29.41 -12.48 22.42
CA ASN B 14 29.90 -12.50 23.79
CA ASN B 14 29.89 -12.47 23.81
C ASN B 14 29.02 -13.34 24.72
N ILE B 15 28.42 -14.39 24.13
CA ILE B 15 27.62 -15.36 24.89
C ILE B 15 28.64 -16.32 25.45
N ASN B 16 28.64 -16.49 26.77
CA ASN B 16 29.69 -17.27 27.43
C ASN B 16 29.25 -18.70 27.74
N ASP B 17 30.20 -19.54 28.12
CA ASP B 17 29.89 -20.94 28.40
C ASP B 17 28.92 -21.13 29.56
N ARG B 18 28.99 -20.27 30.58
CA ARG B 18 28.07 -20.39 31.71
C ARG B 18 26.63 -20.24 31.24
N VAL B 19 26.40 -19.25 30.38
CA VAL B 19 25.06 -19.03 29.83
C VAL B 19 24.64 -20.17 28.90
N LEU B 20 25.55 -20.67 28.07
CA LEU B 20 25.23 -21.79 27.17
C LEU B 20 24.84 -23.01 27.95
N LYS B 21 25.56 -23.29 29.04
CA LYS B 21 25.25 -24.45 29.88
C LYS B 21 23.91 -24.28 30.61
N LEU B 22 23.64 -23.06 31.07
CA LEU B 22 22.35 -22.75 31.70
C LEU B 22 21.24 -23.02 30.68
N TYR B 23 21.47 -22.61 29.43
CA TYR B 23 20.52 -22.84 28.35
C TYR B 23 20.28 -24.34 28.10
N GLU B 24 21.37 -25.09 28.04
CA GLU B 24 21.31 -26.54 27.80
CA GLU B 24 21.28 -26.54 27.79
C GLU B 24 20.48 -27.22 28.90
N THR B 25 20.74 -26.84 30.16
CA THR B 25 20.03 -27.40 31.32
C THR B 25 18.56 -27.04 31.25
N ALA B 26 18.27 -25.76 30.99
CA ALA B 26 16.89 -25.27 30.88
C ALA B 26 16.11 -26.01 29.80
N ASN B 28 16.65 -29.01 28.54
CA ASN B 28 16.40 -30.35 29.00
C ASN B 28 15.20 -30.35 29.98
N ASP B 29 15.20 -29.44 30.96
CA ASP B 29 14.14 -29.35 31.96
C ASP B 29 12.72 -29.00 31.44
N ILE B 30 12.61 -28.17 30.40
CA ILE B 30 11.31 -27.73 29.90
C ILE B 30 10.72 -28.51 28.73
N GLN B 31 11.46 -29.48 28.17
CA GLN B 31 10.96 -30.19 26.96
C GLN B 31 9.56 -30.75 27.05
N ASN B 32 9.24 -31.40 28.15
CA ASN B 32 7.91 -31.98 28.29
C ASN B 32 6.79 -30.95 28.30
N GLN B 33 7.09 -29.75 28.80
CA GLN B 33 6.09 -28.69 28.82
C GLN B 33 5.68 -28.27 27.43
N PHE B 34 6.58 -28.42 26.46
CA PHE B 34 6.29 -28.04 25.06
C PHE B 34 5.29 -28.98 24.37
N LYS B 35 5.30 -30.26 24.73
CA LYS B 35 4.41 -31.26 24.11
C LYS B 35 2.93 -30.87 24.28
N ILE B 36 2.64 -30.42 25.49
CA ILE B 36 1.31 -29.96 25.88
CA ILE B 36 1.31 -29.97 25.88
C ILE B 36 0.87 -28.83 24.96
N LEU B 37 1.79 -27.90 24.72
CA LEU B 37 1.53 -26.75 23.86
C LEU B 37 1.25 -27.14 22.42
N ASP B 38 1.96 -28.13 21.90
CA ASP B 38 1.75 -28.56 20.51
C ASP B 38 0.37 -29.18 20.30
N ASP B 39 -0.16 -29.87 21.32
CA ASP B 39 -1.50 -30.50 21.26
C ASP B 39 -2.54 -29.40 21.16
N ILE B 40 -2.37 -28.35 21.95
CA ILE B 40 -3.26 -27.18 21.91
C ILE B 40 -3.15 -26.45 20.55
N ARG B 41 -1.92 -26.26 20.06
CA ARG B 41 -1.66 -25.52 18.81
C ARG B 41 -2.32 -26.20 17.62
N GLU B 42 -2.23 -27.52 17.60
CA GLU B 42 -2.85 -28.32 16.57
C GLU B 42 -4.36 -28.07 16.51
N PHE B 43 -5.02 -28.17 17.66
CA PHE B 43 -6.47 -27.90 17.70
C PHE B 43 -6.79 -26.48 17.21
N ASN B 44 -6.01 -25.52 17.71
CA ASN B 44 -6.24 -24.12 17.37
C ASN B 44 -5.97 -23.85 15.90
N GLN B 45 -5.04 -24.56 15.28
CA GLN B 45 -4.78 -24.36 13.89
C GLN B 45 -6.01 -24.83 13.11
N LEU B 46 -6.56 -25.97 13.51
CA LEU B 46 -7.73 -26.53 12.84
C LEU B 46 -8.96 -25.62 13.03
N LYS B 47 -9.11 -25.07 14.24
CA LYS B 47 -10.19 -24.13 14.55
C LYS B 47 -10.16 -22.93 13.60
N VAL B 48 -8.99 -22.35 13.41
CA VAL B 48 -8.85 -21.20 12.51
C VAL B 48 -9.06 -21.59 11.04
N LEU B 49 -8.51 -22.72 10.61
CA LEU B 49 -8.68 -23.19 9.23
C LEU B 49 -10.16 -23.36 8.94
N ASN B 50 -10.85 -24.01 9.88
CA ASN B 50 -12.27 -24.25 9.72
C ASN B 50 -13.07 -22.98 9.54
N ALA B 51 -12.76 -21.96 10.35
CA ALA B 51 -13.45 -20.66 10.26
C ALA B 51 -13.27 -20.04 8.88
N PHE B 52 -12.05 -20.12 8.33
CA PHE B 52 -11.81 -19.65 6.96
C PHE B 52 -12.70 -20.35 5.94
N GLN B 53 -12.78 -21.67 6.08
CA GLN B 53 -13.47 -22.50 5.12
C GLN B 53 -14.98 -22.32 5.16
N GLU B 54 -15.53 -22.18 6.37
CA GLU B 54 -16.96 -21.95 6.53
C GLU B 54 -17.37 -20.64 5.89
N GLU B 55 -16.48 -19.65 5.94
CA GLU B 55 -16.75 -18.36 5.31
C GLU B 55 -16.38 -18.30 3.84
N ARG B 56 -15.90 -19.42 3.28
CA ARG B 56 -15.56 -19.49 1.87
C ARG B 56 -14.61 -18.38 1.41
N ILE B 57 -13.56 -18.17 2.19
CA ILE B 57 -12.59 -17.14 1.88
C ILE B 57 -11.89 -17.49 0.56
N SER B 58 -11.81 -16.50 -0.33
CA SER B 58 -11.17 -16.61 -1.63
C SER B 58 -10.25 -15.40 -1.84
N GLU B 59 -9.55 -15.38 -2.97
CA GLU B 59 -8.69 -14.25 -3.30
C GLU B 59 -9.48 -12.96 -3.46
N ALA B 60 -10.78 -13.08 -3.80
CA ALA B 60 -11.67 -11.92 -3.93
C ALA B 60 -11.85 -11.14 -2.62
N HIS B 61 -11.56 -11.79 -1.48
CA HIS B 61 -11.65 -11.12 -0.19
C HIS B 61 -10.43 -10.28 0.14
N PHE B 62 -9.38 -10.34 -0.68
CA PHE B 62 -8.20 -9.53 -0.43
C PHE B 62 -8.42 -8.21 -1.14
N THR B 63 -9.40 -7.50 -0.60
CA THR B 63 -9.89 -6.25 -1.11
C THR B 63 -8.93 -5.10 -0.87
N ASN B 64 -9.11 -4.09 -1.72
CA ASN B 64 -8.35 -2.88 -1.66
C ASN B 64 -9.42 -1.76 -1.71
N SER B 65 -10.24 -1.69 -0.67
CA SER B 65 -11.30 -0.70 -0.61
C SER B 65 -10.75 0.71 -0.39
N SER B 66 -11.52 1.68 -0.86
CA SER B 66 -11.19 3.10 -0.73
C SER B 66 -12.44 3.83 -0.28
N GLY B 67 -12.28 5.12 0.02
CA GLY B 67 -13.37 5.95 0.47
C GLY B 67 -14.14 5.34 1.61
N TYR B 68 -15.47 5.40 1.49
CA TYR B 68 -16.35 4.87 2.52
C TYR B 68 -16.18 3.39 2.80
N GLY B 69 -15.65 2.62 1.85
CA GLY B 69 -15.53 1.18 2.06
C GLY B 69 -16.87 0.46 2.17
N TYR B 70 -17.95 1.04 1.61
CA TYR B 70 -19.27 0.40 1.61
CA TYR B 70 -19.25 0.39 1.66
C TYR B 70 -19.22 -0.90 0.84
N GLY B 71 -19.83 -1.95 1.38
CA GLY B 71 -19.85 -3.25 0.69
C GLY B 71 -18.50 -3.92 0.56
N ASP B 72 -17.59 -3.69 1.51
CA ASP B 72 -16.26 -4.32 1.47
C ASP B 72 -16.40 -5.75 2.01
N ILE B 73 -16.31 -6.74 1.12
CA ILE B 73 -16.48 -8.13 1.52
C ILE B 73 -15.28 -8.64 2.31
N GLY B 74 -14.08 -8.13 1.99
CA GLY B 74 -12.88 -8.51 2.70
C GLY B 74 -13.01 -8.20 4.18
N ARG B 75 -13.44 -6.98 4.49
CA ARG B 75 -13.63 -6.55 5.87
C ARG B 75 -14.78 -7.30 6.56
N ASP B 76 -15.91 -7.39 5.88
CA ASP B 76 -17.09 -8.06 6.42
C ASP B 76 -16.86 -9.55 6.65
N SER B 77 -16.17 -10.21 5.74
CA SER B 77 -15.90 -11.64 5.88
C SER B 77 -14.84 -11.89 6.98
N LEU B 78 -13.96 -10.93 7.25
CA LEU B 78 -12.95 -11.10 8.30
C LEU B 78 -13.63 -11.05 9.68
N ASP B 79 -14.61 -10.18 9.83
CA ASP B 79 -15.39 -10.13 11.06
C ASP B 79 -16.09 -11.47 11.30
N ALA B 80 -16.63 -12.05 10.23
CA ALA B 80 -17.33 -13.33 10.28
C ALA B 80 -16.39 -14.45 10.63
N VAL B 81 -15.19 -14.43 10.05
CA VAL B 81 -14.18 -15.45 10.40
C VAL B 81 -13.80 -15.36 11.88
N TYR B 82 -13.58 -14.13 12.38
CA TYR B 82 -13.24 -13.93 13.79
C TYR B 82 -14.34 -14.47 14.72
N ALA B 83 -15.58 -14.16 14.36
CA ALA B 83 -16.77 -14.58 15.10
C ALA B 83 -16.88 -16.11 15.20
N ARG B 84 -16.57 -16.80 14.10
CA ARG B 84 -16.52 -18.26 14.12
C ARG B 84 -15.39 -18.77 15.00
N VAL B 85 -14.19 -18.17 14.92
CA VAL B 85 -13.04 -18.59 15.74
C VAL B 85 -13.36 -18.50 17.23
N PHE B 86 -13.95 -17.39 17.63
CA PHE B 86 -14.35 -17.13 19.02
C PHE B 86 -15.75 -17.65 19.41
N ASN B 87 -16.45 -18.26 18.48
CA ASN B 87 -17.79 -18.76 18.72
C ASN B 87 -18.71 -17.68 19.28
N THR B 88 -18.71 -16.52 18.65
CA THR B 88 -19.59 -15.42 19.08
C THR B 88 -20.57 -15.12 17.96
N GLU B 89 -21.58 -14.32 18.27
CA GLU B 89 -22.54 -13.89 17.28
C GLU B 89 -21.87 -12.95 16.27
N SER B 90 -21.04 -12.03 16.75
CA SER B 90 -20.43 -11.01 15.92
C SER B 90 -18.99 -10.70 16.32
N ALA B 91 -18.33 -9.90 15.49
CA ALA B 91 -16.96 -9.44 15.75
C ALA B 91 -16.75 -8.12 15.02
N LEU B 92 -15.79 -7.34 15.50
CA LEU B 92 -15.46 -6.06 14.90
C LEU B 92 -13.93 -6.03 14.84
N VAL B 93 -13.39 -6.17 13.64
CA VAL B 93 -11.95 -6.25 13.38
C VAL B 93 -11.65 -5.09 12.46
N ARG B 94 -10.86 -4.16 12.96
CA ARG B 94 -10.58 -2.94 12.24
C ARG B 94 -9.16 -2.40 12.38
N PRO B 95 -8.57 -1.94 11.26
CA PRO B 95 -7.25 -1.30 11.32
C PRO B 95 -7.30 0.07 12.03
N HIS B 96 -8.52 0.61 12.12
CA HIS B 96 -8.81 1.91 12.68
C HIS B 96 -8.55 2.01 14.21
N PHE B 97 -8.52 0.90 14.95
CA PHE B 97 -8.20 0.94 16.39
C PHE B 97 -6.71 1.18 16.48
N VAL B 98 -6.30 2.20 17.23
CA VAL B 98 -4.90 2.62 17.26
C VAL B 98 -4.00 1.72 18.10
N ASN B 99 -4.61 1.00 19.03
CA ASN B 99 -3.93 0.09 19.94
C ASN B 99 -5.00 -0.67 20.70
N GLY B 100 -4.58 -1.55 21.60
CA GLY B 100 -5.50 -2.33 22.40
C GLY B 100 -6.35 -1.51 23.35
N THR B 101 -5.77 -0.48 23.93
CA THR B 101 -6.51 0.41 24.84
C THR B 101 -7.70 1.04 24.10
N HIS B 102 -7.51 1.39 22.83
CA HIS B 102 -8.58 1.96 22.03
C HIS B 102 -9.74 0.96 21.93
N ALA B 103 -9.44 -0.29 21.59
CA ALA B 103 -10.47 -1.33 21.49
C ALA B 103 -11.21 -1.53 22.82
N LEU B 104 -10.48 -1.59 23.94
CA LEU B 104 -11.09 -1.77 25.26
C LEU B 104 -11.97 -0.58 25.63
N GLY B 105 -11.44 0.62 25.41
CA GLY B 105 -12.18 1.82 25.69
C GLY B 105 -13.45 1.93 24.84
N ALA B 106 -13.38 1.56 23.57
CA ALA B 106 -14.54 1.60 22.70
C ALA B 106 -15.61 0.63 23.26
N ALA B 107 -15.19 -0.54 23.76
CA ALA B 107 -16.10 -1.50 24.39
C ALA B 107 -16.87 -0.88 25.56
N LEU B 108 -16.13 -0.20 26.42
CA LEU B 108 -16.69 0.39 27.63
C LEU B 108 -17.61 1.58 27.30
N PHE B 109 -17.10 2.58 26.60
CA PHE B 109 -17.94 3.71 26.21
C PHE B 109 -19.12 3.24 25.36
N GLY B 110 -18.90 2.22 24.54
CA GLY B 110 -19.96 1.70 23.69
C GLY B 110 -21.08 1.06 24.48
N ASN B 111 -20.72 0.36 25.55
CA ASN B 111 -21.71 -0.38 26.34
C ASN B 111 -22.19 0.21 27.66
N LEU B 112 -21.70 1.39 28.05
CA LEU B 112 -22.09 2.02 29.32
C LEU B 112 -22.75 3.37 29.05
N ARG B 113 -23.71 3.73 29.90
CA ARG B 113 -24.47 4.97 29.78
C ARG B 113 -24.52 5.66 31.14
N PRO B 114 -24.82 6.97 31.15
CA PRO B 114 -24.84 7.65 32.43
C PRO B 114 -25.70 6.93 33.47
N GLY B 115 -25.19 6.84 34.69
CA GLY B 115 -25.87 6.13 35.75
C GLY B 115 -25.40 4.70 35.93
N ASN B 116 -24.93 4.07 34.87
CA ASN B 116 -24.40 2.72 34.97
C ASN B 116 -23.09 2.75 35.75
N THR B 117 -22.76 1.60 36.31
CA THR B 117 -21.53 1.43 37.03
C THR B 117 -20.84 0.21 36.46
N LEU B 119 -17.68 -2.65 37.08
CA LEU B 119 -16.96 -3.29 38.16
C LEU B 119 -15.78 -4.12 37.64
N SER B 120 -14.57 -3.68 37.98
CA SER B 120 -13.36 -4.43 37.63
C SER B 120 -13.12 -5.42 38.74
N VAL B 121 -13.02 -6.70 38.38
CA VAL B 121 -12.91 -7.78 39.35
C VAL B 121 -11.51 -8.39 39.51
N CYS B 122 -10.54 -7.90 38.73
CA CYS B 122 -9.14 -8.37 38.84
C CYS B 122 -8.24 -7.31 39.43
N GLY B 123 -8.79 -6.53 40.36
CA GLY B 123 -8.04 -5.44 40.94
C GLY B 123 -7.98 -4.27 39.95
N GLU B 124 -7.03 -3.38 40.19
CA GLU B 124 -6.87 -2.19 39.37
CA GLU B 124 -6.95 -2.20 39.36
C GLU B 124 -6.52 -2.58 37.94
N PRO B 125 -7.21 -2.02 36.93
CA PRO B 125 -6.85 -2.38 35.56
C PRO B 125 -5.49 -1.87 35.11
N TYR B 126 -5.03 -2.40 33.99
CA TYR B 126 -3.80 -2.02 33.30
CA TYR B 126 -3.73 -2.00 33.48
C TYR B 126 -3.76 -0.49 33.24
N ASP B 127 -2.60 0.09 33.50
CA ASP B 127 -2.34 1.52 33.53
C ASP B 127 -3.04 2.45 32.57
N THR B 128 -2.99 2.11 31.29
CA THR B 128 -3.51 3.02 30.27
C THR B 128 -5.03 3.15 30.34
N LEU B 129 -5.70 2.23 31.05
CA LEU B 129 -7.15 2.29 31.17
C LEU B 129 -7.60 3.27 32.25
N HIS B 130 -6.68 3.70 33.12
CA HIS B 130 -7.06 4.59 34.22
C HIS B 130 -7.64 5.92 33.76
N ASP B 131 -7.08 6.51 32.71
CA ASP B 131 -7.59 7.77 32.17
C ASP B 131 -8.89 7.60 31.39
N VAL B 132 -9.08 6.43 30.79
CA VAL B 132 -10.25 6.11 30.03
C VAL B 132 -11.43 6.04 30.98
N ILE B 133 -11.21 5.41 32.13
CA ILE B 133 -12.25 5.21 33.15
C ILE B 133 -12.44 6.46 34.00
N GLY B 134 -11.34 7.16 34.26
CA GLY B 134 -11.34 8.35 35.11
C GLY B 134 -11.14 7.94 36.57
N ILE B 135 -10.42 6.85 36.81
CA ILE B 135 -10.25 6.28 38.17
C ILE B 135 -9.76 7.28 39.21
N THR B 136 -8.61 7.87 38.94
CA THR B 136 -8.02 8.84 39.84
C THR B 136 -8.07 10.22 39.21
N GLU B 137 -7.37 10.39 38.09
CA GLU B 137 -7.25 11.69 37.46
C GLU B 137 -8.35 11.98 36.44
N ASN B 138 -8.84 13.21 36.49
CA ASN B 138 -9.85 13.71 35.55
C ASN B 138 -9.49 15.14 35.17
N SER B 139 -9.25 15.36 33.89
CA SER B 139 -8.81 16.65 33.38
C SER B 139 -9.63 17.08 32.17
N ASN B 140 -10.89 16.69 32.15
CA ASN B 140 -11.82 17.01 31.09
C ASN B 140 -11.43 16.42 29.73
N GLY B 142 -12.67 13.59 28.96
CA GLY B 142 -13.89 12.87 28.63
C GLY B 142 -13.87 11.41 29.04
N SER B 143 -13.49 11.15 30.28
CA SER B 143 -13.46 9.81 30.80
C SER B 143 -14.87 9.33 31.04
N LEU B 144 -15.02 8.02 31.20
CA LEU B 144 -16.29 7.43 31.61
C LEU B 144 -16.93 8.23 32.77
N LYS B 145 -16.12 8.55 33.78
CA LYS B 145 -16.59 9.29 34.95
C LYS B 145 -17.18 10.64 34.54
N GLU B 146 -16.49 11.32 33.63
CA GLU B 146 -16.95 12.61 33.11
C GLU B 146 -18.25 12.51 32.31
N PHE B 147 -18.62 11.31 31.90
CA PHE B 147 -19.90 11.05 31.23
C PHE B 147 -20.94 10.38 32.17
N GLY B 148 -20.70 10.47 33.48
CA GLY B 148 -21.62 9.96 34.48
C GLY B 148 -21.62 8.47 34.70
N ILE B 149 -20.56 7.79 34.25
CA ILE B 149 -20.43 6.34 34.38
C ILE B 149 -19.47 6.05 35.54
N ASN B 150 -19.94 5.29 36.52
CA ASN B 150 -19.20 5.05 37.75
C ASN B 150 -18.32 3.80 37.65
N TYR B 151 -17.33 3.76 38.52
CA TYR B 151 -16.36 2.67 38.59
C TYR B 151 -16.24 2.13 40.00
N LYS B 152 -16.29 0.80 40.12
CA LYS B 152 -16.01 0.10 41.36
C LYS B 152 -15.00 -0.99 41.04
N GLN B 153 -14.30 -1.41 42.08
CA GLN B 153 -13.24 -2.38 41.94
C GLN B 153 -13.29 -3.40 43.06
N VAL B 154 -13.05 -4.66 42.71
CA VAL B 154 -12.89 -5.72 43.67
C VAL B 154 -11.53 -6.35 43.33
N ASP B 155 -10.66 -6.41 44.33
CA ASP B 155 -9.33 -6.94 44.15
C ASP B 155 -9.33 -8.46 44.14
N LEU B 156 -8.27 -9.01 43.57
CA LEU B 156 -8.06 -10.45 43.62
C LEU B 156 -7.63 -10.77 45.04
N LYS B 157 -7.71 -12.04 45.38
CA LYS B 157 -7.36 -12.48 46.72
C LYS B 157 -5.83 -12.49 46.83
N GLU B 158 -5.32 -12.57 48.05
CA GLU B 158 -3.87 -12.63 48.28
C GLU B 158 -3.23 -13.75 47.47
N ASP B 159 -3.94 -14.85 47.24
CA ASP B 159 -3.39 -15.94 46.43
C ASP B 159 -3.50 -15.71 44.92
N GLY B 160 -4.00 -14.56 44.50
CA GLY B 160 -4.14 -14.26 43.06
C GLY B 160 -5.44 -14.73 42.42
N LYS B 161 -6.30 -15.43 43.18
CA LYS B 161 -7.55 -15.94 42.64
C LYS B 161 -8.69 -14.94 42.75
N PRO B 162 -9.72 -15.10 41.89
CA PRO B 162 -10.87 -14.17 42.00
C PRO B 162 -11.57 -14.29 43.34
N ASN B 163 -11.99 -13.15 43.91
CA ASN B 163 -12.69 -13.15 45.18
C ASN B 163 -14.18 -13.16 44.88
N LEU B 164 -14.69 -14.35 44.61
CA LEU B 164 -16.07 -14.52 44.19
C LEU B 164 -17.06 -14.04 45.24
N GLU B 165 -16.81 -14.31 46.51
CA GLU B 165 -17.72 -13.89 47.56
C GLU B 165 -17.84 -12.38 47.62
N GLU B 166 -16.73 -11.67 47.46
CA GLU B 166 -16.78 -10.20 47.45
C GLU B 166 -17.48 -9.68 46.18
N ILE B 167 -17.21 -10.30 45.02
CA ILE B 167 -17.86 -9.91 43.76
C ILE B 167 -19.39 -9.97 43.96
N GLU B 168 -19.87 -11.12 44.42
CA GLU B 168 -21.29 -11.29 44.71
C GLU B 168 -21.85 -10.20 45.63
N LYS B 169 -21.15 -9.95 46.74
CA LYS B 169 -21.58 -8.92 47.70
C LYS B 169 -21.66 -7.54 47.07
N VAL B 170 -20.68 -7.19 46.25
CA VAL B 170 -20.67 -5.87 45.60
C VAL B 170 -21.82 -5.74 44.59
N LEU B 171 -22.02 -6.78 43.80
CA LEU B 171 -23.13 -6.84 42.83
C LEU B 171 -24.51 -6.81 43.49
N LYS B 172 -24.69 -7.61 44.56
CA LYS B 172 -25.95 -7.61 45.24
C LYS B 172 -26.26 -6.23 45.86
N GLU B 173 -25.22 -5.55 46.35
CA GLU B 173 -25.39 -4.25 46.98
C GLU B 173 -25.46 -3.05 46.04
N ASP B 174 -25.25 -3.26 44.74
CA ASP B 174 -25.28 -2.16 43.81
C ASP B 174 -25.90 -2.64 42.51
N GLU B 175 -27.21 -2.41 42.40
CA GLU B 175 -27.98 -2.79 41.25
C GLU B 175 -27.70 -1.93 40.01
N SER B 176 -26.94 -0.84 40.16
CA SER B 176 -26.58 0.02 39.00
C SER B 176 -25.41 -0.57 38.20
N ILE B 177 -24.75 -1.60 38.74
CA ILE B 177 -23.64 -2.26 38.04
C ILE B 177 -24.20 -3.07 36.87
N THR B 178 -23.85 -2.67 35.66
CA THR B 178 -24.34 -3.31 34.45
C THR B 178 -23.26 -3.99 33.63
N LEU B 179 -22.01 -3.83 34.02
CA LEU B 179 -20.89 -4.42 33.30
C LEU B 179 -19.78 -4.82 34.26
N VAL B 180 -19.24 -6.03 34.06
CA VAL B 180 -18.10 -6.51 34.84
C VAL B 180 -16.93 -6.64 33.87
N HIS B 181 -15.81 -6.01 34.24
CA HIS B 181 -14.59 -6.03 33.47
C HIS B 181 -13.60 -7.00 34.12
N ILE B 182 -13.12 -7.93 33.30
CA ILE B 182 -12.18 -8.96 33.71
C ILE B 182 -10.90 -8.88 32.87
N GLN B 183 -9.77 -8.69 33.51
CA GLN B 183 -8.50 -8.64 32.78
C GLN B 183 -7.84 -10.00 32.82
N ARG B 184 -7.60 -10.60 31.65
CA ARG B 184 -6.99 -11.92 31.58
C ARG B 184 -5.50 -11.90 31.95
N SER B 185 -4.75 -11.03 31.27
CA SER B 185 -3.30 -10.89 31.49
C SER B 185 -3.03 -10.07 32.74
N THR B 186 -1.87 -10.26 33.35
CA THR B 186 -1.57 -9.55 34.59
C THR B 186 -1.12 -8.11 34.44
N GLY B 187 -0.65 -7.70 33.27
CA GLY B 187 -0.12 -6.34 33.12
C GLY B 187 1.17 -6.21 33.92
N TYR B 188 1.43 -5.05 34.50
CA TYR B 188 2.62 -4.88 35.31
C TYR B 188 2.38 -5.29 36.76
N GLY B 189 2.16 -6.57 37.00
CA GLY B 189 1.95 -7.07 38.36
C GLY B 189 2.94 -8.16 38.67
N TRP B 190 2.56 -9.02 39.60
CA TRP B 190 3.38 -10.15 40.00
C TRP B 190 2.39 -11.19 40.49
N ARG B 191 1.74 -11.82 39.52
CA ARG B 191 0.71 -12.80 39.76
C ARG B 191 0.49 -13.52 38.44
N ARG B 192 -0.19 -14.65 38.51
CA ARG B 192 -0.47 -15.42 37.30
C ARG B 192 -1.65 -14.86 36.54
N ALA B 193 -1.63 -15.01 35.23
CA ALA B 193 -2.74 -14.60 34.36
C ALA B 193 -3.91 -15.51 34.66
N LEU B 194 -5.14 -15.01 34.46
CA LEU B 194 -6.35 -15.83 34.70
C LEU B 194 -6.53 -16.89 33.67
N LEU B 195 -6.74 -18.12 34.12
CA LEU B 195 -6.99 -19.22 33.24
C LEU B 195 -8.44 -19.14 32.74
N ILE B 196 -8.75 -19.84 31.67
CA ILE B 196 -10.12 -19.89 31.15
C ILE B 196 -11.10 -20.39 32.22
N GLU B 197 -10.67 -21.36 33.06
CA GLU B 197 -11.53 -21.86 34.15
C GLU B 197 -11.81 -20.79 35.20
N ASP B 198 -10.83 -19.92 35.46
CA ASP B 198 -11.02 -18.81 36.41
C ASP B 198 -11.99 -17.80 35.82
N ILE B 199 -11.89 -17.58 34.51
CA ILE B 199 -12.79 -16.65 33.83
C ILE B 199 -14.21 -17.20 33.89
N LYS B 200 -14.36 -18.50 33.65
CA LYS B 200 -15.66 -19.14 33.74
C LYS B 200 -16.24 -18.98 35.15
N SER B 201 -15.44 -19.19 36.18
CA SER B 201 -15.96 -19.08 37.54
C SER B 201 -16.48 -17.67 37.82
N ILE B 202 -15.82 -16.63 37.28
CA ILE B 202 -16.30 -15.24 37.45
C ILE B 202 -17.61 -15.03 36.68
N VAL B 203 -17.66 -15.45 35.43
CA VAL B 203 -18.88 -15.29 34.65
C VAL B 203 -20.06 -15.98 35.33
N ASP B 204 -19.90 -17.25 35.68
CA ASP B 204 -20.99 -17.97 36.37
C ASP B 204 -21.45 -17.27 37.66
N CYS B 205 -20.50 -16.75 38.40
CA CYS B 205 -20.80 -16.04 39.63
C CYS B 205 -21.63 -14.75 39.37
N VAL B 206 -21.18 -13.96 38.42
CA VAL B 206 -21.84 -12.69 38.08
C VAL B 206 -23.28 -12.91 37.56
N LYS B 207 -23.41 -13.80 36.58
CA LYS B 207 -24.69 -14.12 35.96
C LYS B 207 -25.68 -14.72 36.98
N ASN B 208 -25.16 -15.40 37.99
CA ASN B 208 -26.03 -15.95 39.04
C ASN B 208 -26.67 -14.85 39.89
N ILE B 209 -26.06 -13.66 39.94
CA ILE B 209 -26.63 -12.53 40.67
C ILE B 209 -27.60 -11.82 39.73
N ARG B 210 -27.14 -11.42 38.54
CA ARG B 210 -27.99 -10.83 37.50
C ARG B 210 -27.53 -11.26 36.10
N LYS B 211 -28.40 -11.97 35.39
CA LYS B 211 -28.13 -12.48 34.05
C LYS B 211 -27.85 -11.37 33.01
N ASP B 212 -28.38 -10.17 33.22
CA ASP B 212 -28.18 -9.07 32.27
C ASP B 212 -26.84 -8.33 32.38
N ILE B 213 -26.00 -8.65 33.38
CA ILE B 213 -24.70 -7.97 33.51
C ILE B 213 -23.78 -8.39 32.35
N ILE B 214 -23.24 -7.42 31.63
CA ILE B 214 -22.33 -7.73 30.54
C ILE B 214 -20.98 -8.16 31.14
N CYS B 215 -20.53 -9.35 30.76
CA CYS B 215 -19.22 -9.83 31.18
C CYS B 215 -18.23 -9.55 30.05
N PHE B 216 -17.36 -8.56 30.29
CA PHE B 216 -16.36 -8.10 29.33
C PHE B 216 -14.94 -8.53 29.71
N VAL B 217 -14.24 -9.19 28.79
CA VAL B 217 -12.87 -9.61 29.04
C VAL B 217 -11.86 -8.94 28.11
N ASP B 218 -10.84 -8.38 28.74
CA ASP B 218 -9.65 -7.84 28.07
C ASP B 218 -8.83 -9.08 27.82
N ASN B 219 -8.80 -9.51 26.57
CA ASN B 219 -8.18 -10.75 26.17
C ASN B 219 -6.74 -10.63 25.67
N CYS B 220 -6.19 -9.42 25.65
CA CYS B 220 -4.82 -9.20 25.19
C CYS B 220 -3.81 -10.20 25.76
N TYR B 221 -3.02 -10.79 24.86
CA TYR B 221 -1.98 -11.78 25.17
C TYR B 221 -2.42 -13.21 25.46
N GLY B 222 -3.72 -13.44 25.56
CA GLY B 222 -4.26 -14.76 25.86
C GLY B 222 -4.75 -15.55 24.67
N GLU B 223 -4.78 -14.92 23.48
CA GLU B 223 -5.32 -15.60 22.31
C GLU B 223 -4.50 -16.84 21.97
N PHE B 224 -5.20 -17.94 21.75
CA PHE B 224 -4.61 -19.24 21.41
C PHE B 224 -3.71 -19.92 22.49
N ASP B 226 -5.08 -21.53 24.94
CA ASP B 226 -5.87 -22.69 25.29
C ASP B 226 -6.72 -22.97 24.07
N THR B 227 -7.42 -24.10 24.07
CA THR B 227 -8.30 -24.46 22.98
C THR B 227 -9.61 -23.67 23.09
N LYS B 228 -9.88 -23.11 24.27
CA LYS B 228 -11.03 -22.23 24.48
C LYS B 228 -10.61 -20.78 24.67
N GLU B 229 -11.54 -19.88 24.40
CA GLU B 229 -11.35 -18.44 24.63
C GLU B 229 -12.43 -18.03 25.64
N PRO B 230 -12.36 -16.79 26.16
CA PRO B 230 -13.35 -16.42 27.18
C PRO B 230 -14.79 -16.45 26.67
N THR B 231 -14.97 -16.28 25.37
CA THR B 231 -16.29 -16.32 24.75
C THR B 231 -16.88 -17.74 24.76
N ASP B 232 -16.05 -18.76 24.96
CA ASP B 232 -16.49 -20.14 25.05
C ASP B 232 -16.93 -20.45 26.48
N VAL B 233 -16.65 -19.57 27.44
CA VAL B 233 -17.08 -19.80 28.83
C VAL B 233 -18.01 -18.69 29.37
N GLY B 234 -18.75 -18.06 28.47
CA GLY B 234 -19.78 -17.08 28.83
C GLY B 234 -19.50 -15.59 28.73
N ALA B 235 -18.34 -15.19 28.21
CA ALA B 235 -18.04 -13.77 28.06
C ALA B 235 -18.98 -13.21 27.00
N ASP B 236 -19.55 -12.04 27.25
CA ASP B 236 -20.43 -11.39 26.30
C ASP B 236 -19.63 -10.62 25.27
N LEU B 237 -18.43 -10.23 25.65
CA LEU B 237 -17.60 -9.39 24.78
C LEU B 237 -16.16 -9.49 25.24
N ILE B 238 -15.25 -9.52 24.27
CA ILE B 238 -13.83 -9.55 24.52
C ILE B 238 -13.21 -8.57 23.57
N ALA B 239 -12.01 -8.10 23.91
CA ALA B 239 -11.30 -7.18 23.05
C ALA B 239 -9.83 -7.45 23.13
N GLY B 240 -9.12 -7.09 22.06
CA GLY B 240 -7.67 -7.20 22.00
C GLY B 240 -7.02 -6.41 20.87
N SER B 241 -5.69 -6.45 20.86
CA SER B 241 -4.83 -5.75 19.88
C SER B 241 -4.32 -6.69 18.77
N LEU B 242 -4.37 -6.22 17.52
CA LEU B 242 -3.88 -7.02 16.41
C LEU B 242 -2.33 -7.02 16.30
N ILE B 243 -1.63 -6.26 17.13
CA ILE B 243 -0.18 -6.34 17.13
C ILE B 243 0.35 -7.20 18.29
N LYS B 244 -0.55 -7.94 18.96
CA LYS B 244 -0.17 -8.93 19.95
CA LYS B 244 -0.16 -8.93 19.93
C LYS B 244 -0.44 -10.27 19.26
N ASN B 245 -0.76 -11.32 20.01
CA ASN B 245 -0.94 -12.69 19.47
C ASN B 245 -1.71 -12.86 18.16
N ILE B 246 -2.95 -12.38 18.12
CA ILE B 246 -3.87 -12.69 17.01
C ILE B 246 -3.53 -12.12 15.67
N GLY B 247 -2.64 -11.14 15.64
CA GLY B 247 -2.12 -10.60 14.38
C GLY B 247 -1.02 -11.48 13.77
N GLY B 248 -0.55 -12.48 14.52
CA GLY B 248 0.44 -13.45 14.04
C GLY B 248 1.75 -12.86 13.58
N GLY B 249 2.08 -11.70 14.14
CA GLY B 249 3.30 -10.99 13.81
C GLY B 249 3.25 -10.24 12.48
N ILE B 250 2.12 -10.25 11.77
CA ILE B 250 2.07 -9.56 10.47
C ILE B 250 0.95 -8.50 10.29
N ALA B 251 -0.11 -8.55 11.06
CA ALA B 251 -1.11 -7.48 11.03
C ALA B 251 -0.34 -6.18 11.39
N PRO B 252 -0.48 -5.14 10.60
CA PRO B 252 0.31 -3.94 10.85
C PRO B 252 -0.19 -2.99 11.95
N THR B 253 -1.48 -3.09 12.32
CA THR B 253 -2.07 -2.30 13.39
C THR B 253 -3.50 -2.79 13.60
N GLY B 254 -4.25 -2.14 14.49
CA GLY B 254 -5.65 -2.49 14.67
C GLY B 254 -6.03 -3.20 15.93
N GLY B 255 -7.32 -3.50 16.02
CA GLY B 255 -7.87 -4.22 17.15
C GLY B 255 -9.07 -5.05 16.77
N TYR B 256 -9.48 -5.90 17.69
CA TYR B 256 -10.66 -6.70 17.47
C TYR B 256 -11.51 -6.73 18.74
N LEU B 257 -12.78 -7.02 18.52
CA LEU B 257 -13.69 -7.38 19.59
C LEU B 257 -14.54 -8.51 19.03
N ALA B 258 -15.00 -9.38 19.92
CA ALA B 258 -15.85 -10.48 19.51
C ALA B 258 -16.88 -10.63 20.61
N GLY B 259 -18.12 -10.92 20.23
CA GLY B 259 -19.16 -11.06 21.23
C GLY B 259 -20.57 -10.99 20.68
N THR B 260 -21.50 -10.65 21.55
CA THR B 260 -22.89 -10.55 21.13
C THR B 260 -23.06 -9.43 20.13
N LYS B 261 -24.02 -9.60 19.22
CA LYS B 261 -24.29 -8.61 18.19
C LYS B 261 -24.59 -7.25 18.82
N ASP B 262 -25.38 -7.23 19.88
CA ASP B 262 -25.71 -5.97 20.54
C ASP B 262 -24.45 -5.28 21.11
N CYS B 263 -23.58 -6.02 21.82
CA CYS B 263 -22.34 -5.43 22.35
C CYS B 263 -21.37 -4.97 21.26
N ILE B 264 -21.32 -5.69 20.15
CA ILE B 264 -20.42 -5.35 19.04
C ILE B 264 -20.97 -4.12 18.32
N GLU B 265 -22.29 -4.08 18.08
CA GLU B 265 -22.86 -2.89 17.44
C GLU B 265 -22.62 -1.65 18.28
N LYS B 266 -22.90 -1.74 19.59
CA LYS B 266 -22.69 -0.61 20.50
C LYS B 266 -21.23 -0.12 20.52
N THR B 267 -20.27 -1.06 20.49
CA THR B 267 -18.86 -0.69 20.41
C THR B 267 -18.58 0.05 19.08
N SER B 268 -19.14 -0.45 17.96
CA SER B 268 -18.96 0.19 16.65
C SER B 268 -19.40 1.66 16.61
N TYR B 269 -20.47 2.00 17.32
CA TYR B 269 -20.93 3.40 17.35
C TYR B 269 -20.01 4.35 18.14
N ARG B 270 -19.17 3.78 19.01
CA ARG B 270 -18.11 4.53 19.66
C ARG B 270 -16.87 4.59 18.73
N LEU B 271 -16.54 3.51 18.06
CA LEU B 271 -15.41 3.52 17.13
C LEU B 271 -15.63 4.59 16.05
N THR B 272 -16.87 4.73 15.55
CA THR B 272 -17.22 5.77 14.60
C THR B 272 -18.25 6.67 15.33
N VAL B 273 -19.49 6.68 14.84
CA VAL B 273 -20.57 7.44 15.43
C VAL B 273 -21.89 6.66 15.32
N PRO B 274 -22.86 7.00 16.18
CA PRO B 274 -24.21 6.47 16.04
C PRO B 274 -24.75 6.69 14.63
N GLY B 275 -25.35 5.63 14.07
CA GLY B 275 -25.93 5.69 12.73
C GLY B 275 -24.98 5.28 11.66
N ILE B 276 -23.70 5.17 11.96
CA ILE B 276 -22.68 4.69 11.02
C ILE B 276 -22.14 3.33 11.52
N GLY B 277 -21.57 3.31 12.72
CA GLY B 277 -21.03 2.09 13.29
C GLY B 277 -19.99 1.50 12.36
N GLY B 278 -20.06 0.20 12.12
CA GLY B 278 -19.09 -0.50 11.24
C GLY B 278 -19.37 -0.50 9.75
N GLU B 279 -20.44 0.16 9.30
CA GLU B 279 -20.79 0.16 7.88
C GLU B 279 -19.85 0.94 6.98
N CYS B 280 -19.15 1.92 7.53
CA CYS B 280 -18.16 2.67 6.75
C CYS B 280 -16.80 2.40 7.34
N GLY B 281 -15.79 2.43 6.49
CA GLY B 281 -14.42 2.16 6.93
C GLY B 281 -13.67 1.32 5.92
N SER B 282 -12.95 1.97 5.02
CA SER B 282 -12.12 1.27 4.04
C SER B 282 -10.92 0.74 4.81
N THR B 283 -10.25 -0.25 4.26
CA THR B 283 -9.22 -0.96 5.01
C THR B 283 -7.78 -0.78 4.53
N PHE B 284 -7.51 0.30 3.81
CA PHE B 284 -6.13 0.69 3.46
C PHE B 284 -5.21 -0.35 2.81
N GLY B 285 -5.79 -1.35 2.15
CA GLY B 285 -5.01 -2.42 1.55
C GLY B 285 -4.32 -3.39 2.49
N VAL B 286 -4.71 -3.42 3.77
CA VAL B 286 -4.03 -4.29 4.72
C VAL B 286 -4.84 -5.52 5.17
N VAL B 287 -6.01 -5.72 4.57
CA VAL B 287 -6.88 -6.82 4.97
C VAL B 287 -6.23 -8.18 4.73
N ARG B 288 -5.50 -8.33 3.63
CA ARG B 288 -4.87 -9.64 3.41
C ARG B 288 -3.91 -10.02 4.57
N SER B 289 -3.15 -9.06 5.07
CA SER B 289 -2.21 -9.33 6.15
C SER B 289 -2.93 -9.66 7.45
N TYR B 291 -5.93 -11.33 7.58
CA TYR B 291 -6.36 -12.72 7.38
C TYR B 291 -5.15 -13.65 7.58
N GLN B 292 -4.06 -13.34 6.88
CA GLN B 292 -2.88 -14.19 6.95
C GLN B 292 -2.31 -14.29 8.37
N GLY B 293 -2.33 -13.16 9.10
CA GLY B 293 -1.88 -13.11 10.47
C GLY B 293 -2.70 -13.97 11.40
N LEU B 294 -4.03 -13.94 11.25
CA LEU B 294 -4.90 -14.81 12.07
C LEU B 294 -4.56 -16.28 11.84
N PHE B 295 -4.31 -16.62 10.59
CA PHE B 295 -4.00 -18.00 10.22
C PHE B 295 -2.71 -18.49 10.83
N LEU B 296 -1.74 -17.59 10.95
CA LEU B 296 -0.43 -17.90 11.58
C LEU B 296 -0.46 -17.79 13.09
N ALA B 297 -1.51 -17.15 13.64
CA ALA B 297 -1.52 -16.84 15.08
C ALA B 297 -1.43 -18.03 16.03
N PRO B 298 -2.17 -19.12 15.77
CA PRO B 298 -2.05 -20.26 16.68
C PRO B 298 -0.60 -20.74 16.84
N HIS B 299 0.14 -20.76 15.73
CA HIS B 299 1.53 -21.17 15.69
C HIS B 299 2.47 -20.13 16.34
N ILE B 300 2.42 -18.90 15.84
CA ILE B 300 3.32 -17.83 16.31
C ILE B 300 3.09 -17.62 17.80
N SER B 301 1.83 -17.66 18.23
CA SER B 301 1.50 -17.50 19.68
C SER B 301 2.28 -18.52 20.52
N GLU B 303 5.15 -20.06 19.60
CA GLU B 303 6.57 -19.79 19.49
C GLU B 303 6.94 -18.82 20.61
N ALA B 304 6.12 -17.79 20.81
CA ALA B 304 6.35 -16.79 21.86
C ALA B 304 6.25 -17.42 23.25
N LEU B 305 5.25 -18.28 23.43
CA LEU B 305 5.07 -18.89 24.74
C LEU B 305 6.23 -19.83 25.10
N LYS B 306 6.74 -20.58 24.12
CA LYS B 306 7.93 -21.43 24.32
C LYS B 306 9.14 -20.58 24.75
N GLY B 307 9.23 -19.40 24.16
CA GLY B 307 10.25 -18.45 24.57
C GLY B 307 10.07 -18.01 26.03
N ALA B 308 8.83 -17.75 26.44
CA ALA B 308 8.53 -17.37 27.82
C ALA B 308 8.91 -18.47 28.82
N ILE B 309 8.61 -19.72 28.46
CA ILE B 309 8.90 -20.86 29.32
C ILE B 309 10.41 -21.05 29.46
N LEU B 310 11.14 -20.95 28.35
CA LEU B 310 12.59 -21.02 28.38
C LEU B 310 13.16 -19.88 29.26
N CYS B 311 12.65 -18.68 29.06
CA CYS B 311 13.10 -17.53 29.83
C CYS B 311 12.87 -17.82 31.32
N SER B 312 11.68 -18.32 31.66
CA SER B 312 11.38 -18.66 33.06
C SER B 312 12.43 -19.59 33.67
N ARG B 313 12.68 -20.72 33.00
CA ARG B 313 13.58 -21.70 33.58
C ARG B 313 15.05 -21.25 33.55
N ILE B 314 15.52 -20.67 32.45
CA ILE B 314 16.93 -20.23 32.40
C ILE B 314 17.24 -19.13 33.45
N GLU B 316 15.49 -18.61 36.27
CA GLU B 316 15.37 -19.26 37.58
C GLU B 316 16.68 -19.97 37.94
N LEU B 317 17.21 -20.74 36.99
CA LEU B 317 18.48 -21.46 37.19
C LEU B 317 19.62 -20.49 37.44
N ALA B 318 19.58 -19.35 36.75
CA ALA B 318 20.58 -18.27 36.89
C ALA B 318 20.54 -17.63 38.28
N GLY B 319 19.39 -17.71 38.95
CA GLY B 319 19.25 -17.22 40.32
C GLY B 319 18.23 -16.12 40.55
N PHE B 320 17.42 -15.80 39.55
CA PHE B 320 16.41 -14.76 39.68
C PHE B 320 15.02 -15.34 39.98
N GLU B 321 14.20 -14.60 40.72
CA GLU B 321 12.83 -15.01 40.95
C GLU B 321 12.08 -14.75 39.66
N VAL B 322 11.18 -15.67 39.31
CA VAL B 322 10.42 -15.58 38.09
C VAL B 322 8.94 -15.85 38.38
N PRO B 324 5.47 -16.50 35.82
CA PRO B 324 5.27 -17.79 36.50
C PRO B 324 6.48 -18.71 36.34
N LYS B 325 6.40 -19.90 36.94
CA LYS B 325 7.44 -20.91 36.84
C LYS B 325 7.24 -21.65 35.52
N TYR B 326 8.27 -22.38 35.10
CA TYR B 326 8.29 -23.04 33.78
C TYR B 326 7.22 -24.10 33.58
N ASP B 327 6.76 -24.67 34.69
CA ASP B 327 5.79 -25.74 34.67
C ASP B 327 4.38 -25.36 35.14
N GLU B 328 4.05 -24.08 35.20
CA GLU B 328 2.70 -23.67 35.56
C GLU B 328 1.89 -23.48 34.30
N LYS B 329 0.57 -23.62 34.44
CA LYS B 329 -0.37 -23.44 33.33
CA LYS B 329 -0.33 -23.43 33.31
C LYS B 329 -0.43 -21.93 33.04
N ARG B 330 -0.24 -21.55 31.78
CA ARG B 330 -0.23 -20.16 31.36
C ARG B 330 -1.46 -19.72 30.61
N SER B 331 -1.89 -18.48 30.84
CA SER B 331 -3.04 -17.91 30.13
C SER B 331 -2.65 -16.68 29.33
N ASP B 332 -1.34 -16.43 29.23
CA ASP B 332 -0.80 -15.36 28.37
C ASP B 332 0.66 -15.67 28.03
N ILE B 333 1.27 -14.86 27.18
CA ILE B 333 2.64 -15.10 26.75
C ILE B 333 3.71 -14.37 27.56
N ILE B 334 3.32 -13.72 28.64
CA ILE B 334 4.27 -12.86 29.35
C ILE B 334 5.06 -13.62 30.41
N GLN B 335 6.37 -13.33 30.51
CA GLN B 335 7.22 -13.88 31.54
C GLN B 335 7.81 -12.74 32.35
N SER B 336 7.64 -12.77 33.68
CA SER B 336 8.15 -11.73 34.56
CA SER B 336 8.21 -11.71 34.50
C SER B 336 9.40 -12.22 35.28
N ILE B 337 10.38 -11.32 35.47
CA ILE B 337 11.64 -11.62 36.14
CA ILE B 337 11.62 -11.62 36.18
C ILE B 337 11.89 -10.50 37.18
N LYS B 338 12.01 -10.85 38.46
CA LYS B 338 12.26 -9.90 39.52
C LYS B 338 13.77 -9.83 39.67
N PHE B 339 14.37 -8.71 39.28
CA PHE B 339 15.81 -8.54 39.39
C PHE B 339 16.24 -8.05 40.77
N ASN B 340 15.42 -7.23 41.43
CA ASN B 340 15.78 -6.63 42.73
C ASN B 340 17.13 -5.93 42.61
N ASP B 341 17.26 -5.19 41.50
CA ASP B 341 18.49 -4.51 41.10
C ASP B 341 18.18 -3.74 39.81
N LYS B 342 18.17 -2.42 39.92
CA LYS B 342 17.84 -1.54 38.79
C LYS B 342 18.86 -1.68 37.65
N ASP B 343 20.11 -1.91 37.98
CA ASP B 343 21.15 -2.04 36.94
C ASP B 343 20.95 -3.31 36.09
N LYS B 344 20.81 -4.48 36.74
CA LYS B 344 20.60 -5.72 36.00
C LYS B 344 19.37 -5.58 35.14
N LEU B 345 18.34 -4.92 35.67
CA LEU B 345 17.13 -4.72 34.93
C LEU B 345 17.33 -3.99 33.61
N ILE B 346 17.84 -2.77 33.64
CA ILE B 346 17.97 -1.97 32.40
C ILE B 346 18.95 -2.66 31.43
N GLU B 347 20.02 -3.22 31.97
CA GLU B 347 20.94 -3.99 31.18
C GLU B 347 20.29 -5.20 30.48
N PHE B 348 19.36 -5.86 31.16
CA PHE B 348 18.68 -7.00 30.55
C PHE B 348 17.87 -6.54 29.35
N CYS B 349 17.11 -5.46 29.53
CA CYS B 349 16.27 -4.92 28.48
C CYS B 349 17.12 -4.44 27.31
N LYS B 350 18.31 -3.91 27.62
CA LYS B 350 19.21 -3.45 26.57
C LYS B 350 19.69 -4.66 25.77
N GLY B 351 19.95 -5.76 26.47
CA GLY B 351 20.33 -7.01 25.84
C GLY B 351 19.28 -7.47 24.86
N ILE B 352 18.01 -7.40 25.26
CA ILE B 352 16.91 -7.78 24.38
C ILE B 352 16.87 -6.91 23.13
N GLN B 353 17.09 -5.61 23.27
CA GLN B 353 17.07 -4.71 22.08
C GLN B 353 18.21 -5.16 21.12
N THR B 354 19.39 -5.42 21.66
CA THR B 354 20.54 -5.86 20.86
C THR B 354 20.35 -7.25 20.22
N GLY B 355 19.41 -8.04 20.75
CA GLY B 355 19.06 -9.34 20.16
C GLY B 355 17.96 -9.25 19.09
N SER B 356 17.54 -8.03 18.75
CA SER B 356 16.44 -7.86 17.79
C SER B 356 16.92 -7.59 16.36
N PRO B 357 16.08 -7.93 15.36
CA PRO B 357 16.48 -7.72 13.98
C PRO B 357 16.45 -6.27 13.54
N ILE B 358 15.48 -5.51 14.06
CA ILE B 358 15.29 -4.12 13.68
C ILE B 358 15.73 -3.19 14.82
N ASP B 359 16.44 -2.12 14.49
CA ASP B 359 16.92 -1.17 15.50
C ASP B 359 17.75 -1.79 16.62
N SER B 360 18.55 -2.81 16.29
CA SER B 360 19.39 -3.50 17.26
C SER B 360 20.44 -2.61 17.90
N PHE B 361 20.76 -1.50 17.25
CA PHE B 361 21.80 -0.57 17.68
C PHE B 361 21.28 0.60 18.52
N VAL B 362 19.96 0.76 18.57
CA VAL B 362 19.34 1.80 19.39
C VAL B 362 19.50 1.36 20.83
N SER B 363 20.06 2.19 21.70
CA SER B 363 20.16 1.84 23.12
C SER B 363 18.87 2.30 23.77
N CYS B 364 18.05 1.38 24.25
CA CYS B 364 16.76 1.77 24.80
C CYS B 364 16.93 2.29 26.22
N GLU B 365 16.05 3.24 26.54
CA GLU B 365 16.09 3.95 27.81
C GLU B 365 14.64 4.20 28.28
N PRO B 366 14.47 4.54 29.58
CA PRO B 366 13.11 4.81 30.05
C PRO B 366 12.48 6.00 29.38
N TRP B 367 11.18 5.97 29.10
CA TRP B 367 10.55 7.15 28.55
C TRP B 367 9.09 7.32 29.00
N ASP B 368 8.58 8.53 28.79
CA ASP B 368 7.22 8.90 29.17
C ASP B 368 6.26 8.34 28.13
N PRO B 370 2.88 7.08 26.50
CA PRO B 370 1.45 7.41 26.57
C PRO B 370 0.61 6.35 27.30
N GLY B 371 0.01 6.78 28.42
CA GLY B 371 -0.86 5.94 29.25
C GLY B 371 -0.27 5.38 30.53
N TYR B 372 0.96 5.74 30.89
CA TYR B 372 1.58 5.19 32.10
C TYR B 372 1.99 6.25 33.12
N THR B 373 2.08 5.83 34.39
CA THR B 373 2.45 6.73 35.49
C THR B 373 3.94 6.93 35.56
N ASP B 374 4.67 5.86 35.87
CA ASP B 374 6.13 5.90 35.94
C ASP B 374 6.73 5.74 34.55
N GLN B 375 8.04 5.97 34.48
CA GLN B 375 8.76 5.77 33.24
C GLN B 375 9.10 4.30 33.09
N VAL B 376 8.85 3.82 31.88
CA VAL B 376 9.09 2.45 31.51
C VAL B 376 10.14 2.40 30.40
N ILE B 377 10.99 1.38 30.47
CA ILE B 377 11.98 1.11 29.46
C ILE B 377 11.39 -0.02 28.62
N ALA B 379 12.19 -2.67 25.24
CA ALA B 379 13.03 -3.21 24.19
C ALA B 379 12.00 -3.54 23.12
N ALA B 380 12.13 -2.95 21.93
CA ALA B 380 11.14 -3.21 20.88
C ALA B 380 11.70 -3.14 19.43
N GLY B 381 12.75 -3.89 19.14
CA GLY B 381 13.35 -3.89 17.80
C GLY B 381 12.51 -4.72 16.86
N ALA B 382 11.45 -4.11 16.34
CA ALA B 382 10.41 -4.84 15.62
C ALA B 382 10.08 -4.40 14.19
N PHE B 383 9.55 -5.32 13.40
CA PHE B 383 9.07 -5.02 12.06
C PHE B 383 7.81 -4.11 12.16
N ILE B 384 6.96 -4.39 13.15
CA ILE B 384 5.75 -3.63 13.39
C ILE B 384 5.97 -2.90 14.72
N GLN B 385 5.93 -1.55 14.66
CA GLN B 385 6.30 -0.71 15.82
C GLN B 385 5.45 -0.97 17.06
N GLY B 386 6.12 -1.36 18.13
CA GLY B 386 5.43 -1.65 19.39
C GLY B 386 4.80 -3.04 19.50
N SER B 387 4.95 -3.87 18.47
CA SER B 387 4.38 -5.20 18.51
C SER B 387 4.99 -5.98 19.67
N SER B 388 4.16 -6.59 20.50
CA SER B 388 4.67 -7.39 21.62
C SER B 388 4.55 -8.90 21.38
N ILE B 389 4.16 -9.28 20.16
CA ILE B 389 4.24 -10.68 19.75
C ILE B 389 5.64 -10.88 19.13
N GLU B 390 6.33 -9.79 18.82
CA GLU B 390 7.75 -9.84 18.42
C GLU B 390 8.53 -9.72 19.71
N LEU B 391 9.73 -10.32 19.77
CA LEU B 391 10.54 -10.30 20.98
C LEU B 391 10.65 -8.88 21.49
N SER B 392 10.29 -8.70 22.76
CA SER B 392 10.29 -7.38 23.39
C SER B 392 10.37 -7.57 24.90
N ALA B 393 10.69 -6.50 25.60
CA ALA B 393 10.77 -6.51 27.05
C ALA B 393 10.43 -5.12 27.54
N ASP B 394 9.68 -5.03 28.64
CA ASP B 394 9.36 -3.73 29.24
C ASP B 394 9.37 -3.80 30.76
N ALA B 395 9.70 -2.67 31.39
CA ALA B 395 9.90 -2.66 32.84
C ALA B 395 9.79 -1.30 33.49
N PRO B 396 8.67 -1.04 34.24
CA PRO B 396 8.52 0.20 35.01
C PRO B 396 9.71 0.37 35.92
N ILE B 397 10.27 1.58 35.97
CA ILE B 397 11.46 1.79 36.81
C ILE B 397 11.07 2.04 38.28
N ARG B 398 11.02 0.95 39.05
CA ARG B 398 10.64 1.00 40.46
C ARG B 398 10.92 -0.35 41.08
N GLU B 399 11.03 -0.37 42.41
CA GLU B 399 11.27 -1.61 43.14
C GLU B 399 10.02 -2.47 43.02
N PRO B 400 10.20 -3.80 42.98
CA PRO B 400 11.43 -4.60 43.06
C PRO B 400 12.13 -4.82 41.69
N TYR B 401 11.87 -3.96 40.71
CA TYR B 401 12.52 -4.01 39.39
C TYR B 401 12.21 -5.31 38.66
N ILE B 402 10.96 -5.40 38.22
CA ILE B 402 10.46 -6.54 37.49
C ILE B 402 10.50 -6.19 36.01
N ALA B 403 11.00 -7.13 35.19
CA ALA B 403 11.02 -6.99 33.73
C ALA B 403 9.95 -7.93 33.21
N TYR B 404 9.27 -7.52 32.14
CA TYR B 404 8.23 -8.32 31.51
C TYR B 404 8.69 -8.60 30.09
N LEU B 405 8.88 -9.87 29.76
CA LEU B 405 9.42 -10.31 28.48
C LEU B 405 8.30 -11.05 27.78
N GLN B 406 8.11 -10.76 26.50
CA GLN B 406 7.11 -11.44 25.72
C GLN B 406 7.45 -11.34 24.25
N GLY B 407 6.95 -12.30 23.49
CA GLY B 407 7.11 -12.28 22.05
C GLY B 407 8.23 -13.15 21.57
N GLY B 408 8.29 -13.28 20.24
CA GLY B 408 9.25 -14.11 19.57
C GLY B 408 8.56 -14.70 18.37
N LEU B 409 8.83 -14.15 17.18
CA LEU B 409 8.19 -14.64 15.95
C LEU B 409 8.52 -16.10 15.73
N THR B 410 9.73 -16.48 16.14
CA THR B 410 10.18 -17.88 16.19
C THR B 410 10.80 -18.14 17.57
N PHE B 411 10.71 -19.37 18.04
CA PHE B 411 11.30 -19.75 19.33
C PHE B 411 12.85 -19.58 19.28
N ASP B 412 13.43 -19.90 18.14
CA ASP B 412 14.86 -19.70 17.92
C ASP B 412 15.25 -18.25 18.13
N HIS B 413 14.46 -17.29 17.60
CA HIS B 413 14.80 -15.90 17.86
C HIS B 413 14.66 -15.53 19.36
N ALA B 414 13.55 -15.91 20.00
CA ALA B 414 13.39 -15.59 21.41
C ALA B 414 14.57 -16.17 22.19
N LYS B 415 14.96 -17.41 21.86
CA LYS B 415 16.11 -18.07 22.48
C LYS B 415 17.41 -17.25 22.34
N ILE B 416 17.72 -16.84 21.12
CA ILE B 416 18.96 -16.10 20.86
C ILE B 416 18.96 -14.79 21.66
N GLY B 417 17.83 -14.08 21.66
CA GLY B 417 17.71 -12.84 22.44
C GLY B 417 17.90 -13.01 23.93
N ILE B 418 17.33 -14.09 24.47
CA ILE B 418 17.42 -14.39 25.90
C ILE B 418 18.88 -14.65 26.25
N LEU B 419 19.57 -15.41 25.40
CA LEU B 419 20.99 -15.71 25.63
C LEU B 419 21.87 -14.44 25.62
N ILE B 420 21.64 -13.56 24.64
CA ILE B 420 22.33 -12.30 24.50
C ILE B 420 22.12 -11.47 25.76
N ALA B 421 20.85 -11.32 26.17
CA ALA B 421 20.48 -10.52 27.33
C ALA B 421 21.07 -11.08 28.63
N LEU B 422 20.90 -12.37 28.86
CA LEU B 422 21.45 -12.98 30.07
C LEU B 422 22.95 -12.88 30.11
N SER B 423 23.61 -13.01 28.97
CA SER B 423 25.08 -12.93 28.95
C SER B 423 25.60 -11.55 29.40
N ARG B 424 24.79 -10.50 29.24
CA ARG B 424 25.19 -9.18 29.76
C ARG B 424 25.21 -9.15 31.29
N ILE B 425 24.41 -9.99 31.95
CA ILE B 425 24.35 -9.95 33.42
C ILE B 425 24.93 -11.19 34.13
N VAL B 426 25.16 -12.29 33.42
CA VAL B 426 25.74 -13.50 34.01
C VAL B 426 26.94 -13.91 33.16
N LYS B 427 28.07 -14.14 33.84
CA LYS B 427 29.35 -14.44 33.17
C LYS B 427 30.16 -15.48 33.91
N GLY C 1 -12.02 27.83 -30.08
CA GLY C 1 -13.24 27.19 -29.50
C GLY C 1 -13.28 25.71 -29.81
N LEU C 3 -13.29 22.20 -31.05
CA LEU C 3 -12.84 21.69 -32.35
C LEU C 3 -13.95 20.94 -33.05
N GLU C 4 -13.87 20.85 -34.37
CA GLU C 4 -14.88 20.12 -35.11
C GLU C 4 -14.78 18.63 -34.74
N SER C 5 -13.57 18.14 -34.46
CA SER C 5 -13.36 16.75 -34.08
C SER C 5 -14.12 16.47 -32.75
N THR C 6 -14.06 17.44 -31.84
CA THR C 6 -14.75 17.33 -30.56
C THR C 6 -16.25 17.27 -30.80
N LYS C 7 -16.79 18.13 -31.66
CA LYS C 7 -18.23 18.17 -31.93
C LYS C 7 -18.69 16.85 -32.51
N GLN C 8 -17.91 16.26 -33.40
CA GLN C 8 -18.27 14.97 -33.98
C GLN C 8 -18.20 13.86 -32.96
N PHE C 9 -17.18 13.89 -32.11
CA PHE C 9 -17.01 12.88 -31.05
C PHE C 9 -18.22 12.96 -30.08
N LEU C 10 -18.58 14.18 -29.66
CA LEU C 10 -19.74 14.37 -28.80
C LEU C 10 -21.07 13.95 -29.45
N LYS C 11 -21.15 14.08 -30.77
CA LYS C 11 -22.33 13.61 -31.48
C LYS C 11 -22.54 12.12 -31.22
N LYS C 12 -21.46 11.38 -30.97
CA LYS C 12 -21.58 9.94 -30.67
C LYS C 12 -22.23 9.71 -29.29
N TYR C 13 -22.22 10.71 -28.42
CA TYR C 13 -22.93 10.60 -27.14
C TYR C 13 -24.34 11.18 -27.24
N ASN C 14 -24.82 11.38 -28.47
CA ASN C 14 -26.15 11.95 -28.74
CA ASN C 14 -26.14 11.94 -28.75
C ASN C 14 -26.29 13.41 -28.34
N ILE C 15 -25.15 14.12 -28.24
CA ILE C 15 -25.18 15.54 -27.93
C ILE C 15 -25.63 16.22 -29.23
N ASN C 16 -26.61 17.10 -29.10
CA ASN C 16 -27.25 17.73 -30.24
C ASN C 16 -26.94 19.21 -30.32
N ASP C 17 -27.29 19.80 -31.45
CA ASP C 17 -26.97 21.20 -31.74
C ASP C 17 -27.59 22.22 -30.82
N ARG C 18 -28.81 21.97 -30.37
CA ARG C 18 -29.48 22.91 -29.45
CA ARG C 18 -29.46 22.93 -29.46
C ARG C 18 -28.68 22.98 -28.14
N VAL C 19 -28.24 21.82 -27.66
CA VAL C 19 -27.43 21.75 -26.43
C VAL C 19 -26.09 22.45 -26.67
N LEU C 20 -25.48 22.24 -27.84
CA LEU C 20 -24.22 22.94 -28.15
C LEU C 20 -24.41 24.48 -28.22
N LYS C 21 -25.57 24.96 -28.66
CA LYS C 21 -25.87 26.40 -28.71
C LYS C 21 -26.03 26.97 -27.31
N LEU C 22 -26.80 26.27 -26.48
CA LEU C 22 -26.94 26.63 -25.08
C LEU C 22 -25.56 26.69 -24.42
N TYR C 23 -24.72 25.71 -24.75
CA TYR C 23 -23.38 25.60 -24.22
C TYR C 23 -22.51 26.80 -24.58
N GLU C 24 -22.51 27.18 -25.86
CA GLU C 24 -21.68 28.31 -26.29
C GLU C 24 -22.11 29.60 -25.60
N THR C 25 -23.41 29.81 -25.45
CA THR C 25 -23.93 31.00 -24.76
C THR C 25 -23.51 31.04 -23.29
N ALA C 26 -23.66 29.90 -22.61
CA ALA C 26 -23.32 29.78 -21.20
C ALA C 26 -21.84 30.02 -20.96
N ASN C 28 -19.86 31.85 -22.79
CA ASN C 28 -19.64 33.29 -22.95
CA ASN C 28 -19.62 33.28 -22.96
C ASN C 28 -20.03 34.04 -21.69
N ASP C 29 -21.19 33.69 -21.13
CA ASP C 29 -21.70 34.36 -19.94
C ASP C 29 -20.88 34.20 -18.68
N ILE C 30 -20.26 33.05 -18.50
CA ILE C 30 -19.57 32.72 -17.23
C ILE C 30 -18.06 33.04 -17.18
N GLN C 31 -17.48 33.49 -18.30
CA GLN C 31 -16.05 33.74 -18.33
C GLN C 31 -15.59 34.73 -17.27
N ASN C 32 -16.35 35.80 -16.99
CA ASN C 32 -15.92 36.68 -15.90
C ASN C 32 -15.97 36.00 -14.53
N GLN C 33 -16.96 35.15 -14.26
CA GLN C 33 -16.96 34.42 -12.97
C GLN C 33 -15.76 33.53 -12.90
N PHE C 34 -15.39 32.89 -14.00
CA PHE C 34 -14.22 32.02 -14.00
C PHE C 34 -12.95 32.78 -13.63
N LYS C 35 -12.82 34.01 -14.12
CA LYS C 35 -11.65 34.81 -13.78
C LYS C 35 -11.57 35.14 -12.29
N ILE C 36 -12.72 35.35 -11.66
CA ILE C 36 -12.79 35.63 -10.22
C ILE C 36 -12.31 34.39 -9.47
N LEU C 37 -12.76 33.22 -9.91
CA LEU C 37 -12.34 31.99 -9.31
C LEU C 37 -10.83 31.83 -9.49
N ASP C 38 -10.28 32.16 -10.66
CA ASP C 38 -8.83 32.04 -10.85
C ASP C 38 -8.02 32.89 -9.88
N ASP C 39 -8.54 34.07 -9.52
CA ASP C 39 -7.86 34.95 -8.59
C ASP C 39 -7.82 34.36 -7.20
N ILE C 40 -8.92 33.74 -6.77
CA ILE C 40 -9.00 33.11 -5.47
C ILE C 40 -8.09 31.87 -5.46
N ARG C 41 -8.13 31.08 -6.53
CA ARG C 41 -7.33 29.85 -6.63
C ARG C 41 -5.83 30.13 -6.53
N GLU C 42 -5.39 31.19 -7.19
CA GLU C 42 -4.00 31.61 -7.18
C GLU C 42 -3.57 31.89 -5.75
N PHE C 43 -4.38 32.64 -5.02
CA PHE C 43 -4.09 32.92 -3.61
C PHE C 43 -3.99 31.64 -2.79
N ASN C 44 -4.97 30.76 -2.96
CA ASN C 44 -5.03 29.52 -2.17
C ASN C 44 -3.87 28.55 -2.47
N GLN C 45 -3.48 28.48 -3.74
CA GLN C 45 -2.33 27.65 -4.10
C GLN C 45 -1.08 28.12 -3.35
N LEU C 46 -0.87 29.44 -3.32
CA LEU C 46 0.25 30.04 -2.62
C LEU C 46 0.16 29.76 -1.11
N LYS C 47 -1.03 29.89 -0.54
CA LYS C 47 -1.28 29.61 0.88
C LYS C 47 -0.86 28.17 1.24
N VAL C 48 -1.29 27.23 0.44
CA VAL C 48 -0.90 25.83 0.66
C VAL C 48 0.58 25.62 0.48
N LEU C 49 1.14 26.16 -0.60
CA LEU C 49 2.58 26.05 -0.85
C LEU C 49 3.36 26.58 0.34
N ASN C 50 2.96 27.74 0.86
CA ASN C 50 3.64 28.38 1.98
C ASN C 50 3.62 27.51 3.23
N ALA C 51 2.47 26.87 3.47
CA ALA C 51 2.29 25.97 4.61
C ALA C 51 3.27 24.80 4.50
N PHE C 52 3.44 24.22 3.31
CA PHE C 52 4.45 23.16 3.11
C PHE C 52 5.88 23.64 3.42
N GLN C 53 6.21 24.81 2.91
CA GLN C 53 7.55 25.35 3.04
C GLN C 53 7.89 25.71 4.47
N GLU C 54 6.92 26.28 5.19
CA GLU C 54 7.14 26.62 6.60
C GLU C 54 7.39 25.38 7.46
N GLU C 55 6.78 24.27 7.08
CA GLU C 55 7.03 23.00 7.79
C GLU C 55 8.21 22.21 7.21
N ARG C 56 8.91 22.78 6.24
CA ARG C 56 10.07 22.16 5.62
CA ARG C 56 10.08 22.15 5.64
C ARG C 56 9.79 20.70 5.24
N ILE C 57 8.65 20.50 4.55
CA ILE C 57 8.27 19.16 4.15
C ILE C 57 9.32 18.60 3.17
N SER C 58 9.71 17.35 3.42
CA SER C 58 10.69 16.62 2.65
C SER C 58 10.17 15.22 2.37
N GLU C 59 10.91 14.47 1.56
CA GLU C 59 10.53 13.07 1.28
C GLU C 59 10.48 12.24 2.54
N ALA C 60 11.22 12.64 3.56
CA ALA C 60 11.19 11.97 4.85
C ALA C 60 9.81 12.04 5.52
N HIS C 61 8.98 13.01 5.17
CA HIS C 61 7.64 13.06 5.73
C HIS C 61 6.68 12.08 5.04
N PHE C 62 7.12 11.44 3.97
CA PHE C 62 6.27 10.45 3.31
C PHE C 62 6.53 9.14 4.01
N THR C 63 6.03 9.03 5.23
CA THR C 63 6.29 7.87 6.07
C THR C 63 5.40 6.68 5.71
N ASN C 64 5.78 5.53 6.28
CA ASN C 64 5.07 4.28 6.19
C ASN C 64 5.03 3.69 7.62
N SER C 65 4.40 4.43 8.54
CA SER C 65 4.33 4.01 9.95
C SER C 65 3.51 2.73 10.12
N SER C 66 3.80 2.04 11.22
CA SER C 66 3.13 0.81 11.57
C SER C 66 2.88 0.81 13.06
N GLY C 67 2.13 -0.20 13.50
CA GLY C 67 1.78 -0.38 14.89
C GLY C 67 1.21 0.89 15.48
N TYR C 68 1.73 1.27 16.65
CA TYR C 68 1.29 2.46 17.38
C TYR C 68 1.44 3.76 16.63
N GLY C 69 2.37 3.85 15.69
CA GLY C 69 2.62 5.09 14.98
C GLY C 69 3.26 6.16 15.84
N TYR C 70 3.99 5.79 16.89
CA TYR C 70 4.62 6.78 17.76
C TYR C 70 5.66 7.56 16.96
N GLY C 71 5.64 8.88 17.06
CA GLY C 71 6.63 9.71 16.39
C GLY C 71 6.59 9.67 14.87
N ASP C 72 5.42 9.43 14.30
CA ASP C 72 5.24 9.44 12.87
C ASP C 72 5.35 10.92 12.42
N ILE C 73 6.52 11.33 11.91
CA ILE C 73 6.72 12.74 11.50
C ILE C 73 5.86 13.13 10.31
N GLY C 74 5.54 12.17 9.45
CA GLY C 74 4.68 12.41 8.31
C GLY C 74 3.30 12.87 8.75
N ARG C 75 2.70 12.13 9.68
CA ARG C 75 1.40 12.42 10.22
C ARG C 75 1.44 13.74 11.01
N ASP C 76 2.44 13.86 11.90
CA ASP C 76 2.59 15.07 12.73
C ASP C 76 2.76 16.37 11.92
N SER C 77 3.58 16.32 10.87
CA SER C 77 3.82 17.49 10.04
C SER C 77 2.59 17.84 9.15
N LEU C 78 1.81 16.83 8.79
CA LEU C 78 0.63 17.05 7.98
C LEU C 78 -0.38 17.82 8.84
N ASP C 79 -0.48 17.48 10.14
CA ASP C 79 -1.36 18.22 11.03
C ASP C 79 -0.87 19.66 11.08
N ALA C 80 0.44 19.86 11.21
CA ALA C 80 1.03 21.20 11.25
C ALA C 80 0.81 22.00 9.97
N VAL C 81 0.89 21.34 8.80
CA VAL C 81 0.59 21.97 7.50
C VAL C 81 -0.88 22.44 7.46
N TYR C 82 -1.81 21.56 7.79
CA TYR C 82 -3.25 21.93 7.84
C TYR C 82 -3.48 23.09 8.81
N ALA C 83 -2.84 23.07 9.99
CA ALA C 83 -2.99 24.18 10.96
C ALA C 83 -2.51 25.51 10.35
N ARG C 84 -1.45 25.47 9.55
CA ARG C 84 -0.97 26.68 8.92
C ARG C 84 -1.97 27.13 7.86
N VAL C 85 -2.47 26.21 7.04
CA VAL C 85 -3.42 26.56 5.98
C VAL C 85 -4.65 27.24 6.57
N PHE C 86 -5.17 26.69 7.66
CA PHE C 86 -6.38 27.22 8.29
C PHE C 86 -6.13 28.29 9.36
N ASN C 87 -4.86 28.61 9.60
CA ASN C 87 -4.42 29.58 10.60
C ASN C 87 -5.00 29.24 11.96
N THR C 88 -4.85 27.99 12.38
CA THR C 88 -5.30 27.54 13.69
C THR C 88 -4.11 27.12 14.51
N GLU C 89 -4.32 27.01 15.82
CA GLU C 89 -3.30 26.51 16.70
C GLU C 89 -2.92 25.05 16.39
N SER C 90 -3.92 24.21 16.15
CA SER C 90 -3.72 22.79 15.95
C SER C 90 -4.62 22.22 14.88
N ALA C 91 -4.35 20.98 14.52
CA ALA C 91 -5.16 20.26 13.55
C ALA C 91 -4.99 18.76 13.80
N LEU C 92 -6.02 18.00 13.41
CA LEU C 92 -6.04 16.56 13.54
C LEU C 92 -6.49 16.02 12.20
N VAL C 93 -5.56 15.49 11.43
CA VAL C 93 -5.81 14.95 10.08
C VAL C 93 -5.49 13.45 10.14
N ARG C 94 -6.49 12.60 9.91
CA ARG C 94 -6.30 11.17 10.02
C ARG C 94 -7.04 10.33 8.99
N PRO C 95 -6.41 9.24 8.52
CA PRO C 95 -7.15 8.32 7.68
C PRO C 95 -8.18 7.55 8.48
N HIS C 96 -8.09 7.58 9.81
CA HIS C 96 -8.97 6.82 10.66
C HIS C 96 -10.41 7.30 10.67
N PHE C 97 -10.67 8.55 10.26
CA PHE C 97 -12.07 9.02 10.14
C PHE C 97 -12.70 8.35 8.94
N VAL C 98 -13.80 7.63 9.14
CA VAL C 98 -14.40 6.83 8.05
C VAL C 98 -15.17 7.67 7.02
N ASN C 99 -15.58 8.87 7.44
CA ASN C 99 -16.29 9.81 6.58
C ASN C 99 -16.40 11.15 7.31
N GLY C 100 -17.01 12.13 6.68
CA GLY C 100 -17.16 13.45 7.28
C GLY C 100 -18.03 13.47 8.52
N THR C 101 -19.07 12.66 8.52
CA THR C 101 -19.95 12.60 9.68
C THR C 101 -19.16 12.16 10.90
N HIS C 102 -18.23 11.21 10.72
CA HIS C 102 -17.40 10.75 11.82
C HIS C 102 -16.60 11.91 12.42
N ALA C 103 -15.95 12.69 11.57
CA ALA C 103 -15.19 13.84 12.02
C ALA C 103 -16.06 14.83 12.77
N LEU C 104 -17.26 15.12 12.27
CA LEU C 104 -18.16 16.05 12.94
C LEU C 104 -18.57 15.52 14.30
N GLY C 105 -18.90 14.24 14.36
CA GLY C 105 -19.30 13.60 15.61
C GLY C 105 -18.18 13.58 16.62
N ALA C 106 -16.95 13.39 16.15
CA ALA C 106 -15.81 13.39 17.06
C ALA C 106 -15.69 14.76 17.73
N ALA C 107 -15.86 15.83 16.96
CA ALA C 107 -15.83 17.19 17.47
C ALA C 107 -16.90 17.41 18.54
N LEU C 108 -18.14 17.00 18.24
CA LEU C 108 -19.26 17.21 19.17
C LEU C 108 -19.11 16.39 20.46
N PHE C 109 -18.97 15.07 20.36
CA PHE C 109 -18.76 14.23 21.56
C PHE C 109 -17.47 14.65 22.28
N GLY C 110 -16.49 15.08 21.51
CA GLY C 110 -15.22 15.52 22.11
C GLY C 110 -15.35 16.78 22.97
N ASN C 111 -16.17 17.73 22.51
CA ASN C 111 -16.30 19.02 23.15
C ASN C 111 -17.59 19.26 23.97
N LEU C 112 -18.40 18.23 24.14
CA LEU C 112 -19.63 18.37 24.92
C LEU C 112 -19.65 17.37 26.07
N ARG C 113 -20.32 17.74 27.15
CA ARG C 113 -20.40 16.91 28.34
C ARG C 113 -21.83 16.90 28.86
N PRO C 114 -22.17 15.91 29.71
CA PRO C 114 -23.52 15.90 30.25
C PRO C 114 -23.96 17.25 30.79
N GLY C 115 -25.18 17.67 30.44
CA GLY C 115 -25.71 18.94 30.90
C GLY C 115 -25.47 20.12 29.96
N ASN C 116 -24.48 20.01 29.04
CA ASN C 116 -24.22 21.05 28.05
C ASN C 116 -25.29 20.99 26.97
N THR C 117 -25.47 22.08 26.25
CA THR C 117 -26.42 22.13 25.14
C THR C 117 -25.70 22.65 23.90
N LEU C 119 -26.22 24.31 20.07
CA LEU C 119 -27.21 25.06 19.30
C LEU C 119 -26.81 25.07 17.82
N SER C 120 -27.64 24.47 16.93
CA SER C 120 -27.41 24.53 15.48
C SER C 120 -28.11 25.78 15.00
N VAL C 121 -27.36 26.67 14.38
CA VAL C 121 -27.90 27.95 13.98
C VAL C 121 -28.25 28.09 12.49
N CYS C 122 -28.14 27.01 11.73
CA CYS C 122 -28.52 27.04 10.32
C CYS C 122 -29.66 26.10 10.02
N GLY C 123 -30.61 25.99 10.94
CA GLY C 123 -31.72 25.06 10.74
C GLY C 123 -31.22 23.67 11.05
N GLU C 124 -32.00 22.67 10.71
CA GLU C 124 -31.60 21.31 11.03
C GLU C 124 -30.38 20.88 10.20
N PRO C 125 -29.43 20.18 10.83
CA PRO C 125 -28.26 19.76 10.06
C PRO C 125 -28.63 18.69 9.08
N TYR C 126 -27.74 18.39 8.14
CA TYR C 126 -27.98 17.31 7.19
C TYR C 126 -28.36 16.01 7.91
N ASP C 127 -29.06 15.15 7.19
CA ASP C 127 -29.66 13.96 7.77
C ASP C 127 -28.82 12.98 8.56
N THR C 128 -27.61 12.65 8.11
CA THR C 128 -26.81 11.63 8.79
CA THR C 128 -26.86 11.61 8.82
C THR C 128 -26.39 12.07 10.20
N LEU C 129 -26.38 13.38 10.44
CA LEU C 129 -25.98 13.93 11.74
C LEU C 129 -27.06 13.77 12.78
N HIS C 130 -28.30 13.52 12.35
CA HIS C 130 -29.43 13.41 13.26
C HIS C 130 -29.26 12.28 14.28
N ASP C 131 -28.82 11.11 13.82
CA ASP C 131 -28.58 9.97 14.74
C ASP C 131 -27.44 10.22 15.72
N VAL C 132 -26.47 11.02 15.31
CA VAL C 132 -25.33 11.35 16.15
C VAL C 132 -25.80 12.19 17.34
N ILE C 133 -26.65 13.16 17.04
CA ILE C 133 -27.17 14.09 18.04
C ILE C 133 -28.22 13.45 18.90
N GLY C 134 -29.03 12.61 18.26
CA GLY C 134 -30.18 11.96 18.89
C GLY C 134 -31.44 12.81 18.66
N ILE C 135 -31.51 13.50 17.52
CA ILE C 135 -32.63 14.40 17.22
C ILE C 135 -33.93 13.64 17.05
N THR C 136 -33.94 12.64 16.19
CA THR C 136 -35.17 11.87 15.98
C THR C 136 -35.05 10.50 16.64
N GLU C 137 -34.20 9.64 16.11
CA GLU C 137 -34.08 8.31 16.70
C GLU C 137 -33.15 8.28 17.93
N ASN C 138 -33.58 7.51 18.92
CA ASN C 138 -32.77 7.20 20.09
C ASN C 138 -33.00 5.74 20.43
N SER C 139 -32.18 4.89 19.84
CA SER C 139 -32.28 3.45 20.04
C SER C 139 -31.07 2.89 20.78
N ASN C 140 -30.55 3.67 21.70
CA ASN C 140 -29.42 3.26 22.52
C ASN C 140 -28.14 3.03 21.74
N GLY C 142 -26.07 5.37 21.52
CA GLY C 142 -25.13 6.24 22.23
C GLY C 142 -25.02 7.65 21.69
N SER C 143 -26.16 8.26 21.42
CA SER C 143 -26.21 9.63 20.93
C SER C 143 -25.80 10.62 22.01
N LEU C 144 -25.56 11.85 21.57
CA LEU C 144 -25.30 12.97 22.49
C LEU C 144 -26.42 13.02 23.52
N LYS C 145 -27.66 12.96 23.03
CA LYS C 145 -28.82 12.98 23.90
C LYS C 145 -28.80 11.84 24.93
N GLU C 146 -28.39 10.64 24.52
CA GLU C 146 -28.29 9.49 25.46
C GLU C 146 -27.14 9.64 26.45
N PHE C 147 -26.26 10.62 26.22
CA PHE C 147 -25.19 10.99 27.14
C PHE C 147 -25.47 12.28 27.92
N GLY C 148 -26.73 12.70 27.96
CA GLY C 148 -27.12 13.91 28.70
C GLY C 148 -26.82 15.24 28.06
N ILE C 149 -26.52 15.24 26.76
CA ILE C 149 -26.21 16.46 26.02
C ILE C 149 -27.42 16.87 25.19
N ASN C 150 -27.84 18.12 25.35
CA ASN C 150 -29.04 18.62 24.73
C ASN C 150 -28.81 19.32 23.42
N TYR C 151 -29.90 19.45 22.66
CA TYR C 151 -29.89 20.04 21.35
C TYR C 151 -31.00 21.06 21.18
N LYS C 152 -30.65 22.20 20.61
CA LYS C 152 -31.60 23.27 20.27
C LYS C 152 -31.22 23.76 18.88
N GLN C 153 -32.19 24.32 18.19
CA GLN C 153 -32.02 24.73 16.81
C GLN C 153 -32.64 26.10 16.56
N VAL C 154 -31.97 26.88 15.72
CA VAL C 154 -32.50 28.16 15.26
C VAL C 154 -32.42 28.12 13.76
N ASP C 155 -33.57 28.30 13.11
CA ASP C 155 -33.62 28.28 11.67
C ASP C 155 -33.09 29.57 11.06
N LEU C 156 -32.72 29.48 9.80
CA LEU C 156 -32.27 30.64 9.06
C LEU C 156 -33.49 31.51 8.77
N LYS C 157 -33.27 32.79 8.51
CA LYS C 157 -34.37 33.72 8.19
C LYS C 157 -34.89 33.39 6.80
N GLU C 158 -36.03 33.98 6.42
CA GLU C 158 -36.64 33.71 5.11
C GLU C 158 -35.66 33.99 3.99
N ASP C 159 -34.85 35.03 4.13
CA ASP C 159 -33.82 35.37 3.13
C ASP C 159 -32.61 34.44 3.13
N GLY C 160 -32.57 33.43 4.00
CA GLY C 160 -31.46 32.49 4.03
C GLY C 160 -30.30 32.89 4.91
N LYS C 161 -30.35 34.07 5.52
CA LYS C 161 -29.26 34.53 6.37
C LYS C 161 -29.52 34.17 7.84
N PRO C 162 -28.46 34.11 8.66
CA PRO C 162 -28.62 33.75 10.07
C PRO C 162 -29.54 34.67 10.84
N ASN C 163 -30.29 34.12 11.79
CA ASN C 163 -31.21 34.92 12.58
C ASN C 163 -30.45 35.38 13.81
N LEU C 164 -29.62 36.40 13.63
CA LEU C 164 -28.76 36.87 14.69
C LEU C 164 -29.54 37.27 15.94
N GLU C 165 -30.69 37.92 15.76
CA GLU C 165 -31.47 38.36 16.91
C GLU C 165 -31.97 37.19 17.74
N GLU C 166 -32.48 36.15 17.06
CA GLU C 166 -32.97 34.97 17.76
C GLU C 166 -31.82 34.16 18.36
N ILE C 167 -30.67 34.12 17.68
CA ILE C 167 -29.49 33.43 18.22
C ILE C 167 -29.12 34.07 19.56
N GLU C 168 -29.07 35.39 19.61
CA GLU C 168 -28.77 36.08 20.85
C GLU C 168 -29.80 35.78 21.93
N LYS C 169 -31.08 35.83 21.57
CA LYS C 169 -32.15 35.60 22.51
C LYS C 169 -32.05 34.21 23.15
N VAL C 170 -31.85 33.18 22.33
CA VAL C 170 -31.72 31.79 22.79
C VAL C 170 -30.46 31.63 23.66
N LEU C 171 -29.33 32.20 23.24
CA LEU C 171 -28.10 32.10 24.04
C LEU C 171 -28.25 32.78 25.38
N LYS C 172 -28.87 33.95 25.38
CA LYS C 172 -29.09 34.65 26.63
C LYS C 172 -29.98 33.86 27.58
N GLU C 173 -31.02 33.23 27.06
CA GLU C 173 -31.96 32.51 27.91
CA GLU C 173 -31.97 32.48 27.90
C GLU C 173 -31.45 31.14 28.38
N ASP C 174 -30.52 30.54 27.64
CA ASP C 174 -30.01 29.23 28.01
C ASP C 174 -28.50 29.24 28.17
N GLU C 175 -28.10 29.43 29.42
CA GLU C 175 -26.71 29.47 29.82
C GLU C 175 -26.02 28.10 29.72
N SER C 176 -26.78 27.02 29.53
CA SER C 176 -26.16 25.71 29.35
C SER C 176 -25.59 25.53 27.94
N ILE C 177 -25.91 26.44 27.00
CA ILE C 177 -25.41 26.33 25.65
C ILE C 177 -23.92 26.64 25.64
N THR C 178 -23.11 25.64 25.33
CA THR C 178 -21.65 25.76 25.33
C THR C 178 -21.02 25.64 23.94
N LEU C 179 -21.80 25.27 22.93
CA LEU C 179 -21.29 25.13 21.59
C LEU C 179 -22.38 25.47 20.57
N VAL C 180 -21.98 26.23 19.56
CA VAL C 180 -22.82 26.62 18.45
C VAL C 180 -22.30 25.89 17.20
N HIS C 181 -23.21 25.17 16.54
CA HIS C 181 -22.92 24.44 15.31
C HIS C 181 -23.44 25.20 14.08
N ILE C 182 -22.52 25.43 13.15
CA ILE C 182 -22.76 26.16 11.94
C ILE C 182 -22.45 25.23 10.77
N GLN C 183 -23.42 24.96 9.94
CA GLN C 183 -23.23 24.12 8.76
C GLN C 183 -22.95 25.07 7.61
N ARG C 184 -21.79 24.96 6.96
CA ARG C 184 -21.43 25.87 5.87
C ARG C 184 -22.23 25.57 4.57
N SER C 185 -22.28 24.31 4.19
CA SER C 185 -22.97 23.91 2.98
C SER C 185 -24.49 23.80 3.20
N THR C 186 -25.26 23.83 2.11
CA THR C 186 -26.75 23.89 2.16
C THR C 186 -27.60 22.65 2.38
N GLY C 187 -27.12 21.46 2.04
CA GLY C 187 -27.92 20.22 2.20
C GLY C 187 -29.04 20.15 1.14
N TYR C 188 -30.28 19.87 1.55
CA TYR C 188 -31.43 19.87 0.64
C TYR C 188 -32.11 21.24 0.63
N GLY C 189 -31.47 22.26 1.18
CA GLY C 189 -32.08 23.59 1.26
C GLY C 189 -31.99 24.36 -0.04
N TRP C 190 -33.12 24.82 -0.54
CA TRP C 190 -33.13 25.65 -1.72
C TRP C 190 -32.77 27.04 -1.22
N ARG C 191 -31.49 27.19 -0.91
CA ARG C 191 -30.93 28.40 -0.33
C ARG C 191 -29.42 28.33 -0.60
N ARG C 192 -28.74 29.45 -0.47
CA ARG C 192 -27.29 29.52 -0.68
C ARG C 192 -26.51 29.02 0.53
N ALA C 193 -25.29 28.54 0.28
CA ALA C 193 -24.37 28.13 1.37
C ALA C 193 -24.06 29.47 2.08
N LEU C 194 -23.63 29.39 3.34
CA LEU C 194 -23.32 30.60 4.08
C LEU C 194 -21.94 31.09 3.65
N LEU C 195 -21.82 32.37 3.39
CA LEU C 195 -20.56 32.97 3.01
C LEU C 195 -19.68 33.14 4.24
N ILE C 196 -18.38 33.32 4.00
CA ILE C 196 -17.45 33.58 5.08
C ILE C 196 -17.93 34.78 5.90
N GLU C 197 -18.38 35.85 5.25
CA GLU C 197 -18.88 37.02 6.00
C GLU C 197 -20.10 36.69 6.88
N ASP C 198 -20.95 35.75 6.46
CA ASP C 198 -22.11 35.31 7.29
C ASP C 198 -21.65 34.50 8.53
N ILE C 199 -20.62 33.70 8.35
CA ILE C 199 -20.07 32.94 9.43
C ILE C 199 -19.44 33.91 10.43
N LYS C 200 -18.73 34.90 9.91
CA LYS C 200 -18.14 35.92 10.77
C LYS C 200 -19.21 36.60 11.63
N SER C 201 -20.36 36.92 11.05
CA SER C 201 -21.41 37.61 11.79
C SER C 201 -21.97 36.72 12.90
N ILE C 202 -22.11 35.42 12.64
CA ILE C 202 -22.57 34.48 13.65
C ILE C 202 -21.56 34.41 14.81
N VAL C 203 -20.31 34.17 14.48
CA VAL C 203 -19.26 34.10 15.51
C VAL C 203 -19.24 35.40 16.34
N ASP C 204 -19.25 36.56 15.68
CA ASP C 204 -19.23 37.83 16.43
C ASP C 204 -20.43 37.94 17.39
N CYS C 205 -21.58 37.55 16.89
CA CYS C 205 -22.79 37.62 17.65
C CYS C 205 -22.74 36.70 18.90
N VAL C 206 -22.26 35.47 18.69
CA VAL C 206 -22.15 34.49 19.76
C VAL C 206 -21.11 34.89 20.82
N LYS C 207 -19.93 35.27 20.38
CA LYS C 207 -18.85 35.60 21.31
C LYS C 207 -19.21 36.82 22.15
N ASN C 208 -20.01 37.72 21.59
CA ASN C 208 -20.48 38.88 22.31
C ASN C 208 -21.45 38.52 23.47
N ILE C 209 -22.07 37.33 23.46
CA ILE C 209 -22.95 36.90 24.57
C ILE C 209 -22.03 36.20 25.60
N ARG C 210 -21.33 35.16 25.17
CA ARG C 210 -20.38 34.44 26.02
C ARG C 210 -19.16 34.05 25.18
N LYS C 211 -18.03 34.62 25.54
CA LYS C 211 -16.79 34.39 24.83
C LYS C 211 -16.35 32.94 24.82
N ASP C 212 -16.72 32.20 25.86
CA ASP C 212 -16.34 30.79 25.98
C ASP C 212 -17.14 29.82 25.09
N ILE C 213 -18.22 30.27 24.45
CA ILE C 213 -18.99 29.40 23.54
C ILE C 213 -18.13 28.97 22.37
N ILE C 214 -18.05 27.65 22.17
CA ILE C 214 -17.26 27.11 21.07
CA ILE C 214 -17.27 27.12 21.07
C ILE C 214 -18.07 27.27 19.79
N CYS C 215 -17.47 27.89 18.79
CA CYS C 215 -18.09 28.06 17.49
C CYS C 215 -17.48 27.04 16.55
N PHE C 216 -18.28 26.04 16.20
CA PHE C 216 -17.87 24.92 15.40
C PHE C 216 -18.49 24.94 14.02
N VAL C 217 -17.66 24.82 13.00
CA VAL C 217 -18.14 24.84 11.62
C VAL C 217 -17.90 23.53 10.89
N ASP C 218 -18.97 22.96 10.35
CA ASP C 218 -18.88 21.82 9.46
C ASP C 218 -18.48 22.50 8.16
N ASN C 219 -17.22 22.29 7.76
CA ASN C 219 -16.63 22.94 6.58
C ASN C 219 -16.73 22.13 5.29
N CYS C 220 -17.43 21.00 5.32
CA CYS C 220 -17.55 20.14 4.15
C CYS C 220 -18.05 20.89 2.92
N TYR C 221 -17.35 20.64 1.82
CA TYR C 221 -17.64 21.20 0.50
C TYR C 221 -17.22 22.66 0.35
N GLY C 222 -16.71 23.27 1.42
CA GLY C 222 -16.36 24.68 1.36
C GLY C 222 -14.90 25.00 1.26
N GLU C 223 -14.04 23.99 1.36
CA GLU C 223 -12.61 24.25 1.37
C GLU C 223 -12.18 24.89 0.05
N PHE C 224 -11.47 26.01 0.16
CA PHE C 224 -10.89 26.74 -0.95
C PHE C 224 -11.88 27.46 -1.87
N ASP C 226 -13.07 30.30 -0.94
CA ASP C 226 -12.70 31.70 -0.75
C ASP C 226 -11.24 31.70 -0.33
N THR C 227 -10.64 32.90 -0.24
CA THR C 227 -9.26 33.01 0.24
C THR C 227 -9.19 32.85 1.76
N LYS C 228 -10.33 33.00 2.42
CA LYS C 228 -10.46 32.80 3.86
C LYS C 228 -11.27 31.55 4.16
N GLU C 229 -10.99 30.95 5.32
CA GLU C 229 -11.69 29.77 5.84
C GLU C 229 -12.38 30.22 7.13
N PRO C 230 -13.28 29.39 7.69
CA PRO C 230 -14.02 29.84 8.87
C PRO C 230 -13.15 30.16 10.09
N THR C 231 -11.99 29.53 10.17
CA THR C 231 -11.02 29.75 11.22
C THR C 231 -10.35 31.12 11.08
N ASP C 232 -10.43 31.74 9.89
CA ASP C 232 -9.91 33.11 9.67
C ASP C 232 -10.88 34.18 10.18
N VAL C 233 -12.13 33.80 10.49
CA VAL C 233 -13.10 34.73 11.01
C VAL C 233 -13.62 34.28 12.37
N GLY C 234 -12.75 33.63 13.16
CA GLY C 234 -13.09 33.29 14.54
C GLY C 234 -13.64 31.93 14.91
N ALA C 235 -13.83 31.02 13.96
CA ALA C 235 -14.30 29.69 14.35
C ALA C 235 -13.23 29.02 15.24
N ASP C 236 -13.69 28.40 16.32
CA ASP C 236 -12.84 27.70 17.26
C ASP C 236 -12.46 26.32 16.73
N LEU C 237 -13.31 25.73 15.91
CA LEU C 237 -13.05 24.39 15.40
C LEU C 237 -13.83 24.18 14.13
N ILE C 238 -13.19 23.51 13.16
CA ILE C 238 -13.86 23.15 11.91
C ILE C 238 -13.60 21.67 11.63
N ALA C 239 -14.48 21.04 10.87
CA ALA C 239 -14.29 19.63 10.52
C ALA C 239 -14.67 19.41 9.05
N GLY C 240 -14.06 18.39 8.45
CA GLY C 240 -14.33 18.02 7.06
C GLY C 240 -13.85 16.60 6.72
N SER C 241 -14.12 16.24 5.47
CA SER C 241 -13.81 14.94 4.90
C SER C 241 -12.73 15.05 3.85
N LEU C 242 -11.78 14.12 3.85
CA LEU C 242 -10.72 14.16 2.86
C LEU C 242 -11.15 13.60 1.51
N ILE C 243 -12.36 13.03 1.38
CA ILE C 243 -12.77 12.61 0.02
C ILE C 243 -13.66 13.68 -0.61
N LYS C 244 -13.68 14.89 -0.03
CA LYS C 244 -14.36 16.01 -0.61
C LYS C 244 -13.25 16.94 -1.11
N ASN C 245 -13.47 18.25 -1.12
CA ASN C 245 -12.53 19.19 -1.73
C ASN C 245 -11.07 19.06 -1.32
N ILE C 246 -10.83 18.96 -0.01
CA ILE C 246 -9.48 19.06 0.52
C ILE C 246 -8.56 17.88 0.28
N GLY C 247 -9.10 16.75 -0.16
CA GLY C 247 -8.27 15.62 -0.57
C GLY C 247 -7.77 15.73 -2.00
N GLY C 248 -8.24 16.76 -2.72
CA GLY C 248 -7.79 17.08 -4.07
C GLY C 248 -8.03 15.98 -5.09
N GLY C 249 -9.01 15.12 -4.82
CA GLY C 249 -9.34 14.02 -5.68
C GLY C 249 -8.52 12.77 -5.49
N ILE C 250 -7.48 12.84 -4.64
CA ILE C 250 -6.60 11.69 -4.50
C ILE C 250 -6.46 11.11 -3.08
N ALA C 251 -6.75 11.87 -2.03
CA ALA C 251 -6.76 11.30 -0.69
C ALA C 251 -7.76 10.14 -0.72
N PRO C 252 -7.37 8.97 -0.24
CA PRO C 252 -8.24 7.79 -0.36
C PRO C 252 -9.35 7.63 0.68
N THR C 253 -9.22 8.28 1.85
CA THR C 253 -10.21 8.26 2.92
C THR C 253 -9.76 9.25 4.00
N GLY C 254 -10.52 9.38 5.07
CA GLY C 254 -10.06 10.19 6.18
C GLY C 254 -10.82 11.46 6.36
N GLY C 255 -10.40 12.22 7.36
CA GLY C 255 -11.08 13.45 7.71
C GLY C 255 -10.11 14.36 8.40
N TYR C 256 -10.51 15.62 8.57
CA TYR C 256 -9.67 16.57 9.28
C TYR C 256 -10.48 17.43 10.21
N LEU C 257 -9.82 17.90 11.27
CA LEU C 257 -10.32 18.99 12.08
C LEU C 257 -9.17 19.98 12.23
N ALA C 258 -9.50 21.25 12.40
CA ALA C 258 -8.50 22.31 12.62
C ALA C 258 -9.13 23.29 13.60
N GLY C 259 -8.36 23.75 14.59
CA GLY C 259 -8.89 24.69 15.58
C GLY C 259 -7.96 24.89 16.77
N THR C 260 -8.53 25.36 17.88
CA THR C 260 -7.72 25.58 19.08
C THR C 260 -7.17 24.26 19.55
N LYS C 261 -6.03 24.31 20.22
CA LYS C 261 -5.42 23.12 20.78
C LYS C 261 -6.36 22.38 21.73
N ASP C 262 -7.11 23.11 22.54
CA ASP C 262 -8.01 22.47 23.48
C ASP C 262 -9.10 21.66 22.75
N CYS C 263 -9.71 22.27 21.75
CA CYS C 263 -10.78 21.64 21.00
C CYS C 263 -10.33 20.42 20.21
N ILE C 264 -9.14 20.53 19.62
CA ILE C 264 -8.55 19.46 18.84
C ILE C 264 -8.13 18.30 19.75
N GLU C 265 -7.52 18.63 20.89
CA GLU C 265 -7.18 17.59 21.83
C GLU C 265 -8.43 16.86 22.36
N LYS C 266 -9.46 17.62 22.73
CA LYS C 266 -10.70 17.02 23.20
C LYS C 266 -11.32 16.11 22.12
N THR C 267 -11.26 16.54 20.86
CA THR C 267 -11.74 15.72 19.73
C THR C 267 -10.92 14.42 19.60
N SER C 268 -9.60 14.54 19.71
CA SER C 268 -8.72 13.40 19.61
C SER C 268 -9.06 12.33 20.63
N TYR C 269 -9.54 12.71 21.81
CA TYR C 269 -9.91 11.73 22.83
C TYR C 269 -11.19 10.95 22.49
N ARG C 270 -12.03 11.51 21.63
CA ARG C 270 -13.20 10.78 21.13
C ARG C 270 -12.79 9.90 19.93
N LEU C 271 -11.89 10.40 19.09
CA LEU C 271 -11.34 9.61 17.96
C LEU C 271 -10.74 8.33 18.49
N THR C 272 -9.96 8.41 19.56
CA THR C 272 -9.40 7.22 20.19
C THR C 272 -10.02 7.16 21.60
N VAL C 273 -9.20 7.33 22.63
CA VAL C 273 -9.67 7.32 24.00
C VAL C 273 -8.90 8.38 24.82
N PRO C 274 -9.49 8.81 25.95
CA PRO C 274 -8.76 9.67 26.87
C PRO C 274 -7.41 9.05 27.24
N GLY C 275 -6.37 9.90 27.33
CA GLY C 275 -5.00 9.48 27.70
C GLY C 275 -4.12 9.05 26.51
N ILE C 276 -4.74 8.86 25.34
CA ILE C 276 -4.05 8.45 24.13
C ILE C 276 -4.24 9.54 23.08
N GLY C 277 -5.48 9.89 22.79
CA GLY C 277 -5.77 10.96 21.83
C GLY C 277 -5.10 10.68 20.50
N GLY C 278 -4.45 11.69 19.92
CA GLY C 278 -3.80 11.53 18.61
C GLY C 278 -2.37 11.05 18.66
N GLU C 279 -1.89 10.66 19.85
CA GLU C 279 -0.50 10.21 20.02
CA GLU C 279 -0.49 10.22 20.01
C GLU C 279 -0.22 8.86 19.35
N CYS C 280 -1.26 8.00 19.24
CA CYS C 280 -1.13 6.73 18.54
C CYS C 280 -2.03 6.76 17.34
N GLY C 281 -1.60 6.05 16.28
CA GLY C 281 -2.35 5.97 15.06
C GLY C 281 -1.39 5.99 13.90
N SER C 282 -0.98 4.81 13.44
CA SER C 282 -0.11 4.71 12.27
C SER C 282 -0.98 5.07 11.06
N THR C 283 -0.35 5.39 9.95
CA THR C 283 -1.07 5.95 8.83
C THR C 283 -1.02 5.16 7.51
N PHE C 284 -0.67 3.88 7.60
CA PHE C 284 -0.78 2.93 6.47
C PHE C 284 -0.07 3.29 5.16
N GLY C 285 0.93 4.16 5.20
CA GLY C 285 1.58 4.59 3.96
C GLY C 285 0.73 5.43 3.01
N VAL C 286 -0.38 6.00 3.48
CA VAL C 286 -1.22 6.85 2.62
C VAL C 286 -0.98 8.34 2.84
N VAL C 287 -0.01 8.68 3.69
CA VAL C 287 0.24 10.08 4.02
CA VAL C 287 0.30 10.06 4.02
C VAL C 287 0.71 10.90 2.80
N ARG C 288 1.54 10.32 1.93
CA ARG C 288 1.97 11.05 0.72
C ARG C 288 0.79 11.52 -0.10
N SER C 289 -0.16 10.63 -0.31
CA SER C 289 -1.35 10.98 -1.06
C SER C 289 -2.17 12.10 -0.41
N TYR C 291 -0.83 14.54 1.57
CA TYR C 291 -0.06 15.75 1.27
C TYR C 291 -0.30 16.21 -0.20
N GLN C 292 -0.21 15.29 -1.14
CA GLN C 292 -0.34 15.67 -2.55
C GLN C 292 -1.78 16.16 -2.82
N GLY C 293 -2.75 15.49 -2.22
CA GLY C 293 -4.14 15.87 -2.32
C GLY C 293 -4.36 17.30 -1.85
N LEU C 294 -3.75 17.66 -0.72
CA LEU C 294 -3.90 19.01 -0.20
C LEU C 294 -3.30 20.01 -1.18
N PHE C 295 -2.12 19.69 -1.72
CA PHE C 295 -1.44 20.55 -2.67
C PHE C 295 -2.26 20.82 -3.93
N LEU C 296 -2.97 19.79 -4.43
CA LEU C 296 -3.85 19.91 -5.61
C LEU C 296 -5.26 20.47 -5.28
N ALA C 297 -5.62 20.51 -3.99
CA ALA C 297 -6.97 20.90 -3.58
C ALA C 297 -7.44 22.26 -4.04
N PRO C 298 -6.61 23.31 -3.93
CA PRO C 298 -7.10 24.61 -4.41
C PRO C 298 -7.49 24.62 -5.88
N HIS C 299 -6.73 23.86 -6.66
CA HIS C 299 -6.97 23.75 -8.09
C HIS C 299 -8.16 22.85 -8.37
N ILE C 300 -8.15 21.62 -7.84
CA ILE C 300 -9.25 20.68 -8.13
C ILE C 300 -10.62 21.22 -7.67
N SER C 301 -10.68 21.88 -6.51
CA SER C 301 -11.91 22.45 -5.98
C SER C 301 -12.54 23.40 -6.99
N GLU C 303 -11.91 23.36 -10.31
CA GLU C 303 -12.36 22.62 -11.49
C GLU C 303 -13.82 22.22 -11.24
N ALA C 304 -14.11 21.72 -10.04
CA ALA C 304 -15.49 21.31 -9.72
C ALA C 304 -16.41 22.52 -9.69
N LEU C 305 -15.95 23.62 -9.09
CA LEU C 305 -16.82 24.79 -9.02
C LEU C 305 -17.14 25.33 -10.42
N LYS C 306 -16.18 25.29 -11.33
CA LYS C 306 -16.43 25.75 -12.71
C LYS C 306 -17.49 24.88 -13.36
N GLY C 307 -17.47 23.57 -13.07
CA GLY C 307 -18.52 22.69 -13.61
C GLY C 307 -19.89 23.08 -13.05
N ALA C 308 -19.96 23.38 -11.73
CA ALA C 308 -21.21 23.82 -11.12
C ALA C 308 -21.75 25.12 -11.75
N ILE C 309 -20.87 26.08 -12.00
CA ILE C 309 -21.24 27.37 -12.59
C ILE C 309 -21.76 27.17 -14.04
N LEU C 310 -21.04 26.39 -14.82
CA LEU C 310 -21.51 26.04 -16.14
C LEU C 310 -22.91 25.41 -16.05
N CYS C 311 -23.04 24.44 -15.17
CA CYS C 311 -24.31 23.72 -15.01
C CYS C 311 -25.43 24.72 -14.72
N SER C 312 -25.16 25.61 -13.79
CA SER C 312 -26.15 26.61 -13.37
C SER C 312 -26.65 27.40 -14.56
N ARG C 313 -25.74 27.95 -15.33
CA ARG C 313 -26.14 28.79 -16.46
C ARG C 313 -26.78 28.06 -17.63
N ILE C 314 -26.22 26.90 -18.00
CA ILE C 314 -26.74 26.18 -19.14
C ILE C 314 -28.14 25.64 -18.81
N GLU C 316 -30.26 27.02 -16.61
CA GLU C 316 -31.10 28.21 -16.53
C GLU C 316 -31.53 28.62 -17.93
N LEU C 317 -30.56 28.63 -18.84
CA LEU C 317 -30.81 28.94 -20.25
C LEU C 317 -31.71 27.88 -20.88
N ALA C 318 -31.60 26.63 -20.40
CA ALA C 318 -32.48 25.54 -20.84
C ALA C 318 -33.94 25.69 -20.34
N GLY C 319 -34.16 26.55 -19.37
CA GLY C 319 -35.47 26.81 -18.81
C GLY C 319 -35.72 26.27 -17.42
N PHE C 320 -34.70 25.73 -16.77
CA PHE C 320 -34.86 25.18 -15.43
C PHE C 320 -34.46 26.16 -14.35
N GLU C 321 -35.08 26.06 -13.18
CA GLU C 321 -34.70 26.91 -12.07
C GLU C 321 -33.48 26.29 -11.44
N VAL C 322 -32.55 27.15 -11.06
CA VAL C 322 -31.26 26.73 -10.52
C VAL C 322 -30.91 27.50 -9.27
N PRO C 324 -27.28 27.62 -6.73
CA PRO C 324 -27.22 29.06 -6.96
C PRO C 324 -27.24 29.41 -8.45
N LYS C 325 -27.39 30.71 -8.71
CA LYS C 325 -27.27 31.26 -10.06
C LYS C 325 -25.78 31.37 -10.41
N TYR C 326 -25.47 31.53 -11.68
CA TYR C 326 -24.07 31.43 -12.11
C TYR C 326 -23.14 32.47 -11.54
N ASP C 327 -23.69 33.61 -11.17
CA ASP C 327 -22.86 34.70 -10.71
C ASP C 327 -23.02 35.06 -9.25
N GLU C 328 -23.52 34.15 -8.43
CA GLU C 328 -23.62 34.45 -7.00
C GLU C 328 -22.35 33.96 -6.32
N LYS C 329 -21.96 34.60 -5.21
CA LYS C 329 -20.81 34.16 -4.43
C LYS C 329 -21.14 32.79 -3.85
N ARG C 330 -20.23 31.85 -4.00
CA ARG C 330 -20.47 30.49 -3.56
C ARG C 330 -19.72 30.12 -2.29
N SER C 331 -20.33 29.29 -1.46
CA SER C 331 -19.62 28.80 -0.28
C SER C 331 -19.46 27.28 -0.32
N ASP C 332 -19.89 26.63 -1.42
CA ASP C 332 -19.64 25.21 -1.62
C ASP C 332 -19.65 24.85 -3.12
N ILE C 333 -19.38 23.59 -3.44
CA ILE C 333 -19.30 23.15 -4.84
C ILE C 333 -20.59 22.56 -5.39
N ILE C 334 -21.67 22.57 -4.61
CA ILE C 334 -22.90 21.92 -5.03
C ILE C 334 -23.81 22.80 -5.93
N GLN C 335 -24.36 22.20 -6.97
CA GLN C 335 -25.30 22.90 -7.83
C GLN C 335 -26.65 22.17 -7.78
N SER C 336 -27.74 22.92 -7.56
CA SER C 336 -29.09 22.39 -7.55
C SER C 336 -29.81 22.81 -8.80
N ILE C 337 -30.65 21.91 -9.31
CA ILE C 337 -31.45 22.13 -10.50
C ILE C 337 -32.84 21.63 -10.20
N LYS C 338 -33.85 22.48 -10.38
CA LYS C 338 -35.24 22.08 -10.17
C LYS C 338 -35.81 21.67 -11.51
N PHE C 339 -36.06 20.38 -11.67
CA PHE C 339 -36.60 19.92 -12.96
C PHE C 339 -38.12 20.06 -13.05
N ASN C 340 -38.81 19.99 -11.91
CA ASN C 340 -40.29 19.99 -11.91
C ASN C 340 -40.89 18.86 -12.71
N ASP C 341 -40.15 17.76 -12.84
CA ASP C 341 -40.62 16.63 -13.63
C ASP C 341 -39.81 15.42 -13.20
N LYS C 342 -40.47 14.38 -12.72
CA LYS C 342 -39.75 13.20 -12.27
C LYS C 342 -38.91 12.60 -13.39
N ASP C 343 -39.49 12.44 -14.57
CA ASP C 343 -38.77 11.82 -15.68
C ASP C 343 -37.52 12.57 -16.11
N LYS C 344 -37.59 13.89 -16.21
CA LYS C 344 -36.42 14.68 -16.59
CA LYS C 344 -36.41 14.67 -16.60
C LYS C 344 -35.32 14.55 -15.53
N LEU C 345 -35.71 14.57 -14.26
CA LEU C 345 -34.74 14.41 -13.17
C LEU C 345 -34.01 13.08 -13.35
N ILE C 346 -34.75 12.00 -13.61
CA ILE C 346 -34.16 10.69 -13.74
C ILE C 346 -33.25 10.60 -14.94
N GLU C 347 -33.71 11.09 -16.08
CA GLU C 347 -32.92 11.10 -17.30
C GLU C 347 -31.63 11.88 -17.15
N PHE C 348 -31.70 13.02 -16.46
CA PHE C 348 -30.51 13.81 -16.20
C PHE C 348 -29.47 13.01 -15.40
N CYS C 349 -29.91 12.36 -14.31
CA CYS C 349 -29.00 11.54 -13.49
C CYS C 349 -28.43 10.37 -14.30
N LYS C 350 -29.28 9.72 -15.11
CA LYS C 350 -28.80 8.64 -15.97
CA LYS C 350 -28.79 8.63 -15.95
C LYS C 350 -27.66 9.14 -16.85
N GLY C 351 -27.82 10.37 -17.36
CA GLY C 351 -26.85 11.00 -18.21
C GLY C 351 -25.53 11.16 -17.49
N ILE C 352 -25.57 11.69 -16.27
CA ILE C 352 -24.36 11.87 -15.48
C ILE C 352 -23.68 10.51 -15.27
N GLN C 353 -24.47 9.46 -15.04
CA GLN C 353 -23.86 8.15 -14.87
C GLN C 353 -23.13 7.75 -16.15
N THR C 354 -23.75 7.97 -17.31
CA THR C 354 -23.12 7.60 -18.58
C THR C 354 -21.90 8.45 -18.92
N GLY C 355 -21.70 9.56 -18.23
CA GLY C 355 -20.51 10.41 -18.42
C GLY C 355 -19.38 10.15 -17.41
N SER C 356 -19.49 9.09 -16.61
CA SER C 356 -18.47 8.78 -15.64
C SER C 356 -17.44 7.82 -16.22
N PRO C 357 -16.18 7.90 -15.75
CA PRO C 357 -15.16 6.96 -16.23
C PRO C 357 -15.35 5.56 -15.67
N ILE C 358 -15.76 5.49 -14.40
CA ILE C 358 -16.01 4.23 -13.69
C ILE C 358 -17.53 3.92 -13.63
N ASP C 359 -17.90 2.67 -13.86
CA ASP C 359 -19.31 2.26 -13.81
C ASP C 359 -20.26 3.03 -14.75
N SER C 360 -19.73 3.46 -15.91
CA SER C 360 -20.53 4.21 -16.88
C SER C 360 -21.74 3.45 -17.43
N PHE C 361 -21.63 2.12 -17.40
CA PHE C 361 -22.62 1.18 -17.91
C PHE C 361 -23.68 0.69 -16.87
N VAL C 362 -23.52 1.01 -15.59
CA VAL C 362 -24.45 0.50 -14.56
CA VAL C 362 -24.42 0.52 -14.54
C VAL C 362 -25.79 1.20 -14.60
N SER C 363 -26.84 0.49 -14.22
CA SER C 363 -28.18 1.02 -14.24
C SER C 363 -28.33 2.09 -13.16
N CYS C 364 -28.78 3.27 -13.56
CA CYS C 364 -29.01 4.37 -12.64
C CYS C 364 -30.53 4.51 -12.52
N GLU C 365 -31.09 3.98 -11.45
CA GLU C 365 -32.54 3.98 -11.23
C GLU C 365 -32.88 4.34 -9.79
N PRO C 366 -34.11 4.80 -9.52
CA PRO C 366 -34.44 5.09 -8.13
C PRO C 366 -34.46 3.81 -7.28
N TRP C 367 -34.06 3.91 -6.02
CA TRP C 367 -34.06 2.76 -5.11
C TRP C 367 -34.50 3.16 -3.71
N ASP C 368 -35.01 2.19 -2.97
CA ASP C 368 -35.54 2.39 -1.63
C ASP C 368 -34.41 2.45 -0.61
N PRO C 370 -33.04 2.62 3.23
CA PRO C 370 -33.45 2.28 4.59
C PRO C 370 -33.86 3.46 5.45
N GLY C 371 -35.15 3.48 5.85
CA GLY C 371 -35.70 4.51 6.72
C GLY C 371 -36.07 5.84 6.08
N TYR C 372 -36.52 5.81 4.82
CA TYR C 372 -36.92 7.02 4.08
C TYR C 372 -38.05 6.66 3.12
N THR C 373 -39.11 7.46 3.13
CA THR C 373 -40.30 7.16 2.33
C THR C 373 -40.20 7.62 0.87
N ASP C 374 -39.21 8.44 0.57
CA ASP C 374 -38.95 8.90 -0.78
C ASP C 374 -37.82 8.08 -1.34
N GLN C 375 -37.95 7.63 -2.58
CA GLN C 375 -36.86 6.90 -3.21
C GLN C 375 -35.79 7.92 -3.53
N VAL C 376 -34.55 7.45 -3.67
CA VAL C 376 -33.42 8.29 -4.05
C VAL C 376 -32.82 7.73 -5.34
N ILE C 377 -32.21 8.60 -6.13
CA ILE C 377 -31.50 8.19 -7.33
C ILE C 377 -30.14 8.84 -7.21
N ALA C 379 -26.11 9.14 -9.19
CA ALA C 379 -25.13 8.89 -10.25
C ALA C 379 -23.79 8.98 -9.54
N ALA C 380 -22.99 7.93 -9.69
CA ALA C 380 -21.69 7.85 -9.05
C ALA C 380 -20.81 6.86 -9.80
N GLY C 381 -19.59 7.27 -10.08
CA GLY C 381 -18.64 6.39 -10.76
C GLY C 381 -17.28 7.04 -10.55
N ALA C 382 -16.71 6.74 -9.39
CA ALA C 382 -15.49 7.37 -8.90
C ALA C 382 -14.28 6.46 -8.74
N PHE C 383 -13.09 7.07 -8.77
CA PHE C 383 -11.85 6.37 -8.46
C PHE C 383 -11.82 6.10 -6.95
N ILE C 384 -12.31 7.04 -6.15
CA ILE C 384 -12.37 6.90 -4.70
C ILE C 384 -13.85 6.81 -4.32
N GLN C 385 -14.23 5.67 -3.76
CA GLN C 385 -15.63 5.37 -3.45
C GLN C 385 -16.31 6.39 -2.55
N GLY C 386 -17.38 6.99 -3.08
CA GLY C 386 -18.15 7.98 -2.33
C GLY C 386 -17.61 9.40 -2.42
N SER C 387 -16.51 9.61 -3.14
CA SER C 387 -15.92 10.95 -3.25
C SER C 387 -16.91 11.97 -3.80
N SER C 388 -17.05 13.10 -3.12
CA SER C 388 -17.95 14.19 -3.58
C SER C 388 -17.24 15.15 -4.56
N ILE C 389 -15.93 15.02 -4.70
CA ILE C 389 -15.14 15.88 -5.57
C ILE C 389 -15.06 15.32 -6.99
N GLU C 390 -15.40 14.05 -7.17
CA GLU C 390 -15.55 13.49 -8.51
C GLU C 390 -16.99 13.68 -8.98
N LEU C 391 -17.20 13.86 -10.28
CA LEU C 391 -18.52 14.13 -10.82
C LEU C 391 -19.54 13.12 -10.32
N SER C 392 -20.61 13.64 -9.73
CA SER C 392 -21.70 12.83 -9.20
C SER C 392 -22.96 13.65 -9.09
N ALA C 393 -24.08 12.96 -8.98
CA ALA C 393 -25.37 13.61 -8.84
C ALA C 393 -26.25 12.78 -7.92
N ASP C 394 -27.17 13.44 -7.23
CA ASP C 394 -28.15 12.69 -6.42
C ASP C 394 -29.44 13.48 -6.24
N ALA C 395 -30.53 12.79 -5.99
CA ALA C 395 -31.81 13.44 -5.81
C ALA C 395 -32.75 12.58 -5.01
N PRO C 396 -33.53 13.19 -4.11
CA PRO C 396 -34.60 12.41 -3.49
C PRO C 396 -35.76 12.50 -4.48
N ILE C 397 -36.46 11.41 -4.73
CA ILE C 397 -37.54 11.44 -5.71
C ILE C 397 -38.82 12.01 -5.08
N ARG C 398 -38.90 13.35 -5.07
CA ARG C 398 -40.00 14.12 -4.53
C ARG C 398 -40.27 15.35 -5.34
N GLU C 399 -41.48 15.88 -5.24
CA GLU C 399 -41.77 17.17 -5.84
C GLU C 399 -40.90 18.19 -5.11
N PRO C 400 -40.38 19.21 -5.81
CA PRO C 400 -40.53 19.56 -7.22
C PRO C 400 -39.37 18.98 -8.06
N TYR C 401 -38.79 17.87 -7.62
CA TYR C 401 -37.77 17.13 -8.37
C TYR C 401 -36.50 17.91 -8.61
N ILE C 402 -35.79 18.10 -7.51
CA ILE C 402 -34.54 18.83 -7.49
C ILE C 402 -33.37 17.84 -7.45
N ALA C 403 -32.41 18.01 -8.36
CA ALA C 403 -31.17 17.23 -8.39
C ALA C 403 -30.02 18.07 -7.85
N TYR C 404 -29.06 17.39 -7.25
CA TYR C 404 -27.88 18.04 -6.70
C TYR C 404 -26.68 17.43 -7.42
N LEU C 405 -25.92 18.30 -8.09
CA LEU C 405 -24.74 17.91 -8.88
C LEU C 405 -23.51 18.52 -8.24
N GLN C 406 -22.45 17.73 -8.13
CA GLN C 406 -21.19 18.21 -7.56
C GLN C 406 -20.03 17.41 -8.09
N GLY C 407 -18.85 18.02 -8.05
CA GLY C 407 -17.62 17.36 -8.46
C GLY C 407 -17.26 17.51 -9.92
N GLY C 408 -16.05 17.07 -10.22
CA GLY C 408 -15.49 17.14 -11.54
C GLY C 408 -14.00 17.34 -11.30
N LEU C 409 -13.23 16.26 -11.39
CA LEU C 409 -11.76 16.36 -11.22
C LEU C 409 -11.18 17.37 -12.22
N THR C 410 -11.79 17.48 -13.41
CA THR C 410 -11.39 18.53 -14.35
C THR C 410 -12.67 19.18 -14.84
N PHE C 411 -12.58 20.45 -15.15
CA PHE C 411 -13.75 21.14 -15.71
C PHE C 411 -14.20 20.47 -16.99
N ASP C 412 -13.28 20.02 -17.84
CA ASP C 412 -13.67 19.33 -19.07
C ASP C 412 -14.55 18.09 -18.78
N HIS C 413 -14.22 17.33 -17.74
CA HIS C 413 -15.03 16.17 -17.42
C HIS C 413 -16.45 16.56 -16.96
N ALA C 414 -16.54 17.51 -16.03
CA ALA C 414 -17.86 18.00 -15.56
C ALA C 414 -18.68 18.48 -16.75
N LYS C 415 -18.04 19.24 -17.63
CA LYS C 415 -18.65 19.77 -18.85
C LYS C 415 -19.22 18.67 -19.72
N ILE C 416 -18.39 17.67 -20.03
CA ILE C 416 -18.81 16.55 -20.86
C ILE C 416 -20.05 15.88 -20.29
N GLY C 417 -20.04 15.61 -18.99
CA GLY C 417 -21.16 14.98 -18.29
C GLY C 417 -22.44 15.78 -18.38
N ILE C 418 -22.34 17.09 -18.16
CA ILE C 418 -23.48 18.00 -18.24
C ILE C 418 -24.07 18.01 -19.64
N LEU C 419 -23.20 18.06 -20.64
CA LEU C 419 -23.66 18.02 -22.02
C LEU C 419 -24.37 16.70 -22.34
N ILE C 420 -23.81 15.58 -21.89
CA ILE C 420 -24.41 14.27 -22.12
C ILE C 420 -25.79 14.25 -21.46
N ALA C 421 -25.87 14.69 -20.20
CA ALA C 421 -27.14 14.72 -19.45
C ALA C 421 -28.21 15.63 -20.04
N LEU C 422 -27.85 16.86 -20.39
CA LEU C 422 -28.83 17.80 -20.92
C LEU C 422 -29.38 17.31 -22.25
N SER C 423 -28.53 16.65 -23.05
CA SER C 423 -28.97 16.09 -24.34
C SER C 423 -30.02 15.00 -24.21
N ARG C 424 -30.11 14.39 -23.04
CA ARG C 424 -31.15 13.40 -22.79
C ARG C 424 -32.51 14.06 -22.55
N ILE C 425 -32.54 15.34 -22.17
CA ILE C 425 -33.82 16.02 -21.87
C ILE C 425 -34.13 17.22 -22.80
N VAL C 426 -33.13 17.79 -23.45
CA VAL C 426 -33.33 18.88 -24.40
C VAL C 426 -32.84 18.41 -25.76
N LYS C 427 -33.73 18.39 -26.74
CA LYS C 427 -33.42 17.89 -28.08
C LYS C 427 -33.37 19.02 -29.08
N GLY D 1 -8.28 39.85 -11.96
CA GLY D 1 -6.79 40.03 -11.96
C GLY D 1 -6.25 39.74 -10.57
N LEU D 3 -5.21 39.36 -6.93
CA LEU D 3 -5.70 40.02 -5.75
C LEU D 3 -4.60 40.80 -5.06
N GLU D 4 -4.99 41.89 -4.40
CA GLU D 4 -4.05 42.68 -3.64
C GLU D 4 -3.42 41.84 -2.54
N SER D 5 -4.21 40.97 -1.91
CA SER D 5 -3.72 40.06 -0.89
C SER D 5 -2.61 39.12 -1.46
N THR D 6 -2.79 38.64 -2.69
CA THR D 6 -1.83 37.78 -3.35
C THR D 6 -0.54 38.56 -3.62
N LYS D 7 -0.68 39.83 -4.02
CA LYS D 7 0.49 40.67 -4.28
C LYS D 7 1.31 40.80 -3.00
N GLN D 8 0.63 41.07 -1.90
CA GLN D 8 1.33 41.17 -0.62
C GLN D 8 1.97 39.85 -0.21
N PHE D 9 1.31 38.75 -0.51
CA PHE D 9 1.81 37.46 -0.14
C PHE D 9 3.07 37.20 -0.99
N LEU D 10 3.03 37.54 -2.26
CA LEU D 10 4.20 37.33 -3.11
C LEU D 10 5.39 38.22 -2.72
N LYS D 11 5.12 39.36 -2.06
CA LYS D 11 6.20 40.20 -1.59
C LYS D 11 7.02 39.51 -0.51
N LYS D 12 6.40 38.60 0.26
CA LYS D 12 7.13 37.88 1.29
CA LYS D 12 7.08 37.80 1.29
C LYS D 12 8.16 36.95 0.64
N TYR D 13 7.91 36.61 -0.62
CA TYR D 13 8.85 35.81 -1.41
C TYR D 13 9.88 36.67 -2.17
N ASN D 14 9.90 37.98 -1.88
CA ASN D 14 10.82 38.93 -2.49
C ASN D 14 10.55 39.13 -3.99
N ILE D 15 9.32 38.90 -4.39
CA ILE D 15 8.93 39.09 -5.79
C ILE D 15 8.68 40.59 -5.94
N ASN D 16 9.51 41.26 -6.72
CA ASN D 16 9.47 42.73 -6.89
C ASN D 16 8.49 43.22 -7.96
N ASP D 17 8.25 44.52 -7.97
CA ASP D 17 7.29 45.12 -8.90
C ASP D 17 7.64 44.95 -10.38
N ARG D 18 8.92 45.01 -10.72
CA ARG D 18 9.36 44.81 -12.10
C ARG D 18 8.98 43.42 -12.59
N VAL D 19 9.17 42.41 -11.75
CA VAL D 19 8.80 41.03 -12.09
C VAL D 19 7.28 40.91 -12.20
N LEU D 20 6.53 41.52 -11.28
CA LEU D 20 5.06 41.50 -11.40
C LEU D 20 4.53 42.16 -12.70
N LYS D 21 5.13 43.27 -13.11
CA LYS D 21 4.75 43.91 -14.38
C LYS D 21 5.06 43.00 -15.58
N LEU D 22 6.25 42.40 -15.60
CA LEU D 22 6.63 41.41 -16.64
C LEU D 22 5.59 40.28 -16.68
N TYR D 23 5.20 39.78 -15.52
CA TYR D 23 4.17 38.76 -15.42
C TYR D 23 2.81 39.22 -16.00
N GLU D 24 2.36 40.41 -15.65
CA GLU D 24 1.07 40.92 -16.15
C GLU D 24 1.11 41.04 -17.66
N THR D 25 2.21 41.59 -18.19
CA THR D 25 2.41 41.69 -19.64
C THR D 25 2.44 40.29 -20.27
N ALA D 26 3.22 39.36 -19.69
CA ALA D 26 3.29 38.02 -20.27
C ALA D 26 1.93 37.29 -20.33
N ASN D 28 -1.12 38.63 -20.40
CA ASN D 28 -1.88 39.24 -21.46
C ASN D 28 -1.45 38.72 -22.85
N ASP D 29 -0.15 38.64 -23.09
CA ASP D 29 0.38 38.19 -24.36
C ASP D 29 0.06 36.73 -24.75
N ILE D 30 -0.09 35.86 -23.77
CA ILE D 30 -0.18 34.42 -24.03
C ILE D 30 -1.60 33.85 -23.95
N GLN D 31 -2.58 34.71 -23.70
CA GLN D 31 -3.96 34.25 -23.58
C GLN D 31 -4.47 33.47 -24.78
N ASN D 32 -4.19 33.90 -26.01
CA ASN D 32 -4.68 33.14 -27.15
C ASN D 32 -4.06 31.75 -27.26
N GLN D 33 -2.80 31.60 -26.88
CA GLN D 33 -2.15 30.30 -26.93
CA GLN D 33 -2.13 30.31 -26.91
C GLN D 33 -2.82 29.36 -25.91
N PHE D 34 -3.19 29.89 -24.74
CA PHE D 34 -3.85 29.10 -23.73
C PHE D 34 -5.18 28.56 -24.23
N LYS D 35 -5.89 29.37 -24.99
CA LYS D 35 -7.19 28.96 -25.54
C LYS D 35 -7.06 27.85 -26.57
N ILE D 36 -5.96 27.87 -27.32
CA ILE D 36 -5.68 26.83 -28.27
C ILE D 36 -5.44 25.54 -27.51
N LEU D 37 -4.68 25.63 -26.43
CA LEU D 37 -4.41 24.47 -25.62
C LEU D 37 -5.69 23.91 -24.99
N ASP D 38 -6.64 24.78 -24.58
CA ASP D 38 -7.87 24.30 -23.95
C ASP D 38 -8.74 23.52 -24.95
N ASP D 39 -8.69 23.90 -26.22
CA ASP D 39 -9.46 23.20 -27.25
C ASP D 39 -8.93 21.76 -27.45
N ILE D 40 -7.62 21.61 -27.42
CA ILE D 40 -6.95 20.31 -27.53
C ILE D 40 -7.27 19.47 -26.29
N ARG D 41 -7.10 20.09 -25.11
CA ARG D 41 -7.37 19.42 -23.83
C ARG D 41 -8.79 18.84 -23.77
N GLU D 42 -9.75 19.62 -24.25
CA GLU D 42 -11.14 19.19 -24.25
C GLU D 42 -11.31 17.89 -25.03
N PHE D 43 -10.73 17.82 -26.22
CA PHE D 43 -10.80 16.62 -27.03
C PHE D 43 -10.11 15.45 -26.34
N ASN D 44 -8.93 15.69 -25.76
CA ASN D 44 -8.19 14.62 -25.14
C ASN D 44 -8.88 14.07 -23.88
N GLN D 45 -9.55 14.94 -23.12
CA GLN D 45 -10.31 14.48 -21.96
C GLN D 45 -11.42 13.54 -22.43
N LEU D 46 -12.09 13.90 -23.52
CA LEU D 46 -13.17 13.07 -24.09
C LEU D 46 -12.60 11.75 -24.61
N LYS D 47 -11.50 11.82 -25.34
CA LYS D 47 -10.84 10.63 -25.85
C LYS D 47 -10.53 9.64 -24.72
N VAL D 48 -9.95 10.14 -23.63
CA VAL D 48 -9.60 9.28 -22.52
C VAL D 48 -10.85 8.72 -21.81
N LEU D 49 -11.86 9.57 -21.59
CA LEU D 49 -13.13 9.13 -21.01
C LEU D 49 -13.75 8.00 -21.82
N ASN D 50 -13.75 8.19 -23.14
CA ASN D 50 -14.33 7.21 -24.03
C ASN D 50 -13.62 5.84 -23.91
N ALA D 51 -12.30 5.86 -23.83
CA ALA D 51 -11.51 4.64 -23.68
C ALA D 51 -11.87 3.87 -22.39
N PHE D 52 -12.09 4.59 -21.29
CA PHE D 52 -12.54 3.95 -20.02
C PHE D 52 -13.89 3.29 -20.20
N GLN D 53 -14.81 4.04 -20.82
CA GLN D 53 -16.16 3.58 -21.00
C GLN D 53 -16.25 2.43 -21.96
N GLU D 54 -15.45 2.46 -23.03
CA GLU D 54 -15.43 1.35 -24.00
C GLU D 54 -14.91 0.07 -23.32
N GLU D 55 -14.00 0.21 -22.36
CA GLU D 55 -13.51 -0.96 -21.60
C GLU D 55 -14.39 -1.33 -20.40
N ARG D 56 -15.47 -0.59 -20.15
CA ARG D 56 -16.37 -0.87 -19.05
C ARG D 56 -15.65 -0.95 -17.70
N ILE D 57 -14.76 0.00 -17.47
CA ILE D 57 -14.00 0.03 -16.21
C ILE D 57 -14.96 0.19 -15.04
N SER D 58 -14.69 -0.57 -13.98
CA SER D 58 -15.49 -0.60 -12.78
C SER D 58 -14.60 -0.62 -11.58
N GLU D 59 -15.24 -0.55 -10.41
CA GLU D 59 -14.58 -0.61 -9.11
CA GLU D 59 -14.45 -0.54 -9.18
C GLU D 59 -13.73 -1.89 -9.03
N ALA D 60 -14.25 -2.97 -9.62
CA ALA D 60 -13.59 -4.25 -9.61
C ALA D 60 -12.23 -4.25 -10.36
N HIS D 61 -11.98 -3.26 -11.21
CA HIS D 61 -10.69 -3.17 -11.88
C HIS D 61 -9.61 -2.57 -10.97
N PHE D 62 -9.97 -2.13 -9.77
CA PHE D 62 -8.96 -1.62 -8.85
C PHE D 62 -8.47 -2.81 -8.06
N THR D 63 -7.73 -3.68 -8.74
CA THR D 63 -7.23 -4.92 -8.14
C THR D 63 -6.07 -4.70 -7.19
N ASN D 64 -5.74 -5.78 -6.51
CA ASN D 64 -4.64 -5.81 -5.57
C ASN D 64 -4.05 -7.21 -5.72
N SER D 65 -3.56 -7.49 -6.92
CA SER D 65 -3.03 -8.79 -7.23
C SER D 65 -1.70 -9.04 -6.49
N SER D 66 -1.41 -10.32 -6.29
CA SER D 66 -0.20 -10.76 -5.61
C SER D 66 0.40 -11.90 -6.41
N GLY D 67 1.62 -12.30 -6.03
CA GLY D 67 2.30 -13.41 -6.66
C GLY D 67 2.46 -13.23 -8.14
N TYR D 68 2.12 -14.29 -8.88
CA TYR D 68 2.20 -14.29 -10.33
C TYR D 68 1.30 -13.24 -10.96
N GLY D 69 0.20 -12.90 -10.29
CA GLY D 69 -0.75 -11.96 -10.84
C GLY D 69 -1.50 -12.50 -12.07
N TYR D 70 -1.66 -13.81 -12.17
CA TYR D 70 -2.41 -14.39 -13.29
C TYR D 70 -3.83 -13.90 -13.22
N GLY D 71 -4.37 -13.53 -14.38
CA GLY D 71 -5.74 -13.04 -14.44
C GLY D 71 -6.05 -11.73 -13.72
N ASP D 72 -5.05 -10.87 -13.55
CA ASP D 72 -5.29 -9.56 -12.92
C ASP D 72 -6.05 -8.70 -13.94
N ILE D 73 -7.37 -8.61 -13.78
CA ILE D 73 -8.21 -7.85 -14.72
C ILE D 73 -7.93 -6.37 -14.72
N GLY D 74 -7.49 -5.83 -13.59
CA GLY D 74 -7.12 -4.41 -13.50
C GLY D 74 -5.95 -4.09 -14.42
N ARG D 75 -4.94 -4.97 -14.40
CA ARG D 75 -3.78 -4.81 -15.24
C ARG D 75 -4.16 -4.98 -16.72
N ASP D 76 -4.87 -6.07 -17.02
CA ASP D 76 -5.26 -6.38 -18.39
C ASP D 76 -6.16 -5.27 -18.99
N SER D 77 -7.17 -4.81 -18.25
CA SER D 77 -8.03 -3.71 -18.75
C SER D 77 -7.32 -2.34 -18.85
N LEU D 78 -6.25 -2.12 -18.09
CA LEU D 78 -5.50 -0.87 -18.21
C LEU D 78 -4.73 -0.86 -19.55
N ASP D 79 -4.18 -2.02 -19.90
CA ASP D 79 -3.51 -2.17 -21.17
C ASP D 79 -4.51 -1.88 -22.29
N ALA D 80 -5.71 -2.42 -22.16
CA ALA D 80 -6.75 -2.24 -23.17
C ALA D 80 -7.14 -0.76 -23.29
N VAL D 81 -7.24 -0.06 -22.15
CA VAL D 81 -7.60 1.36 -22.12
C VAL D 81 -6.56 2.20 -22.84
N TYR D 82 -5.28 1.93 -22.55
CA TYR D 82 -4.19 2.61 -23.24
C TYR D 82 -4.24 2.38 -24.74
N ALA D 83 -4.41 1.13 -25.18
CA ALA D 83 -4.50 0.80 -26.60
C ALA D 83 -5.66 1.56 -27.26
N ARG D 84 -6.77 1.76 -26.54
CA ARG D 84 -7.87 2.56 -27.09
C ARG D 84 -7.47 4.05 -27.20
N VAL D 85 -6.83 4.59 -26.16
CA VAL D 85 -6.41 5.99 -26.17
C VAL D 85 -5.47 6.23 -27.35
N PHE D 86 -4.54 5.31 -27.57
CA PHE D 86 -3.55 5.46 -28.64
C PHE D 86 -3.97 4.87 -30.00
N ASN D 87 -5.16 4.27 -30.07
CA ASN D 87 -5.65 3.63 -31.29
C ASN D 87 -4.67 2.58 -31.82
N THR D 88 -4.19 1.73 -30.91
CA THR D 88 -3.27 0.65 -31.27
C THR D 88 -3.96 -0.68 -31.05
N GLU D 89 -3.33 -1.75 -31.55
CA GLU D 89 -3.85 -3.08 -31.36
CA GLU D 89 -3.80 -3.11 -31.40
C GLU D 89 -3.63 -3.53 -29.93
N SER D 90 -2.46 -3.21 -29.37
CA SER D 90 -2.13 -3.63 -28.02
C SER D 90 -1.40 -2.58 -27.24
N ALA D 91 -1.24 -2.85 -25.95
CA ALA D 91 -0.46 -2.00 -25.07
C ALA D 91 0.08 -2.82 -23.92
N LEU D 92 1.10 -2.27 -23.26
CA LEU D 92 1.77 -2.92 -22.17
C LEU D 92 2.12 -1.84 -21.14
N VAL D 93 1.36 -1.79 -20.05
CA VAL D 93 1.52 -0.80 -19.03
C VAL D 93 1.89 -1.51 -17.74
N ARG D 94 3.06 -1.22 -17.20
CA ARG D 94 3.53 -1.93 -16.03
C ARG D 94 4.28 -1.06 -15.05
N PRO D 95 4.04 -1.28 -13.74
CA PRO D 95 4.86 -0.58 -12.76
C PRO D 95 6.32 -1.06 -12.82
N HIS D 96 6.54 -2.24 -13.39
CA HIS D 96 7.86 -2.88 -13.45
C HIS D 96 8.92 -2.15 -14.29
N PHE D 97 8.52 -1.27 -15.21
CA PHE D 97 9.50 -0.45 -15.95
C PHE D 97 10.01 0.57 -14.94
N VAL D 98 11.32 0.61 -14.70
CA VAL D 98 11.88 1.49 -13.66
C VAL D 98 11.95 2.95 -14.08
N ASN D 99 11.95 3.21 -15.39
CA ASN D 99 11.97 4.57 -15.94
C ASN D 99 11.67 4.49 -17.44
N GLY D 100 11.64 5.64 -18.11
CA GLY D 100 11.34 5.68 -19.54
C GLY D 100 12.39 4.98 -20.40
N THR D 101 13.65 5.10 -20.00
CA THR D 101 14.75 4.47 -20.72
C THR D 101 14.56 2.97 -20.77
N HIS D 102 14.13 2.39 -19.66
CA HIS D 102 13.83 0.95 -19.60
C HIS D 102 12.77 0.56 -20.61
N ALA D 103 11.68 1.34 -20.69
CA ALA D 103 10.62 1.05 -21.65
C ALA D 103 11.14 1.10 -23.11
N LEU D 104 11.93 2.11 -23.43
CA LEU D 104 12.55 2.23 -24.77
C LEU D 104 13.50 1.07 -25.05
N GLY D 105 14.35 0.75 -24.08
CA GLY D 105 15.29 -0.37 -24.19
C GLY D 105 14.59 -1.70 -24.42
N ALA D 106 13.50 -1.93 -23.67
CA ALA D 106 12.69 -3.13 -23.83
C ALA D 106 12.13 -3.21 -25.25
N ALA D 107 11.69 -2.08 -25.78
CA ALA D 107 11.21 -2.01 -27.18
C ALA D 107 12.29 -2.44 -28.16
N LEU D 108 13.48 -1.89 -28.00
CA LEU D 108 14.59 -2.13 -28.89
C LEU D 108 15.09 -3.58 -28.83
N PHE D 109 15.50 -4.04 -27.64
CA PHE D 109 15.94 -5.42 -27.46
C PHE D 109 14.82 -6.38 -27.86
N GLY D 110 13.59 -6.02 -27.53
CA GLY D 110 12.43 -6.84 -27.86
C GLY D 110 12.27 -7.06 -29.35
N ASN D 111 12.40 -6.00 -30.13
CA ASN D 111 12.17 -6.05 -31.57
C ASN D 111 13.40 -6.13 -32.47
N LEU D 112 14.60 -6.21 -31.91
CA LEU D 112 15.81 -6.33 -32.74
C LEU D 112 16.45 -7.67 -32.50
N ARG D 113 17.11 -8.21 -33.53
CA ARG D 113 17.79 -9.50 -33.47
C ARG D 113 19.17 -9.34 -34.13
N PRO D 114 20.13 -10.21 -33.80
CA PRO D 114 21.47 -10.09 -34.37
C PRO D 114 21.45 -9.98 -35.88
N GLY D 115 22.20 -9.03 -36.42
CA GLY D 115 22.26 -8.77 -37.84
C GLY D 115 21.35 -7.62 -38.25
N ASN D 116 20.31 -7.33 -37.47
CA ASN D 116 19.45 -6.20 -37.79
C ASN D 116 20.18 -4.92 -37.46
N THR D 117 19.75 -3.84 -38.12
CA THR D 117 20.26 -2.49 -37.87
C THR D 117 19.07 -1.60 -37.50
N LEU D 119 17.85 2.50 -37.14
CA LEU D 119 18.19 3.82 -37.67
C LEU D 119 17.47 4.90 -36.85
N SER D 120 18.23 5.70 -36.10
CA SER D 120 17.69 6.88 -35.40
C SER D 120 17.69 8.03 -36.40
N VAL D 121 16.54 8.65 -36.62
CA VAL D 121 16.41 9.69 -37.66
C VAL D 121 16.30 11.14 -37.17
N CYS D 122 16.37 11.35 -35.85
CA CYS D 122 16.32 12.69 -35.26
C CYS D 122 17.65 12.96 -34.60
N GLY D 123 18.71 12.61 -35.31
CA GLY D 123 20.03 12.75 -34.78
C GLY D 123 20.28 11.83 -33.58
N GLU D 124 21.32 12.19 -32.86
CA GLU D 124 21.76 11.49 -31.67
C GLU D 124 20.66 11.39 -30.61
N PRO D 125 20.38 10.17 -30.12
CA PRO D 125 19.37 10.06 -29.06
C PRO D 125 19.85 10.69 -27.78
N TYR D 126 18.91 10.95 -26.88
CA TYR D 126 19.27 11.47 -25.58
C TYR D 126 20.31 10.52 -24.95
N ASP D 127 21.15 11.11 -24.13
CA ASP D 127 22.31 10.46 -23.57
C ASP D 127 22.16 9.07 -22.98
N THR D 128 21.14 8.84 -22.16
CA THR D 128 21.03 7.53 -21.48
C THR D 128 20.83 6.34 -22.44
N LEU D 129 20.22 6.59 -23.61
CA LEU D 129 20.02 5.54 -24.60
C LEU D 129 21.30 5.07 -25.28
N HIS D 130 22.36 5.88 -25.17
CA HIS D 130 23.64 5.59 -25.80
C HIS D 130 24.28 4.30 -25.27
N ASP D 131 24.21 4.07 -23.94
CA ASP D 131 24.72 2.82 -23.35
C ASP D 131 23.84 1.63 -23.71
N VAL D 132 22.54 1.86 -23.88
CA VAL D 132 21.61 0.80 -24.27
C VAL D 132 21.94 0.27 -25.67
N ILE D 133 22.25 1.21 -26.57
CA ILE D 133 22.54 0.89 -27.97
C ILE D 133 23.99 0.44 -28.14
N GLY D 134 24.89 1.05 -27.38
CA GLY D 134 26.32 0.78 -27.46
C GLY D 134 26.95 1.64 -28.55
N ILE D 135 26.37 2.83 -28.78
CA ILE D 135 26.77 3.74 -29.87
C ILE D 135 28.27 4.03 -29.85
N THR D 136 28.73 4.64 -28.76
CA THR D 136 30.14 5.02 -28.61
C THR D 136 30.88 4.05 -27.72
N GLU D 137 30.41 3.88 -26.48
CA GLU D 137 31.07 3.03 -25.50
C GLU D 137 30.42 1.65 -25.35
N ASN D 138 31.24 0.64 -25.10
CA ASN D 138 30.78 -0.74 -24.87
C ASN D 138 31.69 -1.39 -23.84
N SER D 139 31.11 -1.83 -22.72
CA SER D 139 31.91 -2.37 -21.62
C SER D 139 31.35 -3.69 -21.08
N ASN D 140 30.72 -4.45 -21.96
CA ASN D 140 30.12 -5.74 -21.64
C ASN D 140 28.92 -5.67 -20.69
N GLY D 142 26.12 -5.50 -21.98
CA GLY D 142 25.15 -6.17 -22.84
C GLY D 142 24.27 -5.25 -23.68
N SER D 143 24.93 -4.31 -24.37
CA SER D 143 24.25 -3.36 -25.26
C SER D 143 23.73 -4.08 -26.51
N LEU D 144 22.96 -3.34 -27.29
CA LEU D 144 22.49 -3.85 -28.58
C LEU D 144 23.68 -4.29 -29.44
N LYS D 145 24.71 -3.45 -29.49
CA LYS D 145 25.89 -3.73 -30.26
C LYS D 145 26.54 -5.05 -29.82
N GLU D 146 26.57 -5.32 -28.52
CA GLU D 146 27.17 -6.56 -27.99
C GLU D 146 26.33 -7.80 -28.32
N PHE D 147 25.08 -7.60 -28.72
CA PHE D 147 24.23 -8.69 -29.19
C PHE D 147 24.11 -8.71 -30.71
N GLY D 148 25.11 -8.15 -31.38
CA GLY D 148 25.16 -8.12 -32.84
C GLY D 148 24.16 -7.24 -33.56
N ILE D 149 23.53 -6.29 -32.84
CA ILE D 149 22.54 -5.39 -33.44
C ILE D 149 23.25 -4.05 -33.72
N ASN D 150 23.11 -3.57 -34.96
CA ASN D 150 23.82 -2.40 -35.41
C ASN D 150 23.04 -1.10 -35.33
N TYR D 151 23.78 0.01 -35.32
CA TYR D 151 23.21 1.33 -35.19
C TYR D 151 23.64 2.28 -36.32
N LYS D 152 22.68 3.02 -36.86
CA LYS D 152 22.96 4.07 -37.84
C LYS D 152 22.15 5.30 -37.42
N GLN D 153 22.54 6.45 -37.95
CA GLN D 153 21.93 7.70 -37.56
C GLN D 153 21.84 8.73 -38.68
N VAL D 154 20.70 9.41 -38.79
CA VAL D 154 20.52 10.49 -39.74
C VAL D 154 20.16 11.70 -38.89
N ASP D 155 20.92 12.78 -39.02
CA ASP D 155 20.66 13.98 -38.24
C ASP D 155 19.53 14.79 -38.83
N LEU D 156 18.92 15.60 -37.98
CA LEU D 156 17.90 16.54 -38.44
C LEU D 156 18.57 17.59 -39.33
N LYS D 157 17.79 18.27 -40.16
CA LYS D 157 18.34 19.31 -41.02
C LYS D 157 18.60 20.58 -40.21
N GLU D 158 19.28 21.55 -40.83
CA GLU D 158 19.59 22.82 -40.19
C GLU D 158 18.33 23.49 -39.68
N ASP D 159 17.23 23.37 -40.44
CA ASP D 159 15.95 23.94 -40.00
C ASP D 159 15.27 23.18 -38.86
N GLY D 160 15.83 22.07 -38.40
CA GLY D 160 15.25 21.28 -37.31
C GLY D 160 14.27 20.19 -37.76
N LYS D 161 14.03 20.09 -39.07
CA LYS D 161 13.10 19.11 -39.64
C LYS D 161 13.84 17.85 -40.13
N PRO D 162 13.14 16.71 -40.20
CA PRO D 162 13.81 15.48 -40.61
C PRO D 162 14.35 15.52 -42.04
N ASN D 163 15.49 14.90 -42.26
CA ASN D 163 16.08 14.88 -43.59
C ASN D 163 15.50 13.68 -44.33
N LEU D 164 14.31 13.88 -44.92
CA LEU D 164 13.63 12.78 -45.61
C LEU D 164 14.42 12.16 -46.77
N GLU D 165 15.17 12.98 -47.50
CA GLU D 165 15.92 12.45 -48.65
C GLU D 165 17.05 11.52 -48.20
N GLU D 166 17.73 11.89 -47.12
CA GLU D 166 18.81 11.08 -46.57
CA GLU D 166 18.81 11.06 -46.61
C GLU D 166 18.25 9.81 -45.95
N ILE D 167 17.11 9.92 -45.27
CA ILE D 167 16.48 8.76 -44.63
C ILE D 167 16.21 7.71 -45.71
N GLU D 168 15.63 8.14 -46.84
CA GLU D 168 15.35 7.24 -47.97
C GLU D 168 16.60 6.58 -48.51
N LYS D 169 17.63 7.39 -48.72
CA LYS D 169 18.87 6.90 -49.29
C LYS D 169 19.51 5.85 -48.36
N VAL D 170 19.60 6.16 -47.06
CA VAL D 170 20.17 5.24 -46.07
C VAL D 170 19.40 3.91 -45.99
N LEU D 171 18.07 3.97 -46.01
CA LEU D 171 17.23 2.78 -46.00
C LEU D 171 17.41 1.97 -47.31
N LYS D 172 17.39 2.64 -48.44
CA LYS D 172 17.59 1.94 -49.71
C LYS D 172 18.94 1.23 -49.74
N GLU D 173 19.96 1.86 -49.17
CA GLU D 173 21.32 1.29 -49.21
C GLU D 173 21.62 0.21 -48.16
N ASP D 174 20.76 0.05 -47.15
CA ASP D 174 20.98 -0.95 -46.11
C ASP D 174 19.65 -1.68 -45.85
N GLU D 175 19.53 -2.86 -46.45
CA GLU D 175 18.35 -3.68 -46.30
C GLU D 175 18.31 -4.37 -44.93
N SER D 176 19.39 -4.32 -44.16
CA SER D 176 19.38 -4.89 -42.79
C SER D 176 18.61 -4.01 -41.80
N ILE D 177 18.32 -2.77 -42.17
CA ILE D 177 17.60 -1.87 -41.30
C ILE D 177 16.15 -2.31 -41.19
N THR D 178 15.78 -2.77 -39.99
CA THR D 178 14.44 -3.23 -39.69
C THR D 178 13.66 -2.33 -38.74
N LEU D 179 14.32 -1.31 -38.19
CA LEU D 179 13.65 -0.44 -37.24
C LEU D 179 14.17 0.99 -37.35
N VAL D 180 13.24 1.93 -37.34
CA VAL D 180 13.52 3.36 -37.36
C VAL D 180 13.05 3.90 -36.02
N HIS D 181 13.92 4.65 -35.38
CA HIS D 181 13.67 5.21 -34.07
C HIS D 181 13.54 6.71 -34.21
N ILE D 182 12.43 7.24 -33.69
CA ILE D 182 12.09 8.65 -33.79
C ILE D 182 11.90 9.19 -32.39
N GLN D 183 12.74 10.12 -31.97
CA GLN D 183 12.59 10.74 -30.68
C GLN D 183 11.69 11.94 -30.83
N ARG D 184 10.59 11.99 -30.09
CA ARG D 184 9.64 13.09 -30.24
C ARG D 184 10.15 14.37 -29.55
N SER D 185 10.66 14.22 -28.34
CA SER D 185 11.14 15.37 -27.58
C SER D 185 12.54 15.82 -27.97
N THR D 186 12.81 17.11 -27.78
CA THR D 186 14.09 17.70 -28.12
C THR D 186 15.22 17.28 -27.23
N GLY D 187 14.91 17.04 -25.96
CA GLY D 187 15.95 16.74 -24.99
C GLY D 187 16.66 18.05 -24.67
N TYR D 188 17.99 18.04 -24.77
CA TYR D 188 18.83 19.20 -24.52
C TYR D 188 19.27 19.86 -25.82
N GLY D 189 18.47 19.71 -26.88
CA GLY D 189 18.81 20.28 -28.19
C GLY D 189 18.10 21.60 -28.39
N TRP D 190 18.86 22.64 -28.75
CA TRP D 190 18.30 23.97 -28.98
C TRP D 190 17.67 24.00 -30.35
N ARG D 191 16.47 23.43 -30.42
CA ARG D 191 15.67 23.30 -31.64
C ARG D 191 14.24 22.93 -31.20
N ARG D 192 13.29 22.91 -32.14
CA ARG D 192 11.90 22.54 -31.83
C ARG D 192 11.70 21.01 -31.75
N ALA D 193 10.79 20.56 -30.87
CA ALA D 193 10.40 19.13 -30.80
C ALA D 193 9.75 18.82 -32.18
N LEU D 194 9.59 17.55 -32.51
CA LEU D 194 8.97 17.22 -33.79
C LEU D 194 7.48 17.28 -33.59
N LEU D 195 6.77 17.89 -34.53
CA LEU D 195 5.30 17.93 -34.50
C LEU D 195 4.75 16.61 -35.06
N ILE D 196 3.50 16.30 -34.73
CA ILE D 196 2.85 15.08 -35.23
C ILE D 196 2.92 14.99 -36.74
N GLU D 197 2.78 16.12 -37.41
CA GLU D 197 2.86 16.10 -38.87
C GLU D 197 4.26 15.70 -39.35
N ASP D 198 5.30 16.05 -38.60
CA ASP D 198 6.68 15.68 -38.95
C ASP D 198 6.88 14.17 -38.75
N ILE D 199 6.30 13.61 -37.71
CA ILE D 199 6.40 12.18 -37.46
C ILE D 199 5.71 11.42 -38.61
N LYS D 200 4.57 11.93 -39.05
CA LYS D 200 3.82 11.34 -40.13
C LYS D 200 4.67 11.32 -41.41
N SER D 201 5.28 12.46 -41.74
CA SER D 201 6.11 12.56 -42.93
CA SER D 201 6.12 12.56 -42.93
C SER D 201 7.21 11.50 -42.87
N ILE D 202 7.81 11.29 -41.69
CA ILE D 202 8.87 10.27 -41.49
C ILE D 202 8.39 8.84 -41.75
N VAL D 203 7.31 8.47 -41.08
CA VAL D 203 6.70 7.14 -41.24
C VAL D 203 6.33 6.88 -42.70
N ASP D 204 5.69 7.85 -43.34
CA ASP D 204 5.31 7.68 -44.76
C ASP D 204 6.55 7.49 -45.63
N CYS D 205 7.59 8.25 -45.32
CA CYS D 205 8.83 8.15 -46.07
C CYS D 205 9.46 6.76 -45.89
N VAL D 206 9.56 6.31 -44.65
CA VAL D 206 10.11 4.99 -44.32
C VAL D 206 9.30 3.84 -44.93
N LYS D 207 7.98 3.88 -44.72
CA LYS D 207 7.09 2.83 -45.20
C LYS D 207 7.08 2.79 -46.72
N ASN D 208 7.32 3.91 -47.39
CA ASN D 208 7.41 3.93 -48.86
C ASN D 208 8.66 3.21 -49.38
N ILE D 209 9.71 3.03 -48.55
CA ILE D 209 10.88 2.22 -48.95
C ILE D 209 10.67 0.75 -48.65
N ARG D 210 10.33 0.43 -47.40
CA ARG D 210 9.97 -0.94 -47.00
C ARG D 210 8.86 -0.85 -45.93
N LYS D 211 7.67 -1.34 -46.29
CA LYS D 211 6.51 -1.29 -45.40
C LYS D 211 6.71 -2.06 -44.09
N ASP D 212 7.59 -3.06 -44.11
CA ASP D 212 7.84 -3.89 -42.93
C ASP D 212 8.76 -3.26 -41.88
N ILE D 213 9.38 -2.11 -42.18
CA ILE D 213 10.25 -1.47 -41.19
C ILE D 213 9.39 -0.99 -40.00
N ILE D 214 9.80 -1.34 -38.79
CA ILE D 214 9.07 -0.93 -37.59
C ILE D 214 9.43 0.52 -37.30
N CYS D 215 8.41 1.37 -37.16
CA CYS D 215 8.59 2.78 -36.85
C CYS D 215 8.26 2.96 -35.39
N PHE D 216 9.32 3.14 -34.59
CA PHE D 216 9.26 3.28 -33.15
C PHE D 216 9.44 4.72 -32.68
N VAL D 217 8.52 5.23 -31.85
CA VAL D 217 8.62 6.61 -31.36
C VAL D 217 8.76 6.68 -29.85
N ASP D 218 9.82 7.34 -29.38
CA ASP D 218 9.98 7.61 -27.95
C ASP D 218 9.04 8.78 -27.71
N ASN D 219 7.92 8.49 -27.04
CA ASN D 219 6.86 9.50 -26.88
C ASN D 219 6.96 10.34 -25.61
N CYS D 220 7.99 10.09 -24.78
CA CYS D 220 8.16 10.85 -23.55
C CYS D 220 8.00 12.35 -23.72
N TYR D 221 7.24 12.95 -22.82
CA TYR D 221 6.96 14.38 -22.72
C TYR D 221 5.96 14.90 -23.74
N GLY D 222 5.54 14.06 -24.70
CA GLY D 222 4.64 14.48 -25.76
C GLY D 222 3.20 14.06 -25.60
N GLU D 223 2.88 13.28 -24.56
CA GLU D 223 1.50 12.82 -24.42
C GLU D 223 0.55 13.99 -24.20
N PHE D 224 -0.49 14.01 -25.00
CA PHE D 224 -1.60 14.98 -24.92
C PHE D 224 -1.23 16.40 -25.28
N ASP D 226 -1.13 17.14 -28.43
CA ASP D 226 -1.95 17.31 -29.62
C ASP D 226 -3.16 16.38 -29.48
N THR D 227 -4.14 16.52 -30.37
CA THR D 227 -5.27 15.60 -30.34
C THR D 227 -4.92 14.24 -30.96
N LYS D 228 -3.78 14.16 -31.66
CA LYS D 228 -3.23 12.92 -32.20
C LYS D 228 -1.95 12.57 -31.49
N GLU D 229 -1.68 11.26 -31.44
CA GLU D 229 -0.44 10.71 -30.91
C GLU D 229 0.30 10.06 -32.09
N PRO D 230 1.57 9.66 -31.90
CA PRO D 230 2.29 9.13 -33.09
C PRO D 230 1.67 7.87 -33.74
N THR D 231 0.96 7.09 -32.92
CA THR D 231 0.25 5.90 -33.37
C THR D 231 -0.95 6.23 -34.27
N ASP D 232 -1.40 7.49 -34.27
CA ASP D 232 -2.47 7.96 -35.16
C ASP D 232 -1.96 8.36 -36.54
N VAL D 233 -0.64 8.37 -36.73
CA VAL D 233 -0.01 8.72 -38.01
C VAL D 233 1.02 7.64 -38.45
N GLY D 234 0.74 6.38 -38.11
CA GLY D 234 1.52 5.26 -38.64
C GLY D 234 2.55 4.59 -37.74
N ALA D 235 2.83 5.16 -36.57
CA ALA D 235 3.82 4.53 -35.68
C ALA D 235 3.40 3.13 -35.29
N ASP D 236 4.31 2.15 -35.42
CA ASP D 236 4.04 0.76 -35.08
C ASP D 236 4.17 0.50 -33.58
N LEU D 237 4.94 1.35 -32.90
CA LEU D 237 5.23 1.18 -31.47
C LEU D 237 5.67 2.53 -30.89
N ILE D 238 5.18 2.85 -29.70
CA ILE D 238 5.60 4.03 -28.97
C ILE D 238 5.93 3.57 -27.55
N ALA D 239 6.75 4.34 -26.83
CA ALA D 239 7.09 4.06 -25.43
C ALA D 239 7.14 5.36 -24.64
N GLY D 240 6.90 5.28 -23.34
CA GLY D 240 6.96 6.45 -22.47
C GLY D 240 7.03 6.04 -21.02
N SER D 241 7.10 7.05 -20.16
CA SER D 241 7.21 6.86 -18.72
C SER D 241 5.96 7.33 -18.00
N LEU D 242 5.55 6.61 -16.96
CA LEU D 242 4.36 6.98 -16.22
C LEU D 242 4.60 8.11 -15.19
N ILE D 243 5.84 8.54 -14.99
CA ILE D 243 6.07 9.68 -14.10
C ILE D 243 6.32 10.96 -14.90
N LYS D 244 6.04 10.90 -16.20
CA LYS D 244 6.03 12.07 -17.05
C LYS D 244 4.53 12.36 -17.32
N ASN D 245 4.19 12.93 -18.48
CA ASN D 245 2.81 13.39 -18.73
C ASN D 245 1.64 12.44 -18.40
N ILE D 246 1.76 11.20 -18.87
CA ILE D 246 0.68 10.26 -18.86
C ILE D 246 0.26 9.70 -17.51
N GLY D 247 1.11 9.88 -16.50
CA GLY D 247 0.75 9.53 -15.16
C GLY D 247 -0.08 10.59 -14.44
N GLY D 248 -0.36 11.71 -15.11
CA GLY D 248 -1.17 12.80 -14.51
C GLY D 248 -0.67 13.33 -13.17
N GLY D 249 0.63 13.17 -12.91
CA GLY D 249 1.23 13.60 -11.65
C GLY D 249 1.04 12.66 -10.47
N ILE D 250 0.31 11.54 -10.66
CA ILE D 250 0.00 10.64 -9.56
C ILE D 250 0.39 9.16 -9.72
N ALA D 251 0.66 8.69 -10.92
CA ALA D 251 1.13 7.32 -11.11
C ALA D 251 2.50 7.37 -10.45
N PRO D 252 2.79 6.39 -9.56
CA PRO D 252 4.02 6.48 -8.74
C PRO D 252 5.31 5.97 -9.37
N THR D 253 5.20 5.18 -10.44
CA THR D 253 6.36 4.64 -11.16
C THR D 253 5.84 3.93 -12.40
N GLY D 254 6.72 3.32 -13.18
CA GLY D 254 6.27 2.48 -14.31
C GLY D 254 6.43 3.10 -15.67
N GLY D 255 5.99 2.37 -16.68
CA GLY D 255 6.08 2.82 -18.07
C GLY D 255 5.06 2.15 -18.94
N TYR D 256 4.99 2.60 -20.19
CA TYR D 256 4.05 2.01 -21.12
C TYR D 256 4.63 1.90 -22.54
N LEU D 257 4.06 0.99 -23.31
CA LEU D 257 4.28 0.92 -24.73
C LEU D 257 2.88 0.66 -25.32
N ALA D 258 2.64 1.19 -26.50
CA ALA D 258 1.40 0.96 -27.23
C ALA D 258 1.80 0.72 -28.67
N GLY D 259 1.17 -0.26 -29.33
CA GLY D 259 1.49 -0.53 -30.72
C GLY D 259 0.89 -1.80 -31.24
N THR D 260 1.48 -2.35 -32.30
CA THR D 260 0.96 -3.59 -32.89
C THR D 260 1.10 -4.74 -31.88
N LYS D 261 0.20 -5.73 -31.96
CA LYS D 261 0.30 -6.87 -31.06
C LYS D 261 1.65 -7.54 -31.12
N ASP D 262 2.20 -7.70 -32.32
CA ASP D 262 3.51 -8.33 -32.47
C ASP D 262 4.63 -7.55 -31.75
N CYS D 263 4.67 -6.23 -31.94
CA CYS D 263 5.72 -5.42 -31.31
C CYS D 263 5.64 -5.41 -29.79
N ILE D 264 4.40 -5.40 -29.28
CA ILE D 264 4.13 -5.41 -27.84
C ILE D 264 4.50 -6.76 -27.23
N GLU D 265 4.12 -7.85 -27.88
CA GLU D 265 4.48 -9.16 -27.35
C GLU D 265 6.01 -9.31 -27.32
N LYS D 266 6.69 -8.89 -28.37
CA LYS D 266 8.15 -8.97 -28.43
C LYS D 266 8.81 -8.15 -27.32
N THR D 267 8.27 -6.96 -27.07
CA THR D 267 8.75 -6.12 -25.98
C THR D 267 8.54 -6.84 -24.64
N SER D 268 7.35 -7.42 -24.45
CA SER D 268 7.03 -8.11 -23.20
C SER D 268 8.03 -9.23 -22.88
N TYR D 269 8.56 -9.90 -23.90
CA TYR D 269 9.55 -10.97 -23.65
C TYR D 269 10.93 -10.45 -23.19
N ARG D 270 11.21 -9.16 -23.42
CA ARG D 270 12.42 -8.53 -22.89
C ARG D 270 12.17 -8.00 -21.48
N LEU D 271 10.96 -7.48 -21.25
CA LEU D 271 10.56 -7.05 -19.92
C LEU D 271 10.71 -8.21 -18.91
N THR D 272 10.18 -9.38 -19.26
CA THR D 272 10.34 -10.58 -18.43
C THR D 272 11.28 -11.49 -19.22
N VAL D 273 10.79 -12.62 -19.74
CA VAL D 273 11.60 -13.54 -20.53
C VAL D 273 10.71 -14.26 -21.53
N PRO D 274 11.30 -14.78 -22.62
CA PRO D 274 10.48 -15.56 -23.55
C PRO D 274 9.67 -16.64 -22.82
N GLY D 275 8.43 -16.84 -23.24
CA GLY D 275 7.59 -17.87 -22.63
C GLY D 275 6.72 -17.33 -21.51
N ILE D 276 7.07 -16.17 -20.97
CA ILE D 276 6.28 -15.53 -19.93
CA ILE D 276 6.28 -15.53 -19.92
C ILE D 276 5.68 -14.24 -20.46
N GLY D 277 6.52 -13.31 -20.91
CA GLY D 277 6.05 -12.04 -21.43
C GLY D 277 5.24 -11.25 -20.40
N GLY D 278 4.07 -10.76 -20.79
CA GLY D 278 3.20 -10.02 -19.89
C GLY D 278 2.17 -10.85 -19.12
N GLU D 279 2.22 -12.19 -19.21
CA GLU D 279 1.23 -13.05 -18.56
CA GLU D 279 1.22 -13.05 -18.55
C GLU D 279 1.38 -13.03 -17.02
N CYS D 280 2.61 -12.84 -16.55
CA CYS D 280 2.90 -12.75 -15.13
C CYS D 280 3.32 -11.33 -14.79
N GLY D 281 3.05 -10.95 -13.56
CA GLY D 281 3.41 -9.65 -13.04
C GLY D 281 2.28 -9.04 -12.25
N SER D 282 2.30 -9.18 -10.92
CA SER D 282 1.27 -8.57 -10.08
C SER D 282 1.56 -7.06 -9.99
N THR D 283 0.57 -6.29 -9.59
CA THR D 283 0.66 -4.83 -9.68
C THR D 283 0.65 -4.05 -8.36
N PHE D 284 1.00 -4.72 -7.26
CA PHE D 284 1.21 -4.08 -5.96
C PHE D 284 0.12 -3.11 -5.45
N GLY D 285 -1.12 -3.25 -5.90
CA GLY D 285 -2.18 -2.32 -5.51
C GLY D 285 -2.10 -0.90 -6.10
N VAL D 286 -1.14 -0.63 -7.00
CA VAL D 286 -1.00 0.73 -7.56
C VAL D 286 -1.80 0.98 -8.86
N VAL D 287 -2.60 -0.01 -9.29
CA VAL D 287 -3.32 0.12 -10.54
C VAL D 287 -4.37 1.24 -10.50
N ARG D 288 -5.04 1.45 -9.37
CA ARG D 288 -5.99 2.56 -9.31
C ARG D 288 -5.35 3.93 -9.62
N SER D 289 -4.16 4.14 -9.05
CA SER D 289 -3.41 5.36 -9.29
CA SER D 289 -3.43 5.38 -9.28
C SER D 289 -3.02 5.53 -10.75
N TYR D 291 -4.78 4.23 -13.38
CA TYR D 291 -6.00 4.61 -14.09
C TYR D 291 -6.32 6.09 -13.86
N GLN D 292 -6.30 6.51 -12.61
CA GLN D 292 -6.63 7.89 -12.28
C GLN D 292 -5.67 8.89 -12.91
N GLY D 293 -4.38 8.56 -12.88
CA GLY D 293 -3.34 9.40 -13.51
C GLY D 293 -3.62 9.61 -14.99
N LEU D 294 -3.96 8.53 -15.69
CA LEU D 294 -4.33 8.60 -17.11
C LEU D 294 -5.53 9.54 -17.30
N PHE D 295 -6.55 9.42 -16.45
CA PHE D 295 -7.77 10.23 -16.56
C PHE D 295 -7.46 11.72 -16.38
N LEU D 296 -6.56 12.01 -15.45
CA LEU D 296 -6.08 13.38 -15.21
C LEU D 296 -5.01 13.88 -16.18
N ALA D 297 -4.39 12.99 -16.95
CA ALA D 297 -3.24 13.35 -17.78
C ALA D 297 -3.46 14.48 -18.81
N PRO D 298 -4.58 14.46 -19.54
CA PRO D 298 -4.79 15.50 -20.53
C PRO D 298 -4.81 16.90 -19.90
N HIS D 299 -5.41 17.01 -18.71
CA HIS D 299 -5.50 18.26 -17.99
C HIS D 299 -4.14 18.67 -17.38
N ILE D 300 -3.52 17.76 -16.63
CA ILE D 300 -2.26 18.07 -15.95
C ILE D 300 -1.16 18.38 -16.95
N SER D 301 -1.15 17.67 -18.08
CA SER D 301 -0.17 17.93 -19.14
C SER D 301 -0.23 19.39 -19.59
N GLU D 303 -1.52 21.95 -17.78
CA GLU D 303 -1.08 22.86 -16.71
C GLU D 303 0.42 23.09 -16.83
N ALA D 304 1.17 22.01 -17.06
CA ALA D 304 2.62 22.09 -17.19
C ALA D 304 3.02 22.88 -18.44
N LEU D 305 2.34 22.62 -19.56
CA LEU D 305 2.66 23.34 -20.78
C LEU D 305 2.39 24.83 -20.62
N LYS D 306 1.31 25.17 -19.90
CA LYS D 306 0.99 26.57 -19.62
C LYS D 306 2.12 27.25 -18.85
N GLY D 307 2.70 26.52 -17.90
CA GLY D 307 3.88 26.97 -17.15
C GLY D 307 5.04 27.26 -18.10
N ALA D 308 5.26 26.36 -19.08
CA ALA D 308 6.35 26.51 -20.09
C ALA D 308 6.13 27.76 -20.96
N ILE D 309 4.89 27.98 -21.39
CA ILE D 309 4.56 29.11 -22.24
C ILE D 309 4.74 30.43 -21.47
N LEU D 310 4.31 30.49 -20.21
CA LEU D 310 4.49 31.70 -19.39
C LEU D 310 5.98 31.93 -19.20
N CYS D 311 6.71 30.87 -18.91
CA CYS D 311 8.16 30.97 -18.74
C CYS D 311 8.80 31.53 -20.00
N SER D 312 8.41 31.00 -21.15
CA SER D 312 8.96 31.46 -22.42
C SER D 312 8.75 32.94 -22.63
N ARG D 313 7.51 33.39 -22.42
CA ARG D 313 7.21 34.78 -22.65
C ARG D 313 7.85 35.72 -21.65
N ILE D 314 7.73 35.39 -20.37
CA ILE D 314 8.26 36.27 -19.34
C ILE D 314 9.77 36.39 -19.43
N GLU D 316 11.61 36.00 -22.18
CA GLU D 316 11.88 36.80 -23.38
C GLU D 316 11.72 38.28 -23.05
N LEU D 317 10.61 38.64 -22.40
CA LEU D 317 10.36 40.04 -22.03
C LEU D 317 11.48 40.59 -21.12
N ALA D 318 12.08 39.71 -20.31
CA ALA D 318 13.17 40.07 -19.44
C ALA D 318 14.51 40.13 -20.16
N GLY D 319 14.53 39.87 -21.47
CA GLY D 319 15.76 39.95 -22.25
C GLY D 319 16.56 38.67 -22.45
N PHE D 320 15.98 37.50 -22.15
CA PHE D 320 16.70 36.22 -22.34
C PHE D 320 16.17 35.48 -23.55
N GLU D 321 17.08 34.92 -24.36
CA GLU D 321 16.67 34.08 -25.48
C GLU D 321 16.04 32.81 -24.91
N VAL D 322 15.01 32.33 -25.60
CA VAL D 322 14.26 31.17 -25.15
C VAL D 322 13.95 30.22 -26.33
N PRO D 324 11.38 26.70 -26.86
CA PRO D 324 10.70 27.43 -27.94
C PRO D 324 10.16 28.81 -27.51
N LYS D 325 9.67 29.57 -28.49
CA LYS D 325 9.04 30.85 -28.25
C LYS D 325 7.63 30.59 -27.73
N TYR D 326 6.99 31.60 -27.17
CA TYR D 326 5.67 31.40 -26.53
C TYR D 326 4.54 31.01 -27.47
N ASP D 327 4.67 31.36 -28.74
CA ASP D 327 3.61 31.12 -29.70
C ASP D 327 3.86 30.00 -30.70
N GLU D 328 4.89 29.19 -30.46
CA GLU D 328 5.21 28.09 -31.37
C GLU D 328 4.40 26.86 -31.00
N LYS D 329 4.18 25.99 -31.99
CA LYS D 329 3.52 24.71 -31.75
C LYS D 329 4.53 23.87 -31.02
N ARG D 330 4.06 23.19 -29.99
CA ARG D 330 4.92 22.42 -29.13
C ARG D 330 4.66 20.95 -29.22
N SER D 331 5.69 20.14 -29.03
CA SER D 331 5.46 18.71 -29.01
C SER D 331 5.92 18.12 -27.70
N ASP D 332 6.29 18.96 -26.74
CA ASP D 332 6.68 18.51 -25.41
C ASP D 332 6.54 19.66 -24.41
N ILE D 333 6.69 19.33 -23.14
CA ILE D 333 6.50 20.31 -22.08
C ILE D 333 7.79 21.03 -21.63
N ILE D 334 8.91 20.80 -22.29
CA ILE D 334 10.20 21.37 -21.86
C ILE D 334 10.39 22.78 -22.39
N GLN D 335 10.86 23.68 -21.53
CA GLN D 335 11.18 25.06 -21.92
C GLN D 335 12.66 25.29 -21.62
N SER D 336 13.39 25.87 -22.58
CA SER D 336 14.80 26.19 -22.44
CA SER D 336 14.78 26.19 -22.38
C SER D 336 14.96 27.70 -22.37
N ILE D 337 15.90 28.15 -21.54
CA ILE D 337 16.22 29.56 -21.35
C ILE D 337 17.74 29.70 -21.43
N LYS D 338 18.23 30.59 -22.29
CA LYS D 338 19.66 30.84 -22.40
C LYS D 338 20.00 32.06 -21.50
N PHE D 339 20.69 31.81 -20.40
CA PHE D 339 21.07 32.88 -19.48
C PHE D 339 22.31 33.61 -19.92
N ASN D 340 23.24 32.89 -20.54
CA ASN D 340 24.48 33.44 -21.00
C ASN D 340 25.33 33.99 -19.83
N ASP D 341 25.07 33.48 -18.63
CA ASP D 341 25.77 33.89 -17.42
C ASP D 341 25.61 32.76 -16.41
N LYS D 342 26.72 32.25 -15.92
CA LYS D 342 26.69 31.13 -14.98
C LYS D 342 25.92 31.49 -13.71
N ASP D 343 26.18 32.65 -13.15
CA ASP D 343 25.51 33.04 -11.89
C ASP D 343 24.01 33.18 -12.02
N LYS D 344 23.56 33.77 -13.13
CA LYS D 344 22.13 33.90 -13.35
C LYS D 344 21.46 32.55 -13.47
N LEU D 345 22.12 31.63 -14.15
CA LEU D 345 21.57 30.29 -14.31
C LEU D 345 21.45 29.61 -12.95
N ILE D 346 22.51 29.69 -12.13
CA ILE D 346 22.51 29.07 -10.82
C ILE D 346 21.40 29.66 -9.93
N GLU D 347 21.34 31.00 -9.86
CA GLU D 347 20.35 31.65 -9.04
C GLU D 347 18.95 31.33 -9.48
N PHE D 348 18.71 31.25 -10.78
CA PHE D 348 17.40 30.92 -11.26
C PHE D 348 17.00 29.53 -10.78
N CYS D 349 17.88 28.55 -10.95
CA CYS D 349 17.58 27.19 -10.49
C CYS D 349 17.36 27.13 -8.98
N LYS D 350 18.16 27.85 -8.21
CA LYS D 350 17.98 27.91 -6.75
C LYS D 350 16.59 28.45 -6.41
N GLY D 351 16.13 29.42 -7.20
CA GLY D 351 14.82 29.99 -7.03
C GLY D 351 13.76 28.94 -7.24
N ILE D 352 13.88 28.20 -8.35
CA ILE D 352 12.94 27.10 -8.61
C ILE D 352 12.90 26.10 -7.44
N GLN D 353 14.06 25.73 -6.88
CA GLN D 353 14.07 24.80 -5.74
C GLN D 353 13.24 25.38 -4.58
N THR D 354 13.44 26.66 -4.29
CA THR D 354 12.72 27.31 -3.17
C THR D 354 11.20 27.45 -3.44
N GLY D 355 10.79 27.29 -4.68
CA GLY D 355 9.39 27.30 -5.03
C GLY D 355 8.70 25.94 -4.97
N SER D 356 9.42 24.89 -4.56
CA SER D 356 8.87 23.53 -4.53
C SER D 356 8.15 23.27 -3.21
N PRO D 357 7.09 22.45 -3.23
CA PRO D 357 6.45 22.10 -1.98
C PRO D 357 7.32 21.15 -1.15
N ILE D 358 8.07 20.27 -1.82
CA ILE D 358 8.95 19.30 -1.14
C ILE D 358 10.44 19.71 -1.25
N ASP D 359 11.19 19.61 -0.16
CA ASP D 359 12.64 19.93 -0.18
C ASP D 359 12.94 21.37 -0.64
N SER D 360 12.04 22.29 -0.29
CA SER D 360 12.21 23.69 -0.63
C SER D 360 13.43 24.35 0.03
N PHE D 361 13.87 23.75 1.12
CA PHE D 361 15.02 24.23 1.92
C PHE D 361 16.38 23.62 1.52
N VAL D 362 16.39 22.72 0.54
CA VAL D 362 17.59 21.98 0.18
C VAL D 362 18.64 22.76 -0.60
N SER D 363 19.90 22.37 -0.41
CA SER D 363 21.05 22.98 -1.11
C SER D 363 20.94 22.68 -2.60
N CYS D 364 20.82 23.73 -3.41
CA CYS D 364 20.70 23.54 -4.86
C CYS D 364 21.97 24.12 -5.44
N GLU D 365 22.91 23.25 -5.80
CA GLU D 365 24.20 23.71 -6.31
C GLU D 365 24.82 22.80 -7.38
N PRO D 366 25.82 23.31 -8.11
CA PRO D 366 26.49 22.46 -9.11
C PRO D 366 27.14 21.26 -8.44
N TRP D 367 27.03 20.10 -9.05
CA TRP D 367 27.68 18.89 -8.52
C TRP D 367 28.20 18.05 -9.67
N ASP D 368 29.19 17.22 -9.37
CA ASP D 368 29.73 16.30 -10.37
C ASP D 368 28.78 15.12 -10.35
N PRO D 370 27.83 11.23 -12.05
CA PRO D 370 28.38 10.11 -12.81
C PRO D 370 28.47 10.31 -14.32
N GLY D 371 29.69 10.33 -14.84
CA GLY D 371 29.93 10.42 -16.28
C GLY D 371 29.46 11.63 -17.09
N TYR D 372 29.41 12.82 -16.46
CA TYR D 372 28.99 14.05 -17.18
C TYR D 372 30.14 15.01 -17.58
N THR D 373 31.28 14.98 -16.87
CA THR D 373 32.46 15.91 -17.08
C THR D 373 32.17 17.37 -16.71
N ASP D 374 31.11 17.93 -17.27
CA ASP D 374 30.62 19.23 -16.85
C ASP D 374 29.80 19.00 -15.59
N GLN D 375 29.83 19.97 -14.67
CA GLN D 375 28.97 19.86 -13.50
C GLN D 375 27.54 20.12 -13.94
N VAL D 376 26.60 19.71 -13.10
CA VAL D 376 25.18 19.88 -13.37
CA VAL D 376 25.17 19.87 -13.36
C VAL D 376 24.50 20.49 -12.14
N ILE D 377 23.42 21.23 -12.37
CA ILE D 377 22.64 21.82 -11.30
C ILE D 377 21.20 21.37 -11.56
N ALA D 379 17.07 21.38 -9.85
CA ALA D 379 16.07 21.80 -8.88
C ALA D 379 15.01 20.73 -9.00
N ALA D 380 14.70 20.09 -7.89
CA ALA D 380 13.70 19.07 -7.88
C ALA D 380 13.18 18.96 -6.46
N GLY D 381 11.87 18.84 -6.31
CA GLY D 381 11.24 18.71 -5.01
C GLY D 381 9.85 18.21 -5.33
N ALA D 382 9.73 16.91 -5.53
CA ALA D 382 8.49 16.30 -6.00
C ALA D 382 7.81 15.32 -5.05
N PHE D 383 6.49 15.15 -5.24
CA PHE D 383 5.77 14.11 -4.50
C PHE D 383 6.22 12.71 -4.99
N ILE D 384 6.50 12.58 -6.29
CA ILE D 384 6.91 11.31 -6.93
C ILE D 384 8.35 11.55 -7.42
N GLN D 385 9.30 10.82 -6.84
CA GLN D 385 10.72 11.07 -7.10
C GLN D 385 11.12 10.98 -8.57
N GLY D 386 11.65 12.08 -9.12
CA GLY D 386 12.07 12.14 -10.51
C GLY D 386 10.98 12.51 -11.49
N SER D 387 9.79 12.82 -10.98
CA SER D 387 8.71 13.12 -11.85
C SER D 387 9.04 14.37 -12.67
N SER D 388 8.80 14.28 -13.97
CA SER D 388 9.06 15.38 -14.89
C SER D 388 7.86 16.24 -15.03
N ILE D 389 6.71 15.78 -14.53
CA ILE D 389 5.47 16.56 -14.67
C ILE D 389 5.31 17.54 -13.52
N GLU D 390 6.12 17.36 -12.47
CA GLU D 390 6.20 18.28 -11.35
C GLU D 390 7.28 19.29 -11.62
N LEU D 391 7.06 20.54 -11.24
CA LEU D 391 8.00 21.63 -11.49
C LEU D 391 9.46 21.26 -11.14
N SER D 392 10.34 21.42 -12.11
CA SER D 392 11.73 21.08 -11.91
C SER D 392 12.57 21.80 -12.94
N ALA D 393 13.87 21.85 -12.70
CA ALA D 393 14.77 22.49 -13.64
C ALA D 393 16.11 21.79 -13.59
N ASP D 394 16.81 21.77 -14.73
CA ASP D 394 18.17 21.23 -14.75
C ASP D 394 19.03 21.97 -15.80
N ALA D 395 20.34 21.99 -15.57
CA ALA D 395 21.25 22.65 -16.53
C ALA D 395 22.67 22.13 -16.40
N PRO D 396 23.33 21.85 -17.53
CA PRO D 396 24.76 21.59 -17.43
C PRO D 396 25.46 22.91 -17.20
N ILE D 397 26.53 22.93 -16.41
CA ILE D 397 27.23 24.17 -16.11
C ILE D 397 28.30 24.37 -17.18
N ARG D 398 27.88 24.88 -18.33
CA ARG D 398 28.76 25.17 -19.45
C ARG D 398 28.18 26.28 -20.34
N GLU D 399 29.02 26.81 -21.22
CA GLU D 399 28.59 27.86 -22.13
C GLU D 399 27.53 27.29 -23.06
N PRO D 400 26.50 28.08 -23.39
CA PRO D 400 26.18 29.45 -22.99
C PRO D 400 25.17 29.52 -21.79
N TYR D 401 25.20 28.52 -20.90
CA TYR D 401 24.41 28.49 -19.68
C TYR D 401 22.91 28.47 -19.91
N ILE D 402 22.49 27.37 -20.48
CA ILE D 402 21.09 27.12 -20.79
C ILE D 402 20.45 26.27 -19.72
N ALA D 403 19.25 26.65 -19.28
CA ALA D 403 18.49 25.89 -18.29
C ALA D 403 17.27 25.29 -18.96
N TYR D 404 16.83 24.13 -18.46
CA TYR D 404 15.69 23.41 -18.98
C TYR D 404 14.70 23.30 -17.83
N LEU D 405 13.49 23.81 -18.03
CA LEU D 405 12.50 23.86 -17.01
C LEU D 405 11.32 23.06 -17.50
N GLN D 406 10.72 22.26 -16.62
CA GLN D 406 9.53 21.51 -17.02
C GLN D 406 8.67 21.19 -15.83
N GLY D 407 7.39 20.96 -16.13
CA GLY D 407 6.43 20.52 -15.15
C GLY D 407 5.67 21.62 -14.46
N GLY D 408 4.76 21.19 -13.61
CA GLY D 408 3.90 22.05 -12.80
C GLY D 408 2.56 21.34 -12.73
N LEU D 409 2.29 20.72 -11.58
CA LEU D 409 1.04 20.01 -11.34
C LEU D 409 -0.12 20.93 -11.58
N THR D 410 0.05 22.22 -11.22
CA THR D 410 -0.90 23.24 -11.55
C THR D 410 -0.17 24.43 -12.15
N PHE D 411 -0.86 25.19 -12.98
CA PHE D 411 -0.30 26.39 -13.58
C PHE D 411 0.08 27.41 -12.50
N ASP D 412 -0.75 27.54 -11.49
CA ASP D 412 -0.46 28.47 -10.40
C ASP D 412 0.87 28.12 -9.73
N HIS D 413 1.15 26.84 -9.53
CA HIS D 413 2.42 26.47 -8.91
C HIS D 413 3.59 26.81 -9.83
N ALA D 414 3.50 26.46 -11.13
CA ALA D 414 4.59 26.74 -12.03
C ALA D 414 4.83 28.25 -12.06
N LYS D 415 3.74 29.01 -12.16
CA LYS D 415 3.80 30.49 -12.17
C LYS D 415 4.55 31.03 -10.94
N ILE D 416 4.17 30.52 -9.77
CA ILE D 416 4.78 30.96 -8.51
C ILE D 416 6.29 30.70 -8.50
N GLY D 417 6.72 29.51 -8.90
CA GLY D 417 8.15 29.20 -8.94
C GLY D 417 8.89 30.07 -9.95
N ILE D 418 8.27 30.28 -11.09
CA ILE D 418 8.85 31.13 -12.14
C ILE D 418 9.08 32.55 -11.59
N LEU D 419 8.10 33.09 -10.88
CA LEU D 419 8.18 34.46 -10.31
C LEU D 419 9.27 34.55 -9.23
N ILE D 420 9.36 33.52 -8.38
CA ILE D 420 10.40 33.47 -7.37
C ILE D 420 11.78 33.43 -8.05
N ALA D 421 11.94 32.54 -9.03
CA ALA D 421 13.24 32.38 -9.73
C ALA D 421 13.66 33.66 -10.46
N LEU D 422 12.73 34.24 -11.20
CA LEU D 422 13.04 35.45 -11.96
C LEU D 422 13.43 36.60 -11.06
N SER D 423 12.74 36.73 -9.93
CA SER D 423 13.07 37.77 -8.96
C SER D 423 14.49 37.65 -8.37
N ARG D 424 15.10 36.48 -8.49
CA ARG D 424 16.47 36.33 -8.05
C ARG D 424 17.48 36.95 -9.00
N ILE D 425 17.07 37.25 -10.23
CA ILE D 425 17.99 37.80 -11.23
C ILE D 425 17.53 39.09 -11.94
N VAL D 426 16.25 39.45 -11.79
CA VAL D 426 15.71 40.68 -12.34
C VAL D 426 15.05 41.48 -11.23
N LYS D 427 15.39 42.76 -11.13
CA LYS D 427 14.84 43.63 -10.07
C LYS D 427 14.61 45.03 -10.56
#